data_2KVC
#
_entry.id   2KVC
#
_entity_poly.entity_id   1
_entity_poly.type   'polypeptide(L)'
_entity_poly.pdbx_seq_one_letter_code
;GSHMNRFLTSIVAWLRAGYPEGIPPTDSFAVLALLCRRLSHDEVKAVANELMRLGDFDQIDIGVVITHFTDELPSPEDVE
RVRARLAAQGWPLDDVRDREEHA
;
_entity_poly.pdbx_strand_id   A
#
# COMPACT_ATOMS: atom_id res chain seq x y z
N GLY A 1 3.93 8.24 -24.01
CA GLY A 1 5.02 8.70 -23.11
C GLY A 1 4.88 8.12 -21.72
N SER A 2 5.20 6.84 -21.59
CA SER A 2 5.05 6.15 -20.32
C SER A 2 6.41 5.94 -19.65
N HIS A 3 6.48 6.25 -18.36
CA HIS A 3 7.71 6.05 -17.59
C HIS A 3 7.41 5.18 -16.37
N MET A 4 8.15 4.08 -16.24
CA MET A 4 7.87 3.08 -15.22
C MET A 4 8.24 3.56 -13.81
N ASN A 5 9.37 4.23 -13.69
CA ASN A 5 9.85 4.66 -12.37
C ASN A 5 8.90 5.68 -11.74
N ARG A 6 8.34 6.54 -12.58
CA ARG A 6 7.42 7.59 -12.10
C ARG A 6 6.21 6.98 -11.41
N PHE A 7 5.79 5.81 -11.90
CA PHE A 7 4.65 5.11 -11.31
C PHE A 7 4.95 4.76 -9.85
N LEU A 8 6.12 4.20 -9.61
CA LEU A 8 6.53 3.83 -8.26
C LEU A 8 6.59 5.06 -7.37
N THR A 9 7.12 6.15 -7.92
CA THR A 9 7.23 7.40 -7.20
C THR A 9 5.85 7.90 -6.74
N SER A 10 4.87 7.85 -7.64
CA SER A 10 3.52 8.27 -7.31
C SER A 10 2.86 7.32 -6.31
N ILE A 11 3.19 6.04 -6.39
CA ILE A 11 2.69 5.07 -5.42
C ILE A 11 3.22 5.41 -4.02
N VAL A 12 4.52 5.62 -3.93
CA VAL A 12 5.17 6.06 -2.69
C VAL A 12 4.48 7.30 -2.14
N ALA A 13 4.26 8.28 -3.01
CA ALA A 13 3.61 9.52 -2.63
C ALA A 13 2.21 9.28 -2.07
N TRP A 14 1.42 8.49 -2.78
CA TRP A 14 0.06 8.15 -2.34
C TRP A 14 0.08 7.50 -0.96
N LEU A 15 0.91 6.47 -0.82
CA LEU A 15 0.99 5.72 0.42
C LEU A 15 1.32 6.63 1.61
N ARG A 16 2.39 7.41 1.47
CA ARG A 16 2.80 8.28 2.56
C ARG A 16 1.84 9.46 2.73
N ALA A 17 1.18 9.86 1.65
CA ALA A 17 0.16 10.90 1.74
C ALA A 17 -1.00 10.44 2.61
N GLY A 18 -1.30 9.14 2.52
CA GLY A 18 -2.30 8.55 3.39
C GLY A 18 -1.94 8.65 4.86
N TYR A 19 -0.64 8.66 5.15
CA TYR A 19 -0.17 8.75 6.54
C TYR A 19 1.02 9.71 6.65
N PRO A 20 0.75 11.01 6.67
CA PRO A 20 1.80 12.03 6.82
C PRO A 20 2.38 12.04 8.22
N GLU A 21 1.84 11.17 9.06
CA GLU A 21 2.27 11.03 10.43
C GLU A 21 3.05 9.74 10.61
N GLY A 22 3.19 9.00 9.51
CA GLY A 22 3.85 7.71 9.56
C GLY A 22 2.88 6.59 9.84
N ILE A 23 3.01 5.49 9.10
CA ILE A 23 2.12 4.35 9.27
C ILE A 23 2.55 3.53 10.49
N PRO A 24 1.62 3.27 11.42
CA PRO A 24 1.86 2.37 12.52
C PRO A 24 1.83 0.90 12.07
N PRO A 25 2.70 0.05 12.67
CA PRO A 25 2.94 -1.33 12.23
C PRO A 25 1.68 -2.17 12.02
N THR A 26 0.62 -1.82 12.72
CA THR A 26 -0.63 -2.55 12.63
C THR A 26 -1.26 -2.41 11.25
N ASP A 27 -1.43 -1.17 10.79
CA ASP A 27 -2.03 -0.92 9.49
C ASP A 27 -0.99 -0.90 8.38
N SER A 28 0.28 -1.04 8.73
CA SER A 28 1.31 -1.28 7.72
C SER A 28 1.03 -2.62 7.03
N PHE A 29 0.58 -3.59 7.82
CA PHE A 29 0.17 -4.89 7.30
C PHE A 29 -1.11 -4.73 6.48
N ALA A 30 -1.93 -3.77 6.89
CA ALA A 30 -3.13 -3.44 6.15
C ALA A 30 -2.76 -2.86 4.79
N VAL A 31 -1.76 -1.97 4.79
CA VAL A 31 -1.25 -1.40 3.55
C VAL A 31 -0.78 -2.50 2.61
N LEU A 32 0.05 -3.41 3.12
CA LEU A 32 0.56 -4.50 2.29
C LEU A 32 -0.59 -5.36 1.76
N ALA A 33 -1.59 -5.61 2.61
CA ALA A 33 -2.73 -6.43 2.22
C ALA A 33 -3.51 -5.79 1.07
N LEU A 34 -3.70 -4.48 1.15
CA LEU A 34 -4.40 -3.74 0.11
C LEU A 34 -3.56 -3.65 -1.17
N LEU A 35 -2.30 -3.26 -1.01
CA LEU A 35 -1.41 -3.04 -2.15
C LEU A 35 -1.15 -4.32 -2.94
N CYS A 36 -1.11 -5.46 -2.24
CA CYS A 36 -0.84 -6.75 -2.88
C CYS A 36 -1.95 -7.12 -3.87
N ARG A 37 -3.08 -6.43 -3.79
CA ARG A 37 -4.21 -6.70 -4.68
C ARG A 37 -3.96 -6.08 -6.04
N ARG A 38 -3.11 -5.06 -6.08
CA ARG A 38 -2.77 -4.38 -7.32
C ARG A 38 -1.38 -4.77 -7.79
N LEU A 39 -0.43 -4.78 -6.87
CA LEU A 39 0.97 -5.04 -7.22
C LEU A 39 1.42 -6.38 -6.68
N SER A 40 2.38 -6.99 -7.36
CA SER A 40 2.97 -8.25 -6.93
C SER A 40 3.71 -8.08 -5.60
N HIS A 41 3.90 -9.17 -4.87
CA HIS A 41 4.55 -9.11 -3.56
C HIS A 41 5.99 -8.60 -3.66
N ASP A 42 6.66 -8.84 -4.78
CA ASP A 42 8.01 -8.32 -4.96
C ASP A 42 7.96 -6.83 -5.25
N GLU A 43 6.91 -6.40 -5.92
CA GLU A 43 6.74 -4.99 -6.25
C GLU A 43 6.47 -4.20 -4.97
N VAL A 44 5.56 -4.70 -4.14
CA VAL A 44 5.25 -4.07 -2.87
C VAL A 44 6.44 -4.19 -1.91
N LYS A 45 7.18 -5.29 -2.01
CA LYS A 45 8.41 -5.44 -1.23
C LYS A 45 9.41 -4.35 -1.59
N ALA A 46 9.52 -4.06 -2.88
CA ALA A 46 10.43 -3.03 -3.36
C ALA A 46 10.00 -1.65 -2.90
N VAL A 47 8.73 -1.30 -3.12
CA VAL A 47 8.22 0.01 -2.76
C VAL A 47 8.23 0.21 -1.25
N ALA A 48 7.99 -0.85 -0.49
CA ALA A 48 8.05 -0.77 0.96
C ALA A 48 9.48 -0.51 1.42
N ASN A 49 10.41 -1.23 0.80
CA ASN A 49 11.84 -1.08 1.10
C ASN A 49 12.28 0.37 0.88
N GLU A 50 11.96 0.92 -0.29
CA GLU A 50 12.40 2.27 -0.62
C GLU A 50 11.65 3.31 0.19
N LEU A 51 10.40 3.01 0.55
CA LEU A 51 9.59 3.93 1.34
C LEU A 51 10.12 3.97 2.78
N MET A 52 10.53 2.81 3.30
CA MET A 52 11.13 2.75 4.63
C MET A 52 12.46 3.49 4.64
N ARG A 53 13.19 3.39 3.54
CA ARG A 53 14.43 4.13 3.37
C ARG A 53 14.16 5.63 3.27
N LEU A 54 13.06 5.97 2.61
CA LEU A 54 12.68 7.38 2.44
C LEU A 54 12.31 7.98 3.79
N GLY A 55 11.73 7.16 4.67
CA GLY A 55 11.45 7.60 6.01
C GLY A 55 9.98 7.58 6.36
N ASP A 56 9.12 7.64 5.35
CA ASP A 56 7.68 7.73 5.56
C ASP A 56 7.04 6.36 5.76
N PHE A 57 7.69 5.52 6.55
CA PHE A 57 7.20 4.19 6.88
C PHE A 57 7.85 3.77 8.20
N ASP A 58 7.21 2.89 8.95
CA ASP A 58 7.81 2.36 10.16
C ASP A 58 8.76 1.23 9.79
N GLN A 59 9.84 1.09 10.52
CA GLN A 59 10.89 0.14 10.17
C GLN A 59 10.56 -1.25 10.67
N ILE A 60 9.78 -1.97 9.88
CA ILE A 60 9.39 -3.34 10.17
C ILE A 60 9.73 -4.24 9.01
N ASP A 61 9.20 -5.47 9.01
CA ASP A 61 9.41 -6.39 7.91
C ASP A 61 8.12 -6.63 7.16
N ILE A 62 7.93 -5.92 6.06
CA ILE A 62 6.77 -6.12 5.21
C ILE A 62 7.03 -7.26 4.24
N GLY A 63 8.30 -7.38 3.84
CA GLY A 63 8.71 -8.41 2.90
C GLY A 63 8.41 -9.81 3.40
N VAL A 64 8.53 -9.99 4.71
CA VAL A 64 8.24 -11.28 5.32
C VAL A 64 6.75 -11.60 5.26
N VAL A 65 5.92 -10.60 5.52
CA VAL A 65 4.48 -10.81 5.60
C VAL A 65 3.86 -11.03 4.22
N ILE A 66 4.39 -10.35 3.22
CA ILE A 66 3.85 -10.45 1.86
C ILE A 66 4.28 -11.75 1.18
N THR A 67 5.37 -12.34 1.67
CA THR A 67 5.83 -13.61 1.12
C THR A 67 5.38 -14.76 2.02
N HIS A 68 5.00 -14.42 3.24
CA HIS A 68 4.51 -15.39 4.21
C HIS A 68 3.43 -14.74 5.07
N PHE A 69 2.20 -14.87 4.62
CA PHE A 69 1.06 -14.20 5.27
C PHE A 69 0.68 -14.89 6.57
N THR A 70 -0.10 -14.18 7.37
CA THR A 70 -0.66 -14.73 8.58
C THR A 70 -2.08 -15.23 8.28
N ASP A 71 -2.62 -16.07 9.17
CA ASP A 71 -3.96 -16.62 8.95
C ASP A 71 -5.02 -15.68 9.49
N GLU A 72 -4.82 -15.20 10.71
CA GLU A 72 -5.79 -14.33 11.35
C GLU A 72 -5.48 -12.86 11.07
N LEU A 73 -4.23 -12.59 10.74
CA LEU A 73 -3.79 -11.24 10.40
C LEU A 73 -3.57 -11.14 8.89
N PRO A 74 -3.57 -9.92 8.32
CA PRO A 74 -3.72 -8.66 9.07
C PRO A 74 -5.16 -8.42 9.52
N SER A 75 -5.31 -7.53 10.50
CA SER A 75 -6.62 -7.26 11.11
C SER A 75 -7.58 -6.61 10.11
N PRO A 76 -8.82 -7.13 10.06
CA PRO A 76 -9.87 -6.60 9.17
C PRO A 76 -10.21 -5.15 9.47
N GLU A 77 -10.19 -4.79 10.75
CA GLU A 77 -10.48 -3.43 11.15
C GLU A 77 -9.36 -2.49 10.71
N ASP A 78 -8.15 -3.02 10.65
CA ASP A 78 -6.99 -2.26 10.20
C ASP A 78 -7.03 -2.05 8.70
N VAL A 79 -7.37 -3.10 7.94
CA VAL A 79 -7.47 -2.96 6.49
C VAL A 79 -8.58 -1.99 6.09
N GLU A 80 -9.71 -2.10 6.76
CA GLU A 80 -10.80 -1.15 6.58
C GLU A 80 -10.36 0.27 6.99
N ARG A 81 -9.51 0.35 8.02
CA ARG A 81 -9.01 1.62 8.52
C ARG A 81 -8.16 2.31 7.46
N VAL A 82 -7.14 1.60 6.97
CA VAL A 82 -6.25 2.14 5.95
C VAL A 82 -7.04 2.43 4.67
N ARG A 83 -8.05 1.60 4.41
CA ARG A 83 -8.94 1.76 3.27
C ARG A 83 -9.66 3.11 3.35
N ALA A 84 -10.19 3.42 4.53
CA ALA A 84 -10.93 4.67 4.74
C ALA A 84 -9.99 5.87 4.65
N ARG A 85 -8.82 5.75 5.25
CA ARG A 85 -7.85 6.85 5.28
C ARG A 85 -7.30 7.15 3.88
N LEU A 86 -6.81 6.11 3.20
CA LEU A 86 -6.15 6.29 1.90
C LEU A 86 -7.11 6.74 0.83
N ALA A 87 -8.40 6.45 1.01
CA ALA A 87 -9.43 6.86 0.06
C ALA A 87 -9.47 8.38 -0.08
N ALA A 88 -9.02 9.08 0.95
CA ALA A 88 -9.04 10.53 0.97
C ALA A 88 -8.05 11.12 -0.05
N GLN A 89 -7.00 10.38 -0.34
CA GLN A 89 -5.97 10.84 -1.28
C GLN A 89 -6.19 10.24 -2.67
N GLY A 90 -7.31 9.55 -2.82
CA GLY A 90 -7.61 8.90 -4.07
C GLY A 90 -7.43 7.40 -3.97
N TRP A 91 -7.70 6.69 -5.05
CA TRP A 91 -7.61 5.24 -5.02
C TRP A 91 -7.19 4.68 -6.37
N PRO A 92 -5.88 4.68 -6.66
CA PRO A 92 -5.33 4.07 -7.87
C PRO A 92 -5.14 2.56 -7.69
N LEU A 93 -5.56 2.07 -6.53
CA LEU A 93 -5.44 0.66 -6.20
C LEU A 93 -6.42 -0.16 -7.03
N ASP A 94 -7.61 0.38 -7.20
CA ASP A 94 -8.65 -0.27 -7.99
C ASP A 94 -8.88 0.54 -9.25
N ASP A 95 -9.93 0.25 -9.99
CA ASP A 95 -10.24 0.96 -11.21
C ASP A 95 -11.59 1.65 -11.11
N VAL A 96 -11.63 2.93 -11.41
CA VAL A 96 -12.85 3.71 -11.30
C VAL A 96 -13.17 4.38 -12.64
N ARG A 97 -14.42 4.24 -13.06
CA ARG A 97 -14.90 4.91 -14.26
C ARG A 97 -15.15 6.38 -13.96
N ASP A 98 -14.74 7.27 -14.86
CA ASP A 98 -14.94 8.69 -14.67
C ASP A 98 -16.41 9.04 -14.88
N ARG A 99 -17.09 9.29 -13.79
CA ARG A 99 -18.50 9.59 -13.77
C ARG A 99 -18.85 9.91 -12.33
N GLU A 100 -19.76 10.82 -12.13
CA GLU A 100 -20.16 11.19 -10.78
C GLU A 100 -21.00 10.08 -10.17
N GLU A 101 -20.31 9.14 -9.53
CA GLU A 101 -20.97 8.02 -8.88
C GLU A 101 -21.12 8.30 -7.39
N HIS A 102 -19.98 8.41 -6.70
CA HIS A 102 -19.96 8.67 -5.27
C HIS A 102 -18.96 9.78 -4.95
N ALA A 103 -19.45 10.90 -4.46
CA ALA A 103 -18.61 11.99 -4.03
C ALA A 103 -18.73 12.21 -2.54
N GLY A 1 8.24 11.26 -19.32
CA GLY A 1 8.19 9.93 -19.96
C GLY A 1 7.89 8.84 -18.96
N SER A 2 7.07 7.88 -19.36
CA SER A 2 6.67 6.80 -18.49
C SER A 2 7.83 5.83 -18.25
N HIS A 3 8.29 5.79 -17.01
CA HIS A 3 9.30 4.83 -16.59
C HIS A 3 8.80 4.10 -15.35
N MET A 4 9.50 3.05 -14.95
CA MET A 4 9.07 2.23 -13.82
C MET A 4 9.13 3.00 -12.51
N ASN A 5 10.21 3.74 -12.33
CA ASN A 5 10.45 4.48 -11.09
C ASN A 5 9.33 5.48 -10.79
N ARG A 6 8.87 6.18 -11.81
CA ARG A 6 7.87 7.23 -11.62
C ARG A 6 6.54 6.65 -11.12
N PHE A 7 6.27 5.40 -11.49
CA PHE A 7 5.04 4.73 -11.06
C PHE A 7 5.12 4.40 -9.58
N LEU A 8 6.22 3.76 -9.19
CA LEU A 8 6.42 3.40 -7.80
C LEU A 8 6.48 4.65 -6.93
N THR A 9 7.14 5.69 -7.42
CA THR A 9 7.28 6.94 -6.69
C THR A 9 5.92 7.59 -6.43
N SER A 10 5.02 7.54 -7.42
CA SER A 10 3.70 8.13 -7.26
C SER A 10 2.85 7.29 -6.32
N ILE A 11 2.99 5.96 -6.39
CA ILE A 11 2.35 5.08 -5.42
C ILE A 11 2.83 5.42 -4.01
N VAL A 12 4.14 5.56 -3.86
CA VAL A 12 4.74 5.98 -2.60
C VAL A 12 4.19 7.32 -2.14
N ALA A 13 4.03 8.25 -3.09
CA ALA A 13 3.49 9.56 -2.80
C ALA A 13 2.09 9.44 -2.18
N TRP A 14 1.25 8.62 -2.78
CA TRP A 14 -0.08 8.35 -2.27
C TRP A 14 0.00 7.73 -0.87
N LEU A 15 0.85 6.72 -0.72
CA LEU A 15 1.01 6.03 0.55
C LEU A 15 1.49 6.98 1.65
N ARG A 16 2.50 7.78 1.34
CA ARG A 16 3.04 8.71 2.32
C ARG A 16 2.04 9.85 2.57
N ALA A 17 1.25 10.19 1.56
CA ALA A 17 0.19 11.18 1.74
C ALA A 17 -0.84 10.64 2.73
N GLY A 18 -1.03 9.33 2.70
CA GLY A 18 -1.89 8.68 3.68
C GLY A 18 -1.32 8.74 5.09
N TYR A 19 0.01 8.78 5.20
CA TYR A 19 0.66 8.79 6.50
C TYR A 19 1.92 9.66 6.49
N PRO A 20 1.76 11.00 6.56
CA PRO A 20 2.90 11.92 6.59
C PRO A 20 3.61 11.89 7.95
N GLU A 21 3.01 11.12 8.86
CA GLU A 21 3.57 10.92 10.19
C GLU A 21 4.32 9.60 10.24
N GLY A 22 4.38 8.94 9.09
CA GLY A 22 4.99 7.62 9.02
C GLY A 22 3.97 6.54 9.28
N ILE A 23 4.06 5.44 8.53
CA ILE A 23 3.13 4.34 8.70
C ILE A 23 3.49 3.52 9.93
N PRO A 24 2.59 3.46 10.92
CA PRO A 24 2.76 2.61 12.08
C PRO A 24 2.82 1.13 11.68
N PRO A 25 3.51 0.30 12.48
CA PRO A 25 3.78 -1.11 12.15
C PRO A 25 2.53 -1.93 11.89
N THR A 26 1.44 -1.59 12.56
CA THR A 26 0.20 -2.33 12.42
C THR A 26 -0.38 -2.20 11.02
N ASP A 27 -0.63 -0.96 10.60
CA ASP A 27 -1.34 -0.68 9.36
C ASP A 27 -0.43 -0.85 8.14
N SER A 28 0.83 -1.14 8.39
CA SER A 28 1.76 -1.45 7.30
C SER A 28 1.29 -2.69 6.56
N PHE A 29 0.77 -3.65 7.31
CA PHE A 29 0.30 -4.90 6.74
C PHE A 29 -1.04 -4.71 6.06
N ALA A 30 -1.80 -3.72 6.51
CA ALA A 30 -3.04 -3.35 5.85
C ALA A 30 -2.73 -2.74 4.50
N VAL A 31 -1.74 -1.85 4.46
CA VAL A 31 -1.24 -1.30 3.20
C VAL A 31 -0.84 -2.44 2.27
N LEU A 32 -0.12 -3.41 2.83
CA LEU A 32 0.24 -4.62 2.11
C LEU A 32 -1.00 -5.30 1.52
N ALA A 33 -2.03 -5.45 2.34
CA ALA A 33 -3.26 -6.12 1.91
C ALA A 33 -3.89 -5.42 0.71
N LEU A 34 -4.00 -4.11 0.78
CA LEU A 34 -4.59 -3.33 -0.31
C LEU A 34 -3.71 -3.35 -1.54
N LEU A 35 -2.41 -3.17 -1.36
CA LEU A 35 -1.48 -3.13 -2.48
C LEU A 35 -1.36 -4.50 -3.15
N CYS A 36 -1.50 -5.56 -2.36
CA CYS A 36 -1.39 -6.92 -2.88
C CYS A 36 -2.53 -7.26 -3.84
N ARG A 37 -3.59 -6.46 -3.81
CA ARG A 37 -4.70 -6.67 -4.73
C ARG A 37 -4.54 -5.79 -5.96
N ARG A 38 -3.48 -5.01 -5.98
CA ARG A 38 -3.18 -4.16 -7.12
C ARG A 38 -1.88 -4.61 -7.78
N LEU A 39 -0.89 -4.91 -6.97
CA LEU A 39 0.42 -5.33 -7.43
C LEU A 39 0.85 -6.58 -6.67
N SER A 40 1.86 -7.28 -7.16
CA SER A 40 2.28 -8.52 -6.55
C SER A 40 3.39 -8.29 -5.51
N HIS A 41 3.81 -9.39 -4.88
CA HIS A 41 4.74 -9.36 -3.74
C HIS A 41 6.05 -8.63 -4.03
N ASP A 42 6.56 -8.71 -5.25
CA ASP A 42 7.84 -8.07 -5.55
C ASP A 42 7.64 -6.56 -5.69
N GLU A 43 6.50 -6.17 -6.23
CA GLU A 43 6.16 -4.75 -6.36
C GLU A 43 5.97 -4.12 -4.98
N VAL A 44 5.23 -4.81 -4.11
CA VAL A 44 5.02 -4.31 -2.76
C VAL A 44 6.32 -4.35 -1.96
N LYS A 45 7.16 -5.34 -2.26
CA LYS A 45 8.50 -5.41 -1.70
C LYS A 45 9.32 -4.19 -2.10
N ALA A 46 9.18 -3.78 -3.36
CA ALA A 46 9.90 -2.62 -3.87
C ALA A 46 9.38 -1.32 -3.25
N VAL A 47 8.06 -1.15 -3.21
CA VAL A 47 7.46 0.07 -2.68
C VAL A 47 7.72 0.20 -1.18
N ALA A 48 7.76 -0.93 -0.47
CA ALA A 48 8.07 -0.91 0.95
C ALA A 48 9.51 -0.48 1.17
N ASN A 49 10.42 -1.05 0.37
CA ASN A 49 11.83 -0.70 0.42
C ASN A 49 12.03 0.80 0.15
N GLU A 50 11.35 1.29 -0.88
CA GLU A 50 11.44 2.70 -1.26
C GLU A 50 10.92 3.59 -0.15
N LEU A 51 9.74 3.26 0.34
CA LEU A 51 9.06 4.07 1.33
C LEU A 51 9.84 4.10 2.64
N MET A 52 10.49 2.98 2.97
CA MET A 52 11.36 2.91 4.14
C MET A 52 12.57 3.82 3.95
N ARG A 53 13.05 3.89 2.72
CA ARG A 53 14.23 4.68 2.37
C ARG A 53 13.96 6.17 2.59
N LEU A 54 12.70 6.57 2.43
CA LEU A 54 12.30 7.95 2.61
C LEU A 54 12.08 8.28 4.09
N GLY A 55 11.99 7.25 4.92
CA GLY A 55 11.86 7.46 6.34
C GLY A 55 10.42 7.64 6.81
N ASP A 56 9.47 7.21 5.99
CA ASP A 56 8.06 7.32 6.36
C ASP A 56 7.46 5.94 6.59
N PHE A 57 8.33 4.97 6.80
CA PHE A 57 7.91 3.61 7.06
C PHE A 57 8.67 3.08 8.26
N ASP A 58 7.97 2.46 9.20
CA ASP A 58 8.61 1.94 10.41
C ASP A 58 9.47 0.73 10.06
N GLN A 59 10.60 0.60 10.73
CA GLN A 59 11.54 -0.47 10.45
C GLN A 59 11.11 -1.77 11.11
N ILE A 60 10.21 -2.48 10.43
CA ILE A 60 9.67 -3.73 10.92
C ILE A 60 9.93 -4.86 9.95
N ASP A 61 9.49 -6.06 10.29
CA ASP A 61 9.66 -7.21 9.42
C ASP A 61 8.60 -7.20 8.31
N ILE A 62 8.93 -6.52 7.24
CA ILE A 62 8.03 -6.43 6.10
C ILE A 62 8.21 -7.65 5.19
N GLY A 63 9.47 -8.04 4.98
CA GLY A 63 9.76 -9.14 4.10
C GLY A 63 9.10 -10.43 4.53
N VAL A 64 8.85 -10.57 5.82
CA VAL A 64 8.21 -11.74 6.37
C VAL A 64 6.73 -11.78 6.01
N VAL A 65 6.02 -10.71 6.36
CA VAL A 65 4.56 -10.71 6.24
C VAL A 65 4.08 -10.57 4.80
N ILE A 66 4.81 -9.82 3.98
CA ILE A 66 4.38 -9.58 2.60
C ILE A 66 4.48 -10.84 1.75
N THR A 67 5.41 -11.71 2.09
CA THR A 67 5.57 -12.95 1.35
C THR A 67 4.90 -14.11 2.08
N HIS A 68 4.73 -13.95 3.38
CA HIS A 68 4.10 -14.96 4.21
C HIS A 68 3.04 -14.31 5.08
N PHE A 69 1.84 -14.18 4.52
CA PHE A 69 0.72 -13.57 5.22
C PHE A 69 0.42 -14.33 6.52
N THR A 70 0.27 -13.59 7.60
CA THR A 70 0.07 -14.18 8.91
C THR A 70 -1.40 -14.49 9.14
N ASP A 71 -1.68 -15.37 10.11
CA ASP A 71 -3.04 -15.81 10.40
C ASP A 71 -3.92 -14.63 10.80
N GLU A 72 -3.36 -13.69 11.54
CA GLU A 72 -4.12 -12.56 12.08
C GLU A 72 -3.62 -11.24 11.51
N LEU A 73 -2.60 -11.32 10.66
CA LEU A 73 -1.99 -10.12 10.10
C LEU A 73 -1.94 -10.21 8.59
N PRO A 74 -2.57 -9.24 7.89
CA PRO A 74 -3.26 -8.11 8.51
C PRO A 74 -4.68 -8.47 8.97
N SER A 75 -5.19 -7.68 9.91
CA SER A 75 -6.54 -7.89 10.42
C SER A 75 -7.56 -7.14 9.57
N PRO A 76 -8.77 -7.70 9.40
CA PRO A 76 -9.83 -7.08 8.59
C PRO A 76 -10.11 -5.62 8.98
N GLU A 77 -10.25 -5.35 10.28
CA GLU A 77 -10.48 -3.98 10.75
C GLU A 77 -9.34 -3.07 10.33
N ASP A 78 -8.12 -3.60 10.40
CA ASP A 78 -6.92 -2.83 10.07
C ASP A 78 -6.92 -2.48 8.58
N VAL A 79 -7.33 -3.45 7.77
CA VAL A 79 -7.48 -3.25 6.33
C VAL A 79 -8.51 -2.15 6.04
N GLU A 80 -9.63 -2.20 6.74
CA GLU A 80 -10.68 -1.20 6.59
C GLU A 80 -10.17 0.17 7.02
N ARG A 81 -9.42 0.17 8.12
CA ARG A 81 -8.75 1.38 8.62
C ARG A 81 -7.91 2.04 7.53
N VAL A 82 -6.96 1.29 6.96
CA VAL A 82 -6.06 1.85 5.97
C VAL A 82 -6.83 2.25 4.71
N ARG A 83 -7.88 1.51 4.37
CA ARG A 83 -8.70 1.86 3.22
C ARG A 83 -9.31 3.24 3.41
N ALA A 84 -9.98 3.45 4.54
CA ALA A 84 -10.64 4.71 4.83
C ALA A 84 -9.62 5.86 4.87
N ARG A 85 -8.46 5.58 5.45
CA ARG A 85 -7.40 6.58 5.56
C ARG A 85 -6.81 6.95 4.19
N LEU A 86 -6.64 5.96 3.33
CA LEU A 86 -5.98 6.18 2.04
C LEU A 86 -6.95 6.60 0.94
N ALA A 87 -8.23 6.24 1.10
CA ALA A 87 -9.24 6.54 0.09
C ALA A 87 -9.45 8.04 -0.09
N ALA A 88 -9.13 8.79 0.96
CA ALA A 88 -9.31 10.24 0.92
C ALA A 88 -8.38 10.89 -0.10
N GLN A 89 -7.31 10.20 -0.44
CA GLN A 89 -6.30 10.73 -1.36
C GLN A 89 -6.62 10.38 -2.81
N GLY A 90 -7.89 10.14 -3.09
CA GLY A 90 -8.31 9.86 -4.45
C GLY A 90 -8.53 8.39 -4.70
N TRP A 91 -7.60 7.58 -4.22
CA TRP A 91 -7.68 6.11 -4.32
C TRP A 91 -7.61 5.65 -5.78
N PRO A 92 -6.40 5.29 -6.24
CA PRO A 92 -6.19 4.82 -7.61
C PRO A 92 -6.37 3.31 -7.75
N LEU A 93 -6.79 2.65 -6.68
CA LEU A 93 -6.97 1.21 -6.68
C LEU A 93 -8.39 0.84 -7.09
N ASP A 94 -8.82 1.38 -8.22
CA ASP A 94 -10.12 1.06 -8.78
C ASP A 94 -10.05 1.14 -10.30
N ASP A 95 -10.01 -0.02 -10.92
CA ASP A 95 -9.92 -0.10 -12.37
C ASP A 95 -11.26 -0.47 -12.98
N VAL A 96 -11.28 -0.62 -14.30
CA VAL A 96 -12.51 -0.91 -15.03
C VAL A 96 -13.17 -2.21 -14.53
N ARG A 97 -14.28 -2.06 -13.85
CA ARG A 97 -15.02 -3.20 -13.31
C ARG A 97 -16.14 -3.61 -14.26
N ASP A 98 -16.29 -2.86 -15.34
CA ASP A 98 -17.28 -3.19 -16.36
C ASP A 98 -16.83 -4.42 -17.13
N ARG A 99 -17.41 -5.56 -16.77
CA ARG A 99 -17.03 -6.83 -17.34
C ARG A 99 -18.01 -7.22 -18.45
N GLU A 100 -19.17 -6.57 -18.43
CA GLU A 100 -20.28 -6.90 -19.32
C GLU A 100 -20.67 -8.35 -19.16
N GLU A 101 -21.35 -8.63 -18.06
CA GLU A 101 -21.70 -10.00 -17.70
C GLU A 101 -23.14 -10.29 -18.07
N HIS A 102 -24.01 -9.31 -17.86
CA HIS A 102 -25.40 -9.41 -18.28
C HIS A 102 -25.85 -8.06 -18.81
N ALA A 103 -26.20 -8.01 -20.08
CA ALA A 103 -26.62 -6.76 -20.71
C ALA A 103 -27.89 -6.98 -21.52
N GLY A 1 -3.03 8.36 -20.07
CA GLY A 1 -2.28 7.11 -19.84
C GLY A 1 -1.18 7.30 -18.81
N SER A 2 -0.62 6.21 -18.32
CA SER A 2 0.40 6.29 -17.28
C SER A 2 1.62 5.44 -17.65
N HIS A 3 2.75 5.73 -17.00
CA HIS A 3 3.96 4.94 -17.18
C HIS A 3 4.51 4.46 -15.84
N MET A 4 5.29 3.38 -15.88
CA MET A 4 5.72 2.69 -14.66
C MET A 4 6.49 3.59 -13.69
N ASN A 5 7.48 4.32 -14.19
CA ASN A 5 8.33 5.12 -13.31
C ASN A 5 7.53 6.19 -12.58
N ARG A 6 6.60 6.82 -13.29
CA ARG A 6 5.74 7.82 -12.68
C ARG A 6 4.75 7.17 -11.72
N PHE A 7 4.20 6.04 -12.12
CA PHE A 7 3.22 5.32 -11.32
C PHE A 7 3.81 4.91 -9.98
N LEU A 8 5.00 4.29 -10.02
CA LEU A 8 5.67 3.85 -8.80
C LEU A 8 5.95 5.03 -7.88
N THR A 9 6.44 6.12 -8.45
CA THR A 9 6.70 7.33 -7.68
C THR A 9 5.41 7.87 -7.07
N SER A 10 4.33 7.80 -7.84
CA SER A 10 3.02 8.25 -7.36
C SER A 10 2.54 7.35 -6.22
N ILE A 11 2.83 6.06 -6.32
CA ILE A 11 2.49 5.11 -5.27
C ILE A 11 3.20 5.47 -3.96
N VAL A 12 4.52 5.70 -4.06
CA VAL A 12 5.31 6.12 -2.91
C VAL A 12 4.70 7.37 -2.27
N ALA A 13 4.44 8.38 -3.10
CA ALA A 13 3.84 9.62 -2.64
C ALA A 13 2.48 9.36 -1.99
N TRP A 14 1.68 8.52 -2.62
CA TRP A 14 0.37 8.16 -2.11
C TRP A 14 0.48 7.52 -0.71
N LEU A 15 1.35 6.53 -0.61
CA LEU A 15 1.50 5.78 0.64
C LEU A 15 1.93 6.69 1.78
N ARG A 16 2.96 7.50 1.55
CA ARG A 16 3.46 8.38 2.59
C ARG A 16 2.45 9.50 2.89
N ALA A 17 1.72 9.95 1.86
CA ALA A 17 0.71 10.99 2.05
C ALA A 17 -0.45 10.45 2.88
N GLY A 18 -0.69 9.15 2.77
CA GLY A 18 -1.70 8.50 3.58
C GLY A 18 -1.34 8.50 5.05
N TYR A 19 -0.05 8.51 5.35
CA TYR A 19 0.42 8.49 6.73
C TYR A 19 1.71 9.28 6.91
N PRO A 20 1.59 10.61 7.06
CA PRO A 20 2.75 11.50 7.26
C PRO A 20 3.44 11.21 8.58
N GLU A 21 2.72 10.54 9.47
CA GLU A 21 3.24 10.14 10.77
C GLU A 21 4.16 8.94 10.61
N GLY A 22 4.15 8.35 9.43
CA GLY A 22 4.80 7.08 9.20
C GLY A 22 3.81 5.95 9.42
N ILE A 23 3.67 5.08 8.43
CA ILE A 23 2.70 4.00 8.50
C ILE A 23 2.95 3.13 9.73
N PRO A 24 2.02 3.18 10.71
CA PRO A 24 2.16 2.45 11.97
C PRO A 24 2.15 0.93 11.77
N PRO A 25 2.78 0.19 12.70
CA PRO A 25 2.86 -1.28 12.64
C PRO A 25 1.49 -1.94 12.48
N THR A 26 0.48 -1.32 13.08
CA THR A 26 -0.88 -1.82 12.97
C THR A 26 -1.36 -1.80 11.52
N ASP A 27 -1.13 -0.67 10.86
CA ASP A 27 -1.62 -0.45 9.51
C ASP A 27 -0.69 -1.06 8.48
N SER A 28 0.51 -1.42 8.90
CA SER A 28 1.49 -2.00 8.00
C SER A 28 0.92 -3.23 7.30
N PHE A 29 0.30 -4.11 8.08
CA PHE A 29 -0.31 -5.32 7.55
C PHE A 29 -1.49 -4.98 6.65
N ALA A 30 -2.26 -3.98 7.04
CA ALA A 30 -3.39 -3.52 6.25
C ALA A 30 -2.92 -2.93 4.92
N VAL A 31 -1.88 -2.11 4.97
CA VAL A 31 -1.30 -1.51 3.78
C VAL A 31 -0.84 -2.59 2.81
N LEU A 32 -0.06 -3.54 3.31
CA LEU A 32 0.46 -4.60 2.47
C LEU A 32 -0.67 -5.45 1.88
N ALA A 33 -1.72 -5.68 2.68
CA ALA A 33 -2.87 -6.43 2.21
C ALA A 33 -3.59 -5.69 1.10
N LEU A 34 -3.76 -4.38 1.28
CA LEU A 34 -4.42 -3.55 0.29
C LEU A 34 -3.57 -3.45 -0.97
N LEU A 35 -2.30 -3.13 -0.80
CA LEU A 35 -1.38 -2.95 -1.91
C LEU A 35 -1.19 -4.22 -2.72
N CYS A 36 -1.19 -5.37 -2.04
CA CYS A 36 -0.99 -6.66 -2.70
C CYS A 36 -2.05 -6.92 -3.78
N ARG A 37 -3.20 -6.28 -3.64
CA ARG A 37 -4.29 -6.47 -4.60
C ARG A 37 -4.15 -5.54 -5.79
N ARG A 38 -3.14 -4.67 -5.75
CA ARG A 38 -2.84 -3.79 -6.86
C ARG A 38 -1.49 -4.16 -7.46
N LEU A 39 -0.51 -4.30 -6.60
CA LEU A 39 0.82 -4.72 -7.00
C LEU A 39 1.20 -5.94 -6.19
N SER A 40 1.96 -6.82 -6.79
CA SER A 40 2.28 -8.09 -6.15
C SER A 40 3.31 -7.91 -5.03
N HIS A 41 3.61 -8.99 -4.31
CA HIS A 41 4.38 -8.87 -3.07
C HIS A 41 5.83 -8.44 -3.31
N ASP A 42 6.35 -8.65 -4.51
CA ASP A 42 7.70 -8.19 -4.81
C ASP A 42 7.70 -6.69 -5.05
N GLU A 43 6.67 -6.22 -5.75
CA GLU A 43 6.48 -4.79 -5.97
C GLU A 43 6.37 -4.06 -4.64
N VAL A 44 5.48 -4.55 -3.78
CA VAL A 44 5.28 -3.94 -2.47
C VAL A 44 6.53 -4.11 -1.59
N LYS A 45 7.24 -5.22 -1.76
CA LYS A 45 8.51 -5.42 -1.07
C LYS A 45 9.49 -4.32 -1.44
N ALA A 46 9.55 -4.00 -2.73
CA ALA A 46 10.48 -2.99 -3.22
C ALA A 46 10.11 -1.60 -2.72
N VAL A 47 8.85 -1.21 -2.90
CA VAL A 47 8.40 0.13 -2.52
C VAL A 47 8.50 0.33 -1.00
N ALA A 48 8.17 -0.69 -0.23
CA ALA A 48 8.28 -0.60 1.22
C ALA A 48 9.74 -0.47 1.63
N ASN A 49 10.58 -1.28 1.00
CA ASN A 49 12.01 -1.26 1.29
C ASN A 49 12.63 0.10 0.99
N GLU A 50 12.29 0.68 -0.16
CA GLU A 50 12.87 1.96 -0.54
C GLU A 50 12.28 3.10 0.28
N LEU A 51 11.02 2.98 0.66
CA LEU A 51 10.39 4.02 1.46
C LEU A 51 10.97 4.02 2.88
N MET A 52 11.26 2.83 3.40
CA MET A 52 11.94 2.70 4.70
C MET A 52 13.38 3.17 4.56
N ARG A 53 13.99 2.82 3.44
CA ARG A 53 15.34 3.26 3.10
C ARG A 53 15.42 4.79 3.01
N LEU A 54 14.33 5.39 2.53
CA LEU A 54 14.22 6.85 2.48
C LEU A 54 14.10 7.42 3.89
N GLY A 55 13.52 6.64 4.79
CA GLY A 55 13.40 7.05 6.18
C GLY A 55 12.06 7.67 6.50
N ASP A 56 11.11 7.55 5.58
CA ASP A 56 9.81 8.19 5.75
C ASP A 56 8.77 7.16 6.20
N PHE A 57 9.26 6.01 6.64
CA PHE A 57 8.39 4.91 7.06
C PHE A 57 8.69 4.57 8.51
N ASP A 58 7.74 3.94 9.19
CA ASP A 58 7.95 3.48 10.55
C ASP A 58 8.92 2.29 10.53
N GLN A 59 9.50 1.96 11.67
CA GLN A 59 10.50 0.91 11.72
C GLN A 59 9.89 -0.44 12.06
N ILE A 60 9.38 -1.12 11.04
CA ILE A 60 8.86 -2.48 11.17
C ILE A 60 9.33 -3.32 9.99
N ASP A 61 8.91 -4.58 9.93
CA ASP A 61 9.28 -5.44 8.82
C ASP A 61 8.05 -5.76 7.96
N ILE A 62 8.08 -5.36 6.71
CA ILE A 62 7.01 -5.66 5.78
C ILE A 62 7.34 -6.92 4.98
N GLY A 63 8.63 -7.10 4.73
CA GLY A 63 9.09 -8.22 3.91
C GLY A 63 8.65 -9.56 4.46
N VAL A 64 8.80 -9.76 5.76
CA VAL A 64 8.42 -11.00 6.41
C VAL A 64 6.94 -11.32 6.22
N VAL A 65 6.10 -10.29 6.28
CA VAL A 65 4.65 -10.50 6.21
C VAL A 65 4.20 -10.78 4.78
N ILE A 66 4.80 -10.07 3.82
CA ILE A 66 4.40 -10.22 2.42
C ILE A 66 5.01 -11.46 1.78
N THR A 67 5.96 -12.08 2.45
CA THR A 67 6.55 -13.32 1.97
C THR A 67 6.08 -14.49 2.84
N HIS A 68 5.39 -14.15 3.92
CA HIS A 68 4.84 -15.15 4.83
C HIS A 68 3.58 -14.60 5.47
N PHE A 69 2.43 -14.85 4.85
CA PHE A 69 1.17 -14.36 5.35
C PHE A 69 0.70 -15.18 6.54
N THR A 70 0.44 -14.51 7.64
CA THR A 70 0.03 -15.17 8.86
C THR A 70 -1.48 -15.38 8.89
N ASP A 71 -1.93 -16.23 9.80
CA ASP A 71 -3.36 -16.46 9.99
C ASP A 71 -3.95 -15.37 10.89
N GLU A 72 -3.11 -14.85 11.77
CA GLU A 72 -3.54 -13.84 12.73
C GLU A 72 -3.82 -12.51 12.05
N LEU A 73 -2.94 -12.12 11.14
CA LEU A 73 -3.08 -10.86 10.43
C LEU A 73 -2.77 -11.06 8.95
N PRO A 74 -3.23 -10.16 8.06
CA PRO A 74 -3.96 -8.95 8.45
C PRO A 74 -5.46 -9.20 8.67
N SER A 75 -6.22 -8.13 8.92
CA SER A 75 -7.64 -8.26 9.18
C SER A 75 -8.44 -7.37 8.21
N PRO A 76 -9.60 -7.86 7.75
CA PRO A 76 -10.47 -7.11 6.82
C PRO A 76 -10.82 -5.71 7.31
N GLU A 77 -11.26 -5.61 8.57
CA GLU A 77 -11.64 -4.32 9.15
C GLU A 77 -10.44 -3.39 9.22
N ASP A 78 -9.27 -3.98 9.40
CA ASP A 78 -8.02 -3.22 9.46
C ASP A 78 -7.75 -2.60 8.09
N VAL A 79 -7.91 -3.42 7.06
CA VAL A 79 -7.76 -2.98 5.69
C VAL A 79 -8.79 -1.90 5.34
N GLU A 80 -9.99 -2.01 5.91
CA GLU A 80 -11.02 -1.00 5.70
C GLU A 80 -10.58 0.34 6.27
N ARG A 81 -9.94 0.30 7.44
CA ARG A 81 -9.43 1.51 8.08
C ARG A 81 -8.36 2.15 7.20
N VAL A 82 -7.38 1.36 6.80
CA VAL A 82 -6.30 1.87 5.97
C VAL A 82 -6.84 2.34 4.61
N ARG A 83 -7.87 1.65 4.12
CA ARG A 83 -8.54 2.05 2.88
C ARG A 83 -9.12 3.44 3.05
N ALA A 84 -9.83 3.66 4.14
CA ALA A 84 -10.44 4.95 4.42
C ALA A 84 -9.39 6.05 4.48
N ARG A 85 -8.28 5.78 5.15
CA ARG A 85 -7.19 6.76 5.26
C ARG A 85 -6.55 7.06 3.91
N LEU A 86 -6.16 6.02 3.20
CA LEU A 86 -5.42 6.19 1.95
C LEU A 86 -6.32 6.71 0.82
N ALA A 87 -7.59 6.34 0.84
CA ALA A 87 -8.54 6.75 -0.21
C ALA A 87 -8.77 8.25 -0.17
N ALA A 88 -8.55 8.86 0.98
CA ALA A 88 -8.74 10.29 1.15
C ALA A 88 -7.76 11.09 0.30
N GLN A 89 -6.64 10.47 -0.06
CA GLN A 89 -5.64 11.12 -0.89
C GLN A 89 -5.69 10.60 -2.32
N GLY A 90 -6.64 9.72 -2.59
CA GLY A 90 -6.78 9.15 -3.92
C GLY A 90 -6.79 7.64 -3.90
N TRP A 91 -7.15 7.03 -5.03
CA TRP A 91 -7.21 5.58 -5.10
C TRP A 91 -6.78 5.11 -6.49
N PRO A 92 -5.49 4.81 -6.67
CA PRO A 92 -4.94 4.39 -7.97
C PRO A 92 -5.10 2.90 -8.25
N LEU A 93 -5.99 2.25 -7.53
CA LEU A 93 -6.24 0.82 -7.74
C LEU A 93 -7.27 0.63 -8.84
N ASP A 94 -8.25 1.50 -8.90
CA ASP A 94 -9.32 1.38 -9.88
C ASP A 94 -9.19 2.47 -10.94
N ASP A 95 -9.00 2.05 -12.18
CA ASP A 95 -8.77 2.99 -13.27
C ASP A 95 -10.04 3.16 -14.11
N VAL A 96 -10.18 4.33 -14.71
CA VAL A 96 -11.35 4.66 -15.52
C VAL A 96 -10.96 4.78 -16.99
N ARG A 97 -11.75 4.18 -17.86
CA ARG A 97 -11.46 4.19 -19.29
C ARG A 97 -11.95 5.51 -19.91
N ASP A 98 -11.24 5.97 -20.93
CA ASP A 98 -11.59 7.22 -21.59
C ASP A 98 -12.74 7.01 -22.58
N ARG A 99 -13.38 8.09 -22.97
CA ARG A 99 -14.50 8.03 -23.89
C ARG A 99 -14.25 8.95 -25.07
N GLU A 100 -14.25 10.23 -24.79
CA GLU A 100 -14.01 11.23 -25.82
C GLU A 100 -13.44 12.50 -25.20
N GLU A 101 -12.79 13.30 -26.02
CA GLU A 101 -12.22 14.56 -25.59
C GLU A 101 -12.60 15.66 -26.56
N HIS A 102 -13.14 16.75 -26.03
CA HIS A 102 -13.60 17.86 -26.87
C HIS A 102 -12.45 18.81 -27.20
N ALA A 103 -11.23 18.35 -26.93
CA ALA A 103 -10.04 19.11 -27.28
C ALA A 103 -9.36 18.48 -28.48
N GLY A 1 3.57 8.50 -23.66
CA GLY A 1 4.71 8.54 -22.71
C GLY A 1 4.35 7.90 -21.38
N SER A 2 4.38 6.58 -21.35
CA SER A 2 4.01 5.85 -20.14
C SER A 2 5.15 4.92 -19.73
N HIS A 3 5.68 5.12 -18.54
CA HIS A 3 6.78 4.30 -18.06
C HIS A 3 6.52 3.82 -16.64
N MET A 4 6.93 2.59 -16.37
CA MET A 4 6.61 1.88 -15.13
C MET A 4 7.20 2.58 -13.91
N ASN A 5 8.36 3.19 -14.09
CA ASN A 5 9.09 3.85 -12.99
C ASN A 5 8.21 4.85 -12.24
N ARG A 6 7.38 5.57 -12.97
CA ARG A 6 6.57 6.63 -12.38
C ARG A 6 5.50 6.08 -11.45
N PHE A 7 4.97 4.90 -11.79
CA PHE A 7 3.88 4.30 -11.03
C PHE A 7 4.32 4.04 -9.59
N LEU A 8 5.51 3.47 -9.44
CA LEU A 8 6.06 3.19 -8.12
C LEU A 8 6.17 4.46 -7.29
N THR A 9 6.76 5.49 -7.89
CA THR A 9 6.93 6.77 -7.21
C THR A 9 5.59 7.39 -6.82
N SER A 10 4.60 7.27 -7.71
CA SER A 10 3.27 7.81 -7.44
C SER A 10 2.64 7.10 -6.24
N ILE A 11 2.82 5.78 -6.18
CA ILE A 11 2.33 5.01 -5.05
C ILE A 11 2.99 5.46 -3.75
N VAL A 12 4.31 5.64 -3.81
CA VAL A 12 5.08 6.13 -2.66
C VAL A 12 4.53 7.46 -2.15
N ALA A 13 4.28 8.38 -3.08
CA ALA A 13 3.73 9.70 -2.73
C ALA A 13 2.36 9.55 -2.07
N TRP A 14 1.54 8.68 -2.64
CA TRP A 14 0.21 8.40 -2.12
C TRP A 14 0.29 7.83 -0.71
N LEU A 15 1.17 6.84 -0.52
CA LEU A 15 1.32 6.18 0.78
C LEU A 15 1.77 7.15 1.85
N ARG A 16 2.79 7.94 1.56
CA ARG A 16 3.33 8.88 2.54
C ARG A 16 2.31 9.99 2.81
N ALA A 17 1.58 10.41 1.78
CA ALA A 17 0.54 11.41 1.94
C ALA A 17 -0.58 10.87 2.82
N GLY A 18 -0.80 9.57 2.73
CA GLY A 18 -1.77 8.90 3.57
C GLY A 18 -1.38 8.94 5.04
N TYR A 19 -0.09 8.98 5.32
CA TYR A 19 0.40 9.00 6.69
C TYR A 19 1.50 10.05 6.87
N PRO A 20 1.13 11.32 7.05
CA PRO A 20 2.10 12.41 7.25
C PRO A 20 2.72 12.38 8.64
N GLU A 21 2.38 11.35 9.40
CA GLU A 21 2.87 11.17 10.75
C GLU A 21 3.77 9.93 10.83
N GLY A 22 3.95 9.29 9.69
CA GLY A 22 4.69 8.04 9.65
C GLY A 22 3.80 6.84 9.83
N ILE A 23 4.01 5.80 9.04
CA ILE A 23 3.19 4.60 9.10
C ILE A 23 3.53 3.78 10.35
N PRO A 24 2.54 3.59 11.23
CA PRO A 24 2.70 2.72 12.41
C PRO A 24 2.67 1.24 12.03
N PRO A 25 3.07 0.35 12.95
CA PRO A 25 3.10 -1.09 12.69
C PRO A 25 1.73 -1.76 12.85
N THR A 26 0.67 -0.98 12.72
CA THR A 26 -0.67 -1.48 12.95
C THR A 26 -1.53 -1.45 11.69
N ASP A 27 -1.00 -0.87 10.62
CA ASP A 27 -1.75 -0.76 9.37
C ASP A 27 -0.93 -1.25 8.19
N SER A 28 0.32 -1.61 8.45
CA SER A 28 1.25 -2.01 7.40
C SER A 28 0.75 -3.25 6.66
N PHE A 29 0.12 -4.16 7.39
CA PHE A 29 -0.42 -5.38 6.81
C PHE A 29 -1.58 -5.04 5.87
N ALA A 30 -2.36 -4.05 6.27
CA ALA A 30 -3.45 -3.56 5.43
C ALA A 30 -2.90 -2.91 4.17
N VAL A 31 -1.86 -2.09 4.34
CA VAL A 31 -1.19 -1.47 3.19
C VAL A 31 -0.80 -2.54 2.18
N LEU A 32 -0.07 -3.54 2.64
CA LEU A 32 0.40 -4.59 1.76
C LEU A 32 -0.78 -5.38 1.20
N ALA A 33 -1.85 -5.50 1.96
CA ALA A 33 -3.05 -6.19 1.50
C ALA A 33 -3.68 -5.47 0.31
N LEU A 34 -3.86 -4.15 0.46
CA LEU A 34 -4.46 -3.35 -0.60
C LEU A 34 -3.53 -3.27 -1.80
N LEU A 35 -2.24 -3.09 -1.54
CA LEU A 35 -1.26 -2.99 -2.60
C LEU A 35 -1.10 -4.32 -3.32
N CYS A 36 -1.26 -5.41 -2.60
CA CYS A 36 -1.10 -6.76 -3.17
C CYS A 36 -2.11 -7.04 -4.28
N ARG A 37 -3.24 -6.36 -4.27
CA ARG A 37 -4.23 -6.53 -5.33
C ARG A 37 -3.88 -5.69 -6.53
N ARG A 38 -3.00 -4.72 -6.32
CA ARG A 38 -2.57 -3.83 -7.39
C ARG A 38 -1.25 -4.33 -7.97
N LEU A 39 -0.32 -4.63 -7.09
CA LEU A 39 1.00 -5.11 -7.46
C LEU A 39 1.35 -6.34 -6.64
N SER A 40 2.29 -7.14 -7.11
CA SER A 40 2.61 -8.39 -6.46
C SER A 40 3.67 -8.20 -5.36
N HIS A 41 3.99 -9.30 -4.69
CA HIS A 41 4.86 -9.31 -3.51
C HIS A 41 6.23 -8.64 -3.74
N ASP A 42 6.77 -8.75 -4.94
CA ASP A 42 8.07 -8.13 -5.21
C ASP A 42 7.93 -6.62 -5.29
N GLU A 43 6.86 -6.17 -5.92
CA GLU A 43 6.58 -4.76 -6.04
C GLU A 43 6.31 -4.12 -4.68
N VAL A 44 5.54 -4.82 -3.84
CA VAL A 44 5.25 -4.32 -2.50
C VAL A 44 6.49 -4.37 -1.62
N LYS A 45 7.34 -5.37 -1.85
CA LYS A 45 8.64 -5.47 -1.19
C LYS A 45 9.49 -4.24 -1.56
N ALA A 46 9.42 -3.83 -2.82
CA ALA A 46 10.14 -2.66 -3.29
C ALA A 46 9.60 -1.37 -2.66
N VAL A 47 8.28 -1.16 -2.77
CA VAL A 47 7.67 0.08 -2.30
C VAL A 47 7.75 0.22 -0.77
N ALA A 48 7.68 -0.89 -0.06
CA ALA A 48 7.80 -0.86 1.39
C ALA A 48 9.20 -0.41 1.79
N ASN A 49 10.20 -0.98 1.14
CA ASN A 49 11.59 -0.62 1.39
C ASN A 49 11.84 0.85 1.04
N GLU A 50 11.30 1.25 -0.12
CA GLU A 50 11.37 2.63 -0.58
C GLU A 50 10.76 3.58 0.46
N LEU A 51 9.57 3.22 0.94
CA LEU A 51 8.86 4.05 1.90
C LEU A 51 9.64 4.14 3.21
N MET A 52 10.24 3.03 3.62
CA MET A 52 11.05 3.01 4.84
C MET A 52 12.26 3.92 4.72
N ARG A 53 12.77 4.08 3.49
CA ARG A 53 13.89 4.97 3.22
C ARG A 53 13.57 6.41 3.63
N LEU A 54 12.29 6.75 3.61
CA LEU A 54 11.85 8.09 3.96
C LEU A 54 11.93 8.32 5.47
N GLY A 55 11.94 7.22 6.22
CA GLY A 55 12.00 7.31 7.67
C GLY A 55 10.64 7.27 8.31
N ASP A 56 9.62 7.62 7.54
CA ASP A 56 8.25 7.70 8.05
C ASP A 56 7.54 6.35 7.95
N PHE A 57 8.26 5.31 8.35
CA PHE A 57 7.71 3.96 8.39
C PHE A 57 8.32 3.24 9.58
N ASP A 58 7.48 2.66 10.42
CA ASP A 58 7.96 1.98 11.62
C ASP A 58 8.80 0.75 11.25
N GLN A 59 9.91 0.59 11.94
CA GLN A 59 10.84 -0.50 11.64
C GLN A 59 10.27 -1.85 12.04
N ILE A 60 9.63 -2.50 11.08
CA ILE A 60 9.08 -3.83 11.27
C ILE A 60 9.52 -4.73 10.12
N ASP A 61 9.40 -6.04 10.31
CA ASP A 61 9.84 -6.97 9.27
C ASP A 61 8.74 -7.14 8.23
N ILE A 62 8.81 -6.34 7.18
CA ILE A 62 7.88 -6.43 6.07
C ILE A 62 8.22 -7.64 5.20
N GLY A 63 9.52 -7.93 5.10
CA GLY A 63 9.99 -9.01 4.26
C GLY A 63 9.31 -10.33 4.57
N VAL A 64 9.22 -10.66 5.85
CA VAL A 64 8.55 -11.88 6.28
C VAL A 64 7.07 -11.88 5.90
N VAL A 65 6.39 -10.77 6.18
CA VAL A 65 4.94 -10.70 6.01
C VAL A 65 4.52 -10.79 4.54
N ILE A 66 5.18 -10.04 3.67
CA ILE A 66 4.75 -9.95 2.28
C ILE A 66 5.17 -11.16 1.46
N THR A 67 6.01 -12.02 2.03
CA THR A 67 6.39 -13.25 1.38
C THR A 67 5.69 -14.44 2.03
N HIS A 68 5.23 -14.24 3.26
CA HIS A 68 4.59 -15.28 4.04
C HIS A 68 3.38 -14.72 4.78
N PHE A 69 2.23 -14.76 4.13
CA PHE A 69 1.00 -14.23 4.69
C PHE A 69 0.50 -15.10 5.83
N THR A 70 -0.10 -14.47 6.83
CA THR A 70 -0.69 -15.19 7.94
C THR A 70 -2.17 -15.46 7.65
N ASP A 71 -2.88 -16.03 8.62
CA ASP A 71 -4.27 -16.38 8.44
C ASP A 71 -5.18 -15.21 8.78
N GLU A 72 -5.04 -14.71 10.00
CA GLU A 72 -5.92 -13.66 10.50
C GLU A 72 -5.52 -12.31 9.90
N LEU A 73 -4.22 -12.06 9.87
CA LEU A 73 -3.71 -10.81 9.32
C LEU A 73 -3.29 -11.00 7.87
N PRO A 74 -3.53 -10.00 7.00
CA PRO A 74 -4.17 -8.73 7.38
C PRO A 74 -5.65 -8.90 7.71
N SER A 75 -6.10 -8.17 8.73
CA SER A 75 -7.47 -8.33 9.24
C SER A 75 -8.42 -7.33 8.58
N PRO A 76 -9.74 -7.65 8.58
CA PRO A 76 -10.78 -6.81 7.94
C PRO A 76 -10.74 -5.34 8.38
N GLU A 77 -10.82 -5.09 9.69
CA GLU A 77 -10.85 -3.72 10.19
C GLU A 77 -9.52 -3.01 9.97
N ASP A 78 -8.47 -3.79 9.85
CA ASP A 78 -7.14 -3.28 9.51
C ASP A 78 -7.17 -2.72 8.08
N VAL A 79 -7.62 -3.57 7.16
CA VAL A 79 -7.81 -3.18 5.75
C VAL A 79 -8.73 -1.96 5.65
N GLU A 80 -9.84 -2.00 6.38
CA GLU A 80 -10.80 -0.91 6.40
C GLU A 80 -10.14 0.39 6.87
N ARG A 81 -9.32 0.26 7.90
CA ARG A 81 -8.68 1.41 8.52
C ARG A 81 -7.72 2.09 7.54
N VAL A 82 -6.83 1.31 6.93
CA VAL A 82 -5.88 1.88 5.99
C VAL A 82 -6.63 2.42 4.76
N ARG A 83 -7.74 1.77 4.42
CA ARG A 83 -8.58 2.23 3.31
C ARG A 83 -9.06 3.65 3.58
N ALA A 84 -9.64 3.86 4.75
CA ALA A 84 -10.17 5.17 5.12
C ALA A 84 -9.06 6.21 5.18
N ARG A 85 -7.94 5.84 5.78
CA ARG A 85 -6.83 6.76 5.96
C ARG A 85 -6.20 7.14 4.62
N LEU A 86 -6.10 6.20 3.70
CA LEU A 86 -5.46 6.43 2.41
C LEU A 86 -6.40 7.10 1.41
N ALA A 87 -7.68 6.72 1.45
CA ALA A 87 -8.67 7.23 0.49
C ALA A 87 -8.80 8.74 0.56
N ALA A 88 -8.45 9.32 1.70
CA ALA A 88 -8.53 10.76 1.90
C ALA A 88 -7.54 11.51 0.99
N GLN A 89 -6.53 10.79 0.49
CA GLN A 89 -5.55 11.40 -0.40
C GLN A 89 -5.66 10.83 -1.80
N GLY A 90 -6.74 10.09 -2.05
CA GLY A 90 -6.93 9.48 -3.35
C GLY A 90 -6.89 7.97 -3.29
N TRP A 91 -7.06 7.33 -4.44
CA TRP A 91 -7.07 5.88 -4.51
C TRP A 91 -6.77 5.42 -5.93
N PRO A 92 -5.48 5.23 -6.26
CA PRO A 92 -5.05 4.81 -7.59
C PRO A 92 -5.04 3.29 -7.76
N LEU A 93 -5.74 2.60 -6.88
CA LEU A 93 -5.84 1.14 -6.97
C LEU A 93 -7.10 0.74 -7.73
N ASP A 94 -8.06 1.66 -7.78
CA ASP A 94 -9.35 1.39 -8.39
C ASP A 94 -10.03 2.72 -8.69
N ASP A 95 -11.34 2.71 -8.81
CA ASP A 95 -12.10 3.93 -9.04
C ASP A 95 -12.90 4.30 -7.80
N VAL A 96 -13.15 5.58 -7.64
CA VAL A 96 -13.85 6.07 -6.46
C VAL A 96 -15.02 6.97 -6.86
N ARG A 97 -16.24 6.47 -6.65
CA ARG A 97 -17.43 7.28 -6.83
C ARG A 97 -18.16 7.39 -5.49
N ASP A 98 -17.90 8.46 -4.77
CA ASP A 98 -18.42 8.63 -3.43
C ASP A 98 -19.83 9.22 -3.45
N ARG A 99 -20.52 9.09 -2.33
CA ARG A 99 -21.86 9.63 -2.16
C ARG A 99 -22.25 9.61 -0.68
N GLU A 100 -22.57 8.43 -0.18
CA GLU A 100 -22.95 8.25 1.22
C GLU A 100 -23.31 6.80 1.48
N GLU A 101 -22.51 6.13 2.28
CA GLU A 101 -22.80 4.76 2.67
C GLU A 101 -23.45 4.76 4.03
N HIS A 102 -22.78 5.39 4.98
CA HIS A 102 -23.20 5.41 6.37
C HIS A 102 -22.51 6.54 7.10
N ALA A 103 -22.74 6.65 8.40
CA ALA A 103 -22.00 7.58 9.22
C ALA A 103 -20.92 6.83 9.99
N GLY A 1 11.24 12.53 -22.53
CA GLY A 1 10.87 11.10 -22.51
C GLY A 1 9.85 10.81 -21.42
N SER A 2 9.80 9.57 -20.97
CA SER A 2 8.88 9.14 -19.93
C SER A 2 9.43 7.94 -19.18
N HIS A 3 9.62 8.09 -17.88
CA HIS A 3 10.12 7.01 -17.03
C HIS A 3 8.96 6.28 -16.36
N MET A 4 9.06 4.96 -16.30
CA MET A 4 7.99 4.14 -15.72
C MET A 4 7.99 4.26 -14.21
N ASN A 5 9.11 4.71 -13.66
CA ASN A 5 9.26 4.89 -12.22
C ASN A 5 8.22 5.85 -11.66
N ARG A 6 7.75 6.78 -12.49
CA ARG A 6 6.81 7.83 -12.06
C ARG A 6 5.59 7.23 -11.36
N PHE A 7 5.17 6.04 -11.79
CA PHE A 7 4.00 5.39 -11.19
C PHE A 7 4.35 4.90 -9.80
N LEU A 8 5.49 4.25 -9.68
CA LEU A 8 5.97 3.73 -8.40
C LEU A 8 6.18 4.89 -7.42
N THR A 9 6.78 5.96 -7.90
CA THR A 9 7.00 7.15 -7.09
C THR A 9 5.66 7.79 -6.68
N SER A 10 4.68 7.73 -7.57
CA SER A 10 3.36 8.25 -7.28
C SER A 10 2.72 7.43 -6.16
N ILE A 11 2.96 6.12 -6.18
CA ILE A 11 2.51 5.24 -5.11
C ILE A 11 3.19 5.62 -3.80
N VAL A 12 4.51 5.83 -3.87
CA VAL A 12 5.30 6.27 -2.72
C VAL A 12 4.70 7.53 -2.10
N ALA A 13 4.45 8.54 -2.93
CA ALA A 13 3.87 9.79 -2.47
C ALA A 13 2.49 9.54 -1.84
N TRP A 14 1.72 8.68 -2.48
CA TRP A 14 0.40 8.31 -1.98
C TRP A 14 0.49 7.63 -0.62
N LEU A 15 1.38 6.66 -0.51
CA LEU A 15 1.55 5.89 0.71
C LEU A 15 1.95 6.79 1.88
N ARG A 16 2.91 7.69 1.63
CA ARG A 16 3.35 8.59 2.69
C ARG A 16 2.24 9.59 3.02
N ALA A 17 1.48 10.00 2.00
CA ALA A 17 0.37 10.92 2.21
C ALA A 17 -0.71 10.27 3.06
N GLY A 18 -0.85 8.96 2.93
CA GLY A 18 -1.79 8.22 3.75
C GLY A 18 -1.39 8.19 5.21
N TYR A 19 -0.09 8.30 5.47
CA TYR A 19 0.44 8.27 6.83
C TYR A 19 1.61 9.22 6.98
N PRO A 20 1.34 10.51 7.17
CA PRO A 20 2.39 11.52 7.37
C PRO A 20 3.10 11.35 8.71
N GLU A 21 2.52 10.49 9.54
CA GLU A 21 3.08 10.17 10.84
C GLU A 21 3.89 8.87 10.77
N GLY A 22 3.92 8.27 9.58
CA GLY A 22 4.58 7.00 9.40
C GLY A 22 3.59 5.86 9.45
N ILE A 23 3.87 4.80 8.70
CA ILE A 23 3.01 3.64 8.68
C ILE A 23 3.24 2.77 9.92
N PRO A 24 2.25 2.71 10.82
CA PRO A 24 2.34 1.93 12.06
C PRO A 24 2.47 0.43 11.81
N PRO A 25 3.17 -0.28 12.71
CA PRO A 25 3.39 -1.73 12.61
C PRO A 25 2.07 -2.50 12.51
N THR A 26 1.07 -2.01 13.25
CA THR A 26 -0.25 -2.63 13.27
C THR A 26 -0.91 -2.58 11.89
N ASP A 27 -0.76 -1.45 11.23
CA ASP A 27 -1.44 -1.19 9.98
C ASP A 27 -0.63 -1.71 8.80
N SER A 28 0.55 -2.23 9.08
CA SER A 28 1.42 -2.78 8.04
C SER A 28 0.71 -3.92 7.30
N PHE A 29 0.08 -4.81 8.05
CA PHE A 29 -0.64 -5.94 7.47
C PHE A 29 -1.82 -5.46 6.65
N ALA A 30 -2.40 -4.34 7.04
CA ALA A 30 -3.53 -3.76 6.33
C ALA A 30 -3.07 -3.16 5.01
N VAL A 31 -1.96 -2.41 5.07
CA VAL A 31 -1.33 -1.88 3.87
C VAL A 31 -0.97 -3.02 2.92
N LEU A 32 -0.43 -4.08 3.50
CA LEU A 32 -0.15 -5.31 2.77
C LEU A 32 -1.41 -5.82 2.07
N ALA A 33 -2.51 -5.88 2.80
CA ALA A 33 -3.76 -6.37 2.26
C ALA A 33 -4.21 -5.58 1.04
N LEU A 34 -4.16 -4.26 1.15
CA LEU A 34 -4.59 -3.40 0.05
C LEU A 34 -3.62 -3.47 -1.13
N LEU A 35 -2.32 -3.42 -0.86
CA LEU A 35 -1.32 -3.39 -1.92
C LEU A 35 -1.26 -4.72 -2.67
N CYS A 36 -1.36 -5.82 -1.95
CA CYS A 36 -1.19 -7.15 -2.54
C CYS A 36 -2.29 -7.47 -3.53
N ARG A 37 -3.46 -6.83 -3.38
CA ARG A 37 -4.57 -7.05 -4.29
C ARG A 37 -4.29 -6.40 -5.64
N ARG A 38 -3.39 -5.42 -5.63
CA ARG A 38 -3.08 -4.67 -6.83
C ARG A 38 -1.75 -5.12 -7.41
N LEU A 39 -0.72 -5.06 -6.61
CA LEU A 39 0.63 -5.33 -7.08
C LEU A 39 1.21 -6.55 -6.36
N SER A 40 2.20 -7.17 -6.99
CA SER A 40 2.76 -8.42 -6.49
C SER A 40 3.68 -8.19 -5.29
N HIS A 41 4.01 -9.28 -4.61
CA HIS A 41 4.77 -9.25 -3.36
C HIS A 41 6.13 -8.57 -3.50
N ASP A 42 6.86 -8.83 -4.57
CA ASP A 42 8.17 -8.19 -4.74
C ASP A 42 8.01 -6.75 -5.19
N GLU A 43 6.91 -6.46 -5.85
CA GLU A 43 6.61 -5.09 -6.25
C GLU A 43 6.36 -4.23 -5.02
N VAL A 44 5.49 -4.72 -4.14
CA VAL A 44 5.20 -4.03 -2.90
C VAL A 44 6.43 -4.03 -1.97
N LYS A 45 7.21 -5.11 -2.06
CA LYS A 45 8.48 -5.19 -1.34
C LYS A 45 9.41 -4.07 -1.78
N ALA A 46 9.50 -3.86 -3.08
CA ALA A 46 10.38 -2.85 -3.64
C ALA A 46 9.93 -1.45 -3.27
N VAL A 47 8.64 -1.15 -3.44
CA VAL A 47 8.12 0.18 -3.14
C VAL A 47 8.24 0.48 -1.64
N ALA A 48 8.02 -0.52 -0.80
CA ALA A 48 8.17 -0.35 0.64
C ALA A 48 9.64 -0.19 1.01
N ASN A 49 10.49 -0.92 0.30
CA ASN A 49 11.94 -0.83 0.51
C ASN A 49 12.46 0.57 0.22
N GLU A 50 12.09 1.12 -0.93
CA GLU A 50 12.54 2.46 -1.31
C GLU A 50 11.83 3.52 -0.47
N LEU A 51 10.60 3.22 -0.04
CA LEU A 51 9.87 4.12 0.84
C LEU A 51 10.57 4.20 2.20
N MET A 52 11.08 3.08 2.67
CA MET A 52 11.86 3.04 3.90
C MET A 52 13.20 3.76 3.71
N ARG A 53 13.75 3.66 2.50
CA ARG A 53 15.05 4.22 2.18
C ARG A 53 15.08 5.73 2.43
N LEU A 54 14.02 6.42 2.02
CA LEU A 54 13.96 7.87 2.18
C LEU A 54 13.57 8.26 3.61
N GLY A 55 12.90 7.36 4.30
CA GLY A 55 12.54 7.61 5.68
C GLY A 55 11.12 8.11 5.82
N ASP A 56 10.17 7.33 5.32
CA ASP A 56 8.75 7.64 5.47
C ASP A 56 8.02 6.44 6.05
N PHE A 57 8.72 5.68 6.87
CA PHE A 57 8.18 4.43 7.39
C PHE A 57 8.61 4.23 8.85
N ASP A 58 7.94 3.32 9.53
CA ASP A 58 8.33 2.91 10.86
C ASP A 58 9.34 1.77 10.75
N GLN A 59 10.20 1.61 11.73
CA GLN A 59 11.21 0.56 11.68
C GLN A 59 10.60 -0.80 12.00
N ILE A 60 9.84 -1.32 11.05
CA ILE A 60 9.21 -2.62 11.17
C ILE A 60 9.66 -3.53 10.02
N ASP A 61 9.07 -4.70 9.90
CA ASP A 61 9.42 -5.59 8.80
C ASP A 61 8.31 -5.62 7.76
N ILE A 62 8.69 -5.38 6.52
CA ILE A 62 7.78 -5.55 5.40
C ILE A 62 8.00 -6.91 4.74
N GLY A 63 9.28 -7.29 4.64
CA GLY A 63 9.67 -8.48 3.91
C GLY A 63 8.96 -9.73 4.38
N VAL A 64 8.90 -9.94 5.69
CA VAL A 64 8.29 -11.14 6.24
C VAL A 64 6.76 -11.06 6.16
N VAL A 65 6.22 -9.90 6.53
CA VAL A 65 4.77 -9.69 6.54
C VAL A 65 4.14 -9.96 5.17
N ILE A 66 4.75 -9.44 4.11
CA ILE A 66 4.14 -9.48 2.79
C ILE A 66 4.21 -10.85 2.13
N THR A 67 5.29 -11.57 2.34
CA THR A 67 5.45 -12.87 1.69
C THR A 67 4.97 -13.98 2.60
N HIS A 68 4.80 -13.67 3.88
CA HIS A 68 4.30 -14.64 4.83
C HIS A 68 3.05 -14.09 5.51
N PHE A 69 1.93 -14.20 4.81
CA PHE A 69 0.65 -13.79 5.35
C PHE A 69 0.30 -14.54 6.63
N THR A 70 -0.36 -13.85 7.54
CA THR A 70 -0.92 -14.48 8.72
C THR A 70 -2.28 -15.07 8.36
N ASP A 71 -2.77 -16.03 9.15
CA ASP A 71 -4.08 -16.61 8.88
C ASP A 71 -5.17 -15.78 9.53
N GLU A 72 -4.93 -15.36 10.76
CA GLU A 72 -5.88 -14.53 11.49
C GLU A 72 -5.86 -13.10 10.96
N LEU A 73 -4.67 -12.58 10.70
CA LEU A 73 -4.50 -11.23 10.21
C LEU A 73 -4.33 -11.23 8.69
N PRO A 74 -4.51 -10.08 8.04
CA PRO A 74 -4.92 -8.83 8.68
C PRO A 74 -6.42 -8.77 8.96
N SER A 75 -6.80 -8.04 9.99
CA SER A 75 -8.20 -7.88 10.35
C SER A 75 -8.92 -7.01 9.33
N PRO A 76 -10.02 -7.52 8.74
CA PRO A 76 -10.78 -6.82 7.69
C PRO A 76 -11.14 -5.39 8.07
N GLU A 77 -11.52 -5.18 9.33
CA GLU A 77 -11.86 -3.84 9.82
C GLU A 77 -10.68 -2.88 9.69
N ASP A 78 -9.49 -3.35 10.05
CA ASP A 78 -8.29 -2.53 9.97
C ASP A 78 -7.87 -2.35 8.52
N VAL A 79 -8.11 -3.38 7.71
CA VAL A 79 -7.92 -3.30 6.27
C VAL A 79 -8.79 -2.17 5.71
N GLU A 80 -10.02 -2.12 6.16
CA GLU A 80 -10.95 -1.09 5.75
C GLU A 80 -10.56 0.28 6.32
N ARG A 81 -9.94 0.27 7.51
CA ARG A 81 -9.46 1.48 8.14
C ARG A 81 -8.30 2.09 7.35
N VAL A 82 -7.34 1.25 6.95
CA VAL A 82 -6.22 1.73 6.14
C VAL A 82 -6.70 2.12 4.76
N ARG A 83 -7.72 1.41 4.26
CA ARG A 83 -8.33 1.74 2.99
C ARG A 83 -8.88 3.16 3.03
N ALA A 84 -9.57 3.49 4.12
CA ALA A 84 -10.10 4.83 4.32
C ALA A 84 -8.97 5.85 4.43
N ARG A 85 -7.94 5.50 5.20
CA ARG A 85 -6.75 6.35 5.37
C ARG A 85 -6.13 6.72 4.03
N LEU A 86 -5.88 5.73 3.21
CA LEU A 86 -5.17 5.93 1.96
C LEU A 86 -6.07 6.53 0.89
N ALA A 87 -7.32 6.08 0.82
CA ALA A 87 -8.25 6.52 -0.22
C ALA A 87 -8.56 8.01 -0.10
N ALA A 88 -8.42 8.54 1.11
CA ALA A 88 -8.66 9.95 1.36
C ALA A 88 -7.68 10.83 0.58
N GLN A 89 -6.47 10.33 0.37
CA GLN A 89 -5.45 11.08 -0.36
C GLN A 89 -5.33 10.58 -1.79
N GLY A 90 -6.28 9.74 -2.20
CA GLY A 90 -6.27 9.21 -3.55
C GLY A 90 -6.38 7.70 -3.57
N TRP A 91 -6.60 7.13 -4.74
CA TRP A 91 -6.71 5.69 -4.87
C TRP A 91 -6.26 5.25 -6.26
N PRO A 92 -4.94 5.08 -6.44
CA PRO A 92 -4.35 4.71 -7.74
C PRO A 92 -4.60 3.26 -8.08
N LEU A 93 -5.16 2.52 -7.14
CA LEU A 93 -5.47 1.11 -7.34
C LEU A 93 -6.59 0.94 -8.35
N ASP A 94 -7.64 1.76 -8.21
CA ASP A 94 -8.82 1.69 -9.07
C ASP A 94 -9.28 0.23 -9.20
N ASP A 95 -9.84 -0.29 -8.12
CA ASP A 95 -10.08 -1.72 -8.03
C ASP A 95 -11.40 -2.10 -8.68
N VAL A 96 -11.36 -3.24 -9.35
CA VAL A 96 -12.51 -3.80 -10.06
C VAL A 96 -12.42 -5.32 -9.98
N ARG A 97 -13.53 -5.98 -9.69
CA ARG A 97 -13.54 -7.43 -9.59
C ARG A 97 -14.02 -8.05 -10.90
N ASP A 98 -13.90 -9.36 -11.00
CA ASP A 98 -14.33 -10.08 -12.18
C ASP A 98 -15.81 -10.46 -12.07
N ARG A 99 -16.64 -9.88 -12.92
CA ARG A 99 -18.05 -10.25 -12.97
C ARG A 99 -18.67 -9.81 -14.29
N GLU A 100 -17.82 -9.67 -15.31
CA GLU A 100 -18.29 -9.35 -16.65
C GLU A 100 -18.88 -10.60 -17.29
N GLU A 101 -20.20 -10.73 -17.16
CA GLU A 101 -20.90 -11.93 -17.59
C GLU A 101 -22.39 -11.68 -17.66
N HIS A 102 -23.10 -12.53 -18.41
CA HIS A 102 -24.56 -12.46 -18.53
C HIS A 102 -25.01 -11.15 -19.16
N ALA A 103 -24.18 -10.58 -20.02
CA ALA A 103 -24.52 -9.34 -20.70
C ALA A 103 -24.97 -9.62 -22.13
N GLY A 1 4.93 11.32 -18.88
CA GLY A 1 5.65 10.05 -19.10
C GLY A 1 4.99 8.89 -18.38
N SER A 2 4.22 8.10 -19.11
CA SER A 2 3.50 6.99 -18.52
C SER A 2 4.40 5.76 -18.40
N HIS A 3 5.14 5.70 -17.30
CA HIS A 3 6.02 4.56 -17.03
C HIS A 3 5.85 4.10 -15.60
N MET A 4 6.32 2.90 -15.31
CA MET A 4 6.18 2.30 -13.99
C MET A 4 6.90 3.12 -12.94
N ASN A 5 8.03 3.71 -13.32
CA ASN A 5 8.81 4.56 -12.43
C ASN A 5 7.93 5.69 -11.87
N ARG A 6 7.21 6.35 -12.77
CA ARG A 6 6.34 7.46 -12.39
C ARG A 6 5.16 6.94 -11.57
N PHE A 7 4.65 5.76 -11.93
CA PHE A 7 3.54 5.16 -11.22
C PHE A 7 3.94 4.81 -9.78
N LEU A 8 5.10 4.20 -9.63
CA LEU A 8 5.62 3.86 -8.31
C LEU A 8 5.85 5.11 -7.48
N THR A 9 6.32 6.18 -8.14
CA THR A 9 6.49 7.46 -7.49
C THR A 9 5.15 7.97 -6.96
N SER A 10 4.11 7.82 -7.77
CA SER A 10 2.76 8.22 -7.38
C SER A 10 2.29 7.40 -6.17
N ILE A 11 2.57 6.10 -6.21
CA ILE A 11 2.21 5.21 -5.11
C ILE A 11 2.90 5.65 -3.82
N VAL A 12 4.20 5.87 -3.88
CA VAL A 12 4.97 6.34 -2.73
C VAL A 12 4.36 7.63 -2.16
N ALA A 13 4.16 8.60 -3.04
CA ALA A 13 3.57 9.88 -2.64
C ALA A 13 2.20 9.68 -2.02
N TRP A 14 1.40 8.84 -2.64
CA TRP A 14 0.07 8.52 -2.16
C TRP A 14 0.12 7.87 -0.78
N LEU A 15 0.99 6.89 -0.62
CA LEU A 15 1.12 6.18 0.65
C LEU A 15 1.49 7.12 1.78
N ARG A 16 2.50 7.95 1.57
CA ARG A 16 2.93 8.88 2.60
C ARG A 16 1.90 9.99 2.80
N ALA A 17 1.24 10.41 1.73
CA ALA A 17 0.17 11.40 1.84
C ALA A 17 -1.00 10.83 2.62
N GLY A 18 -1.14 9.52 2.58
CA GLY A 18 -2.16 8.84 3.35
C GLY A 18 -1.84 8.82 4.82
N TYR A 19 -0.54 8.85 5.14
CA TYR A 19 -0.10 8.79 6.53
C TYR A 19 1.11 9.68 6.78
N PRO A 20 0.89 11.00 6.86
CA PRO A 20 1.97 11.95 7.17
C PRO A 20 2.37 11.87 8.63
N GLU A 21 1.58 11.13 9.39
CA GLU A 21 1.84 10.88 10.80
C GLU A 21 2.71 9.64 10.97
N GLY A 22 3.09 9.04 9.85
CA GLY A 22 3.83 7.80 9.88
C GLY A 22 2.91 6.60 9.81
N ILE A 23 3.36 5.55 9.16
CA ILE A 23 2.54 4.34 9.00
C ILE A 23 2.84 3.37 10.13
N PRO A 24 1.89 3.19 11.05
CA PRO A 24 2.03 2.25 12.17
C PRO A 24 2.07 0.79 11.73
N PRO A 25 2.65 -0.10 12.56
CA PRO A 25 2.80 -1.54 12.24
C PRO A 25 1.47 -2.25 12.02
N THR A 26 0.38 -1.60 12.42
CA THR A 26 -0.96 -2.15 12.20
C THR A 26 -1.42 -1.89 10.78
N ASP A 27 -1.10 -0.70 10.29
CA ASP A 27 -1.58 -0.23 9.01
C ASP A 27 -0.59 -0.55 7.90
N SER A 28 0.65 -0.84 8.28
CA SER A 28 1.66 -1.21 7.30
C SER A 28 1.27 -2.50 6.58
N PHE A 29 0.82 -3.49 7.36
CA PHE A 29 0.37 -4.75 6.79
C PHE A 29 -0.96 -4.55 6.07
N ALA A 30 -1.71 -3.55 6.51
CA ALA A 30 -2.96 -3.19 5.88
C ALA A 30 -2.70 -2.60 4.48
N VAL A 31 -1.78 -1.64 4.42
CA VAL A 31 -1.34 -1.10 3.13
C VAL A 31 -0.84 -2.22 2.24
N LEU A 32 -0.09 -3.14 2.85
CA LEU A 32 0.36 -4.34 2.18
C LEU A 32 -0.80 -5.09 1.55
N ALA A 33 -1.86 -5.31 2.32
CA ALA A 33 -3.02 -6.03 1.82
C ALA A 33 -3.66 -5.30 0.64
N LEU A 34 -3.79 -3.99 0.76
CA LEU A 34 -4.37 -3.18 -0.31
C LEU A 34 -3.49 -3.18 -1.56
N LEU A 35 -2.19 -3.01 -1.36
CA LEU A 35 -1.26 -2.97 -2.49
C LEU A 35 -1.11 -4.33 -3.15
N CYS A 36 -1.15 -5.39 -2.36
CA CYS A 36 -0.96 -6.75 -2.88
C CYS A 36 -2.11 -7.16 -3.78
N ARG A 37 -3.25 -6.49 -3.63
CA ARG A 37 -4.42 -6.78 -4.45
C ARG A 37 -4.36 -5.99 -5.75
N ARG A 38 -3.37 -5.11 -5.85
CA ARG A 38 -3.16 -4.33 -7.05
C ARG A 38 -1.89 -4.78 -7.77
N LEU A 39 -0.79 -4.83 -7.02
CA LEU A 39 0.50 -5.15 -7.58
C LEU A 39 1.03 -6.46 -6.99
N SER A 40 2.19 -6.90 -7.44
CA SER A 40 2.75 -8.15 -6.99
C SER A 40 3.55 -7.98 -5.70
N HIS A 41 3.98 -9.12 -5.14
CA HIS A 41 4.69 -9.13 -3.87
C HIS A 41 6.06 -8.48 -4.03
N ASP A 42 6.59 -8.52 -5.24
CA ASP A 42 7.86 -7.85 -5.53
C ASP A 42 7.68 -6.35 -5.52
N GLU A 43 6.62 -5.87 -6.16
CA GLU A 43 6.31 -4.45 -6.17
C GLU A 43 6.13 -3.93 -4.74
N VAL A 44 5.33 -4.63 -3.93
CA VAL A 44 5.13 -4.21 -2.55
C VAL A 44 6.42 -4.33 -1.75
N LYS A 45 7.22 -5.36 -2.04
CA LYS A 45 8.52 -5.55 -1.41
C LYS A 45 9.43 -4.37 -1.74
N ALA A 46 9.41 -3.93 -2.99
CA ALA A 46 10.25 -2.84 -3.44
C ALA A 46 9.88 -1.51 -2.78
N VAL A 47 8.59 -1.17 -2.83
CA VAL A 47 8.13 0.11 -2.29
C VAL A 47 8.32 0.17 -0.77
N ALA A 48 8.02 -0.94 -0.08
CA ALA A 48 8.17 -0.99 1.37
C ALA A 48 9.63 -0.84 1.76
N ASN A 49 10.50 -1.58 1.07
CA ASN A 49 11.94 -1.52 1.33
C ASN A 49 12.46 -0.11 1.15
N GLU A 50 12.10 0.51 0.04
CA GLU A 50 12.54 1.87 -0.28
C GLU A 50 12.11 2.86 0.80
N LEU A 51 10.81 2.88 1.09
CA LEU A 51 10.26 3.86 2.02
C LEU A 51 10.84 3.66 3.42
N MET A 52 11.05 2.41 3.81
CA MET A 52 11.61 2.10 5.12
C MET A 52 13.11 2.41 5.17
N ARG A 53 13.79 2.18 4.06
CA ARG A 53 15.23 2.46 3.96
C ARG A 53 15.51 3.94 4.20
N LEU A 54 14.59 4.78 3.74
CA LEU A 54 14.71 6.21 3.91
C LEU A 54 14.60 6.57 5.39
N GLY A 55 13.96 5.69 6.16
CA GLY A 55 13.80 5.91 7.57
C GLY A 55 12.56 6.72 7.89
N ASP A 56 11.70 6.87 6.91
CA ASP A 56 10.50 7.67 7.07
C ASP A 56 9.29 6.76 7.26
N PHE A 57 9.58 5.54 7.65
CA PHE A 57 8.58 4.50 7.87
C PHE A 57 8.92 3.79 9.18
N ASP A 58 7.93 3.22 9.84
CA ASP A 58 8.19 2.42 11.02
C ASP A 58 9.09 1.25 10.63
N GLN A 59 10.28 1.18 11.20
CA GLN A 59 11.23 0.16 10.82
C GLN A 59 10.85 -1.20 11.39
N ILE A 60 10.13 -1.96 10.58
CA ILE A 60 9.68 -3.30 10.94
C ILE A 60 10.02 -4.27 9.83
N ASP A 61 9.74 -5.55 10.01
CA ASP A 61 10.05 -6.54 8.99
C ASP A 61 8.84 -6.81 8.11
N ILE A 62 8.82 -6.15 6.97
CA ILE A 62 7.77 -6.33 5.98
C ILE A 62 8.06 -7.55 5.11
N GLY A 63 9.33 -7.76 4.80
CA GLY A 63 9.74 -8.86 3.95
C GLY A 63 9.22 -10.20 4.42
N VAL A 64 9.19 -10.41 5.73
CA VAL A 64 8.73 -11.67 6.28
C VAL A 64 7.22 -11.85 6.11
N VAL A 65 6.48 -10.75 6.20
CA VAL A 65 5.02 -10.81 6.15
C VAL A 65 4.51 -10.91 4.72
N ILE A 66 5.16 -10.19 3.80
CA ILE A 66 4.71 -10.12 2.41
C ILE A 66 4.89 -11.44 1.67
N THR A 67 5.83 -12.25 2.13
CA THR A 67 6.08 -13.53 1.49
C THR A 67 5.68 -14.67 2.43
N HIS A 68 5.01 -14.30 3.51
CA HIS A 68 4.49 -15.26 4.48
C HIS A 68 3.33 -14.64 5.26
N PHE A 69 2.16 -14.62 4.63
CA PHE A 69 0.98 -13.97 5.20
C PHE A 69 0.37 -14.78 6.34
N THR A 70 -0.64 -14.19 6.98
CA THR A 70 -1.40 -14.85 8.01
C THR A 70 -2.88 -14.47 7.84
N ASP A 71 -3.79 -15.33 8.27
CA ASP A 71 -5.22 -15.08 8.06
C ASP A 71 -5.82 -14.25 9.19
N GLU A 72 -4.96 -13.74 10.05
CA GLU A 72 -5.39 -12.93 11.17
C GLU A 72 -4.73 -11.54 11.10
N LEU A 73 -3.49 -11.53 10.63
CA LEU A 73 -2.76 -10.28 10.41
C LEU A 73 -2.27 -10.23 8.97
N PRO A 74 -2.58 -9.15 8.22
CA PRO A 74 -3.31 -7.99 8.74
C PRO A 74 -4.81 -8.29 8.96
N SER A 75 -5.42 -7.55 9.88
CA SER A 75 -6.83 -7.76 10.17
C SER A 75 -7.70 -6.96 9.19
N PRO A 76 -8.94 -7.41 8.95
CA PRO A 76 -9.87 -6.72 8.06
C PRO A 76 -10.14 -5.28 8.49
N GLU A 77 -10.03 -5.03 9.79
CA GLU A 77 -10.28 -3.70 10.32
C GLU A 77 -9.12 -2.77 10.03
N ASP A 78 -7.90 -3.30 10.12
CA ASP A 78 -6.71 -2.53 9.73
C ASP A 78 -6.81 -2.19 8.26
N VAL A 79 -7.16 -3.20 7.47
CA VAL A 79 -7.36 -3.06 6.04
C VAL A 79 -8.43 -2.00 5.76
N GLU A 80 -9.57 -2.10 6.44
CA GLU A 80 -10.68 -1.17 6.26
C GLU A 80 -10.27 0.26 6.60
N ARG A 81 -9.56 0.41 7.72
CA ARG A 81 -9.14 1.72 8.18
C ARG A 81 -8.21 2.39 7.16
N VAL A 82 -7.16 1.68 6.75
CA VAL A 82 -6.22 2.23 5.79
C VAL A 82 -6.89 2.43 4.43
N ARG A 83 -7.85 1.56 4.14
CA ARG A 83 -8.64 1.63 2.90
C ARG A 83 -9.34 2.98 2.81
N ALA A 84 -10.04 3.34 3.87
CA ALA A 84 -10.75 4.62 3.91
C ALA A 84 -9.79 5.80 3.96
N ARG A 85 -8.79 5.70 4.83
CA ARG A 85 -7.85 6.79 5.05
C ARG A 85 -7.06 7.13 3.77
N LEU A 86 -6.68 6.10 3.03
CA LEU A 86 -5.88 6.30 1.82
C LEU A 86 -6.75 6.71 0.64
N ALA A 87 -8.02 6.30 0.67
CA ALA A 87 -8.96 6.63 -0.41
C ALA A 87 -9.33 8.10 -0.38
N ALA A 88 -9.20 8.72 0.79
CA ALA A 88 -9.56 10.12 0.98
C ALA A 88 -8.73 11.04 0.07
N GLN A 89 -7.47 10.69 -0.15
CA GLN A 89 -6.58 11.49 -0.98
C GLN A 89 -6.66 11.05 -2.44
N GLY A 90 -7.59 10.16 -2.73
CA GLY A 90 -7.73 9.65 -4.08
C GLY A 90 -7.23 8.24 -4.19
N TRP A 91 -7.94 7.42 -4.96
CA TRP A 91 -7.53 6.03 -5.15
C TRP A 91 -6.92 5.85 -6.53
N PRO A 92 -5.59 5.88 -6.62
CA PRO A 92 -4.87 5.82 -7.89
C PRO A 92 -4.55 4.38 -8.32
N LEU A 93 -5.07 3.41 -7.58
CA LEU A 93 -4.78 2.02 -7.87
C LEU A 93 -5.63 1.49 -9.01
N ASP A 94 -6.88 1.91 -9.08
CA ASP A 94 -7.80 1.35 -10.03
C ASP A 94 -8.47 2.44 -10.86
N ASP A 95 -8.60 2.16 -12.14
CA ASP A 95 -9.19 3.11 -13.08
C ASP A 95 -10.59 2.65 -13.48
N VAL A 96 -11.44 3.61 -13.78
CA VAL A 96 -12.82 3.35 -14.12
C VAL A 96 -13.09 3.75 -15.56
N ARG A 97 -13.63 2.83 -16.35
CA ARG A 97 -13.77 3.05 -17.77
C ARG A 97 -15.23 3.00 -18.23
N ASP A 98 -15.85 4.16 -18.33
CA ASP A 98 -17.14 4.30 -18.98
C ASP A 98 -16.96 5.10 -20.27
N ARG A 99 -17.34 4.52 -21.40
CA ARG A 99 -17.03 5.11 -22.69
C ARG A 99 -18.22 5.04 -23.63
N GLU A 100 -19.33 4.47 -23.16
CA GLU A 100 -20.48 4.30 -24.02
C GLU A 100 -21.33 5.55 -23.97
N GLU A 101 -21.81 5.97 -25.12
CA GLU A 101 -22.56 7.21 -25.23
C GLU A 101 -23.49 7.18 -26.42
N HIS A 102 -24.77 7.39 -26.16
CA HIS A 102 -25.76 7.53 -27.21
C HIS A 102 -26.42 8.89 -27.12
N ALA A 103 -25.66 9.92 -27.45
CA ALA A 103 -26.15 11.29 -27.39
C ALA A 103 -26.47 11.80 -28.78
N GLY A 1 -2.07 7.08 -17.47
CA GLY A 1 -0.85 7.58 -16.81
C GLY A 1 0.17 8.06 -17.82
N SER A 2 1.43 8.11 -17.43
CA SER A 2 2.47 8.62 -18.29
C SER A 2 3.71 7.72 -18.27
N HIS A 3 4.48 7.81 -17.19
CA HIS A 3 5.72 7.05 -17.08
C HIS A 3 5.54 5.86 -16.16
N MET A 4 6.21 4.76 -16.50
CA MET A 4 6.10 3.53 -15.72
C MET A 4 6.65 3.71 -14.32
N ASN A 5 7.81 4.36 -14.23
CA ASN A 5 8.48 4.57 -12.95
C ASN A 5 7.65 5.50 -12.06
N ARG A 6 7.10 6.55 -12.67
CA ARG A 6 6.30 7.52 -11.94
C ARG A 6 5.09 6.87 -11.29
N PHE A 7 4.60 5.78 -11.88
CA PHE A 7 3.48 5.04 -11.32
C PHE A 7 3.80 4.59 -9.90
N LEU A 8 4.92 3.89 -9.75
CA LEU A 8 5.35 3.42 -8.44
C LEU A 8 5.67 4.60 -7.54
N THR A 9 6.31 5.61 -8.11
CA THR A 9 6.63 6.83 -7.37
C THR A 9 5.36 7.48 -6.82
N SER A 10 4.30 7.48 -7.64
CA SER A 10 3.02 8.04 -7.22
C SER A 10 2.41 7.18 -6.12
N ILE A 11 2.56 5.87 -6.22
CA ILE A 11 2.11 4.96 -5.18
C ILE A 11 2.84 5.26 -3.87
N VAL A 12 4.16 5.39 -3.95
CA VAL A 12 4.98 5.74 -2.79
C VAL A 12 4.54 7.08 -2.20
N ALA A 13 4.33 8.06 -3.08
CA ALA A 13 3.86 9.38 -2.66
C ALA A 13 2.49 9.28 -1.99
N TRP A 14 1.62 8.49 -2.60
CA TRP A 14 0.29 8.22 -2.05
C TRP A 14 0.38 7.63 -0.65
N LEU A 15 1.22 6.61 -0.51
CA LEU A 15 1.41 5.92 0.77
C LEU A 15 1.93 6.89 1.83
N ARG A 16 2.95 7.66 1.48
CA ARG A 16 3.55 8.58 2.44
C ARG A 16 2.60 9.76 2.73
N ALA A 17 1.80 10.14 1.73
CA ALA A 17 0.82 11.19 1.91
C ALA A 17 -0.22 10.76 2.93
N GLY A 18 -0.59 9.48 2.86
CA GLY A 18 -1.52 8.93 3.83
C GLY A 18 -0.89 8.68 5.18
N TYR A 19 0.44 8.71 5.24
CA TYR A 19 1.15 8.44 6.49
C TYR A 19 2.41 9.30 6.61
N PRO A 20 2.26 10.57 6.99
CA PRO A 20 3.40 11.49 7.15
C PRO A 20 4.29 11.11 8.34
N GLU A 21 3.73 10.34 9.26
CA GLU A 21 4.48 9.88 10.43
C GLU A 21 5.02 8.48 10.20
N GLY A 22 4.71 7.92 9.04
CA GLY A 22 5.10 6.56 8.74
C GLY A 22 3.99 5.58 9.04
N ILE A 23 4.08 4.40 8.46
CA ILE A 23 3.06 3.37 8.65
C ILE A 23 3.36 2.54 9.88
N PRO A 24 2.42 2.49 10.83
CA PRO A 24 2.53 1.64 12.02
C PRO A 24 2.70 0.15 11.67
N PRO A 25 3.15 -0.67 12.64
CA PRO A 25 3.45 -2.09 12.41
C PRO A 25 2.21 -2.99 12.42
N THR A 26 1.04 -2.40 12.30
CA THR A 26 -0.20 -3.16 12.29
C THR A 26 -0.87 -3.07 10.92
N ASP A 27 -1.04 -1.85 10.46
CA ASP A 27 -1.75 -1.56 9.22
C ASP A 27 -0.84 -1.76 8.02
N SER A 28 0.44 -1.99 8.28
CA SER A 28 1.37 -2.30 7.21
C SER A 28 0.96 -3.59 6.49
N PHE A 29 0.40 -4.52 7.26
CA PHE A 29 -0.17 -5.74 6.71
C PHE A 29 -1.38 -5.41 5.84
N ALA A 30 -2.13 -4.41 6.27
CA ALA A 30 -3.32 -3.97 5.56
C ALA A 30 -2.94 -3.31 4.24
N VAL A 31 -1.93 -2.46 4.30
CA VAL A 31 -1.37 -1.85 3.09
C VAL A 31 -0.93 -2.94 2.13
N LEU A 32 -0.28 -3.95 2.69
CA LEU A 32 0.13 -5.14 1.94
C LEU A 32 -1.05 -5.77 1.22
N ALA A 33 -2.14 -5.98 1.95
CA ALA A 33 -3.34 -6.62 1.40
C ALA A 33 -3.95 -5.77 0.29
N LEU A 34 -3.87 -4.46 0.45
CA LEU A 34 -4.41 -3.54 -0.56
C LEU A 34 -3.53 -3.56 -1.81
N LEU A 35 -2.23 -3.34 -1.62
CA LEU A 35 -1.30 -3.21 -2.74
C LEU A 35 -1.10 -4.53 -3.49
N CYS A 36 -1.35 -5.66 -2.82
CA CYS A 36 -1.30 -6.97 -3.48
C CYS A 36 -2.35 -7.09 -4.58
N ARG A 37 -3.30 -6.17 -4.59
CA ARG A 37 -4.38 -6.19 -5.57
C ARG A 37 -4.04 -5.25 -6.72
N ARG A 38 -2.88 -4.61 -6.61
CA ARG A 38 -2.39 -3.71 -7.65
C ARG A 38 -1.09 -4.27 -8.25
N LEU A 39 -0.16 -4.64 -7.38
CA LEU A 39 1.14 -5.13 -7.82
C LEU A 39 1.46 -6.46 -7.15
N SER A 40 2.61 -7.02 -7.48
CA SER A 40 3.02 -8.31 -6.92
C SER A 40 3.88 -8.11 -5.67
N HIS A 41 4.20 -9.23 -5.02
CA HIS A 41 4.96 -9.21 -3.77
C HIS A 41 6.32 -8.53 -3.93
N ASP A 42 6.92 -8.62 -5.10
CA ASP A 42 8.23 -8.03 -5.33
C ASP A 42 8.12 -6.50 -5.44
N GLU A 43 7.11 -6.04 -6.15
CA GLU A 43 6.87 -4.60 -6.28
C GLU A 43 6.57 -3.98 -4.93
N VAL A 44 5.67 -4.60 -4.17
CA VAL A 44 5.33 -4.09 -2.85
C VAL A 44 6.53 -4.20 -1.89
N LYS A 45 7.34 -5.24 -2.09
CA LYS A 45 8.58 -5.41 -1.34
C LYS A 45 9.51 -4.23 -1.61
N ALA A 46 9.68 -3.90 -2.89
CA ALA A 46 10.55 -2.81 -3.30
C ALA A 46 10.08 -1.49 -2.71
N VAL A 47 8.81 -1.17 -2.94
CA VAL A 47 8.22 0.07 -2.45
C VAL A 47 8.38 0.22 -0.95
N ALA A 48 8.00 -0.81 -0.19
CA ALA A 48 8.09 -0.75 1.26
C ALA A 48 9.53 -0.51 1.72
N ASN A 49 10.46 -1.20 1.06
CA ASN A 49 11.87 -1.12 1.42
C ASN A 49 12.42 0.28 1.17
N GLU A 50 12.16 0.83 -0.01
CA GLU A 50 12.66 2.16 -0.35
C GLU A 50 11.87 3.24 0.39
N LEU A 51 10.61 2.97 0.66
CA LEU A 51 9.78 3.88 1.43
C LEU A 51 10.36 4.04 2.84
N MET A 52 10.81 2.92 3.41
CA MET A 52 11.52 2.97 4.70
C MET A 52 12.85 3.70 4.56
N ARG A 53 13.53 3.45 3.44
CA ARG A 53 14.88 3.97 3.22
C ARG A 53 14.89 5.48 3.04
N LEU A 54 14.05 5.98 2.14
CA LEU A 54 14.05 7.40 1.82
C LEU A 54 13.12 8.19 2.73
N GLY A 55 12.03 7.56 3.15
CA GLY A 55 11.07 8.24 4.00
C GLY A 55 11.10 7.72 5.42
N ASP A 56 9.94 7.64 6.04
CA ASP A 56 9.83 7.10 7.39
C ASP A 56 8.74 6.06 7.46
N PHE A 57 8.98 5.06 8.29
CA PHE A 57 8.12 3.90 8.41
C PHE A 57 8.45 3.23 9.74
N ASP A 58 7.51 2.49 10.31
CA ASP A 58 7.81 1.77 11.54
C ASP A 58 8.88 0.73 11.27
N GLN A 59 9.90 0.68 12.11
CA GLN A 59 11.07 -0.15 11.84
C GLN A 59 10.78 -1.63 12.12
N ILE A 60 10.20 -2.28 11.14
CA ILE A 60 9.89 -3.71 11.20
C ILE A 60 10.59 -4.43 10.07
N ASP A 61 10.29 -5.72 9.91
CA ASP A 61 10.84 -6.49 8.80
C ASP A 61 9.77 -6.69 7.73
N ILE A 62 10.09 -6.29 6.51
CA ILE A 62 9.15 -6.36 5.40
C ILE A 62 8.90 -7.81 4.98
N GLY A 63 9.95 -8.63 5.00
CA GLY A 63 9.82 -10.01 4.57
C GLY A 63 8.81 -10.77 5.40
N VAL A 64 8.91 -10.65 6.71
CA VAL A 64 7.99 -11.30 7.64
C VAL A 64 6.55 -10.84 7.40
N VAL A 65 6.38 -9.58 7.03
CA VAL A 65 5.04 -9.02 6.83
C VAL A 65 4.45 -9.45 5.49
N ILE A 66 5.17 -9.19 4.40
CA ILE A 66 4.60 -9.36 3.07
C ILE A 66 4.61 -10.82 2.60
N THR A 67 5.71 -11.52 2.78
CA THR A 67 5.84 -12.85 2.21
C THR A 67 5.52 -13.93 3.22
N HIS A 68 5.09 -13.51 4.41
CA HIS A 68 4.68 -14.44 5.44
C HIS A 68 3.28 -14.07 5.93
N PHE A 69 2.31 -14.19 5.03
CA PHE A 69 0.91 -13.95 5.36
C PHE A 69 0.47 -14.81 6.55
N THR A 70 -0.46 -14.29 7.32
CA THR A 70 -0.98 -15.01 8.47
C THR A 70 -2.50 -15.11 8.33
N ASP A 71 -3.12 -16.02 9.07
CA ASP A 71 -4.57 -16.23 8.98
C ASP A 71 -5.33 -15.13 9.71
N GLU A 72 -4.63 -14.42 10.59
CA GLU A 72 -5.24 -13.34 11.35
C GLU A 72 -4.83 -11.98 10.79
N LEU A 73 -3.63 -11.90 10.25
CA LEU A 73 -3.11 -10.66 9.69
C LEU A 73 -2.92 -10.79 8.19
N PRO A 74 -3.39 -9.81 7.40
CA PRO A 74 -4.02 -8.60 7.93
C PRO A 74 -5.50 -8.78 8.26
N SER A 75 -5.93 -8.12 9.32
CA SER A 75 -7.32 -8.19 9.76
C SER A 75 -8.19 -7.24 8.93
N PRO A 76 -9.40 -7.68 8.55
CA PRO A 76 -10.32 -6.89 7.71
C PRO A 76 -10.63 -5.52 8.29
N GLU A 77 -10.77 -5.47 9.61
CA GLU A 77 -11.05 -4.22 10.33
C GLU A 77 -9.95 -3.19 10.04
N ASP A 78 -8.71 -3.65 10.06
CA ASP A 78 -7.56 -2.79 9.81
C ASP A 78 -7.47 -2.43 8.33
N VAL A 79 -7.78 -3.39 7.48
CA VAL A 79 -7.78 -3.16 6.03
C VAL A 79 -8.73 -2.03 5.66
N GLU A 80 -9.94 -2.07 6.21
CA GLU A 80 -10.94 -1.03 5.97
C GLU A 80 -10.44 0.30 6.51
N ARG A 81 -9.74 0.27 7.64
CA ARG A 81 -9.22 1.48 8.26
C ARG A 81 -8.14 2.13 7.40
N VAL A 82 -7.17 1.34 6.93
CA VAL A 82 -6.12 1.89 6.07
C VAL A 82 -6.70 2.36 4.74
N ARG A 83 -7.73 1.65 4.28
CA ARG A 83 -8.43 2.00 3.06
C ARG A 83 -9.00 3.41 3.17
N ALA A 84 -9.76 3.65 4.23
CA ALA A 84 -10.35 4.98 4.46
C ALA A 84 -9.27 6.04 4.64
N ARG A 85 -8.21 5.69 5.38
CA ARG A 85 -7.10 6.61 5.62
C ARG A 85 -6.51 7.09 4.30
N LEU A 86 -6.09 6.14 3.48
CA LEU A 86 -5.43 6.46 2.21
C LEU A 86 -6.40 7.13 1.25
N ALA A 87 -7.64 6.63 1.20
CA ALA A 87 -8.65 7.15 0.27
C ALA A 87 -8.94 8.63 0.55
N ALA A 88 -8.70 9.04 1.79
CA ALA A 88 -8.90 10.44 2.19
C ALA A 88 -7.90 11.36 1.48
N GLN A 89 -6.78 10.80 1.03
CA GLN A 89 -5.78 11.56 0.31
C GLN A 89 -5.86 11.27 -1.18
N GLY A 90 -6.17 10.03 -1.52
CA GLY A 90 -6.33 9.64 -2.90
C GLY A 90 -6.57 8.16 -3.02
N TRP A 91 -6.97 7.70 -4.19
CA TRP A 91 -7.24 6.29 -4.39
C TRP A 91 -7.11 5.93 -5.87
N PRO A 92 -5.90 5.56 -6.30
CA PRO A 92 -5.63 5.21 -7.70
C PRO A 92 -6.07 3.78 -8.04
N LEU A 93 -6.97 3.23 -7.22
CA LEU A 93 -7.48 1.89 -7.45
C LEU A 93 -8.90 1.96 -7.99
N ASP A 94 -9.01 1.98 -9.30
CA ASP A 94 -10.31 1.98 -9.96
C ASP A 94 -10.31 0.97 -11.10
N ASP A 95 -11.29 0.08 -11.09
CA ASP A 95 -11.37 -1.01 -12.07
C ASP A 95 -12.68 -1.77 -11.85
N VAL A 96 -12.81 -2.93 -12.47
CA VAL A 96 -14.02 -3.75 -12.30
C VAL A 96 -13.86 -4.67 -11.09
N ARG A 97 -14.91 -4.79 -10.30
CA ARG A 97 -14.84 -5.57 -9.07
C ARG A 97 -15.61 -6.87 -9.21
N ASP A 98 -14.93 -7.99 -9.03
CA ASP A 98 -15.58 -9.30 -9.11
C ASP A 98 -15.89 -9.84 -7.72
N ARG A 99 -15.72 -9.01 -6.71
CA ARG A 99 -16.00 -9.40 -5.33
C ARG A 99 -16.29 -8.18 -4.47
N GLU A 100 -17.30 -7.42 -4.88
CA GLU A 100 -17.70 -6.21 -4.18
C GLU A 100 -18.96 -6.48 -3.35
N GLU A 101 -19.17 -7.74 -3.05
CA GLU A 101 -20.40 -8.17 -2.39
C GLU A 101 -20.11 -8.71 -1.00
N HIS A 102 -21.17 -8.87 -0.22
CA HIS A 102 -21.06 -9.36 1.14
C HIS A 102 -22.42 -9.80 1.66
N ALA A 103 -22.64 -11.11 1.65
CA ALA A 103 -23.89 -11.68 2.10
C ALA A 103 -23.63 -12.98 2.84
N GLY A 1 4.49 7.86 -23.02
CA GLY A 1 5.68 7.88 -22.13
C GLY A 1 5.36 7.36 -20.74
N SER A 2 4.58 6.29 -20.68
CA SER A 2 4.17 5.73 -19.40
C SER A 2 5.29 4.91 -18.77
N HIS A 3 5.96 5.50 -17.79
CA HIS A 3 7.06 4.84 -17.10
C HIS A 3 6.56 4.27 -15.77
N MET A 4 6.80 2.98 -15.56
CA MET A 4 6.30 2.28 -14.38
C MET A 4 7.01 2.75 -13.12
N ASN A 5 8.25 3.22 -13.26
CA ASN A 5 9.02 3.73 -12.13
C ASN A 5 8.29 4.89 -11.47
N ARG A 6 7.69 5.75 -12.28
CA ARG A 6 6.93 6.90 -11.78
C ARG A 6 5.76 6.43 -10.93
N PHE A 7 5.10 5.38 -11.41
CA PHE A 7 3.92 4.86 -10.74
C PHE A 7 4.29 4.33 -9.36
N LEU A 8 5.41 3.62 -9.29
CA LEU A 8 5.87 3.07 -8.01
C LEU A 8 6.21 4.18 -7.03
N THR A 9 6.92 5.20 -7.52
CA THR A 9 7.23 6.37 -6.69
C THR A 9 5.95 7.07 -6.25
N SER A 10 4.95 7.10 -7.14
CA SER A 10 3.67 7.70 -6.83
C SER A 10 2.94 6.90 -5.75
N ILE A 11 3.12 5.58 -5.76
CA ILE A 11 2.55 4.73 -4.72
C ILE A 11 3.21 5.05 -3.39
N VAL A 12 4.53 5.18 -3.41
CA VAL A 12 5.30 5.60 -2.24
C VAL A 12 4.74 6.91 -1.67
N ALA A 13 4.58 7.90 -2.54
CA ALA A 13 4.02 9.18 -2.15
C ALA A 13 2.61 9.02 -1.59
N TRP A 14 1.82 8.20 -2.27
CA TRP A 14 0.46 7.88 -1.83
C TRP A 14 0.47 7.29 -0.41
N LEU A 15 1.32 6.30 -0.19
CA LEU A 15 1.40 5.62 1.10
C LEU A 15 1.85 6.57 2.20
N ARG A 16 2.91 7.35 1.95
CA ARG A 16 3.42 8.25 2.96
C ARG A 16 2.45 9.42 3.19
N ALA A 17 1.78 9.86 2.13
CA ALA A 17 0.75 10.89 2.28
C ALA A 17 -0.41 10.36 3.09
N GLY A 18 -0.62 9.04 2.99
CA GLY A 18 -1.61 8.39 3.82
C GLY A 18 -1.23 8.40 5.30
N TYR A 19 0.07 8.40 5.59
CA TYR A 19 0.56 8.37 6.96
C TYR A 19 1.78 9.27 7.12
N PRO A 20 1.57 10.60 7.12
CA PRO A 20 2.68 11.57 7.18
C PRO A 20 3.31 11.64 8.56
N GLU A 21 2.66 11.02 9.53
CA GLU A 21 3.15 11.01 10.89
C GLU A 21 3.89 9.70 11.18
N GLY A 22 3.98 8.86 10.15
CA GLY A 22 4.61 7.57 10.31
C GLY A 22 3.63 6.44 10.07
N ILE A 23 4.11 5.36 9.49
CA ILE A 23 3.26 4.22 9.19
C ILE A 23 3.30 3.23 10.34
N PRO A 24 2.16 3.04 11.03
CA PRO A 24 2.07 2.12 12.16
C PRO A 24 2.23 0.66 11.74
N PRO A 25 2.72 -0.18 12.66
CA PRO A 25 3.00 -1.60 12.39
C PRO A 25 1.80 -2.37 11.87
N THR A 26 0.67 -2.24 12.56
CA THR A 26 -0.55 -2.92 12.18
C THR A 26 -0.99 -2.52 10.78
N ASP A 27 -1.12 -1.22 10.57
CA ASP A 27 -1.65 -0.67 9.32
C ASP A 27 -0.79 -1.04 8.13
N SER A 28 0.47 -1.37 8.37
CA SER A 28 1.36 -1.81 7.32
C SER A 28 0.89 -3.13 6.71
N PHE A 29 0.31 -3.97 7.55
CA PHE A 29 -0.24 -5.25 7.09
C PHE A 29 -1.52 -5.00 6.30
N ALA A 30 -2.26 -3.98 6.72
CA ALA A 30 -3.45 -3.54 6.01
C ALA A 30 -3.08 -2.99 4.64
N VAL A 31 -2.00 -2.21 4.59
CA VAL A 31 -1.45 -1.73 3.33
C VAL A 31 -1.14 -2.91 2.43
N LEU A 32 -0.46 -3.91 3.00
CA LEU A 32 -0.15 -5.13 2.27
C LEU A 32 -1.41 -5.75 1.67
N ALA A 33 -2.45 -5.88 2.49
CA ALA A 33 -3.69 -6.52 2.06
C ALA A 33 -4.31 -5.79 0.87
N LEU A 34 -4.48 -4.48 1.01
CA LEU A 34 -5.14 -3.70 -0.02
C LEU A 34 -4.24 -3.54 -1.25
N LEU A 35 -2.97 -3.20 -1.04
CA LEU A 35 -2.08 -2.90 -2.15
C LEU A 35 -1.79 -4.15 -2.98
N CYS A 36 -1.73 -5.30 -2.31
CA CYS A 36 -1.45 -6.56 -3.01
C CYS A 36 -2.57 -6.92 -3.97
N ARG A 37 -3.72 -6.26 -3.84
CA ARG A 37 -4.86 -6.52 -4.71
C ARG A 37 -4.62 -5.93 -6.10
N ARG A 38 -3.61 -5.08 -6.24
CA ARG A 38 -3.20 -4.58 -7.55
C ARG A 38 -1.73 -4.88 -7.79
N LEU A 39 -0.91 -4.56 -6.80
CA LEU A 39 0.53 -4.75 -6.92
C LEU A 39 0.97 -5.92 -6.06
N SER A 40 1.77 -6.80 -6.63
CA SER A 40 2.18 -8.01 -5.95
C SER A 40 3.28 -7.72 -4.94
N HIS A 41 3.70 -8.76 -4.21
CA HIS A 41 4.69 -8.59 -3.14
C HIS A 41 6.02 -8.06 -3.66
N ASP A 42 6.30 -8.26 -4.94
CA ASP A 42 7.51 -7.70 -5.54
C ASP A 42 7.40 -6.18 -5.63
N GLU A 43 6.33 -5.71 -6.24
CA GLU A 43 6.09 -4.28 -6.36
C GLU A 43 6.06 -3.61 -5.00
N VAL A 44 5.32 -4.20 -4.06
CA VAL A 44 5.21 -3.63 -2.72
C VAL A 44 6.53 -3.71 -1.98
N LYS A 45 7.33 -4.76 -2.24
CA LYS A 45 8.65 -4.88 -1.63
C LYS A 45 9.54 -3.72 -2.05
N ALA A 46 9.55 -3.43 -3.35
CA ALA A 46 10.31 -2.30 -3.87
C ALA A 46 9.84 -1.00 -3.22
N VAL A 47 8.52 -0.80 -3.23
CA VAL A 47 7.91 0.38 -2.62
C VAL A 47 8.29 0.51 -1.16
N ALA A 48 8.06 -0.54 -0.37
CA ALA A 48 8.36 -0.50 1.06
C ALA A 48 9.85 -0.29 1.29
N ASN A 49 10.67 -0.85 0.41
CA ASN A 49 12.11 -0.73 0.52
C ASN A 49 12.53 0.73 0.40
N GLU A 50 12.08 1.42 -0.64
CA GLU A 50 12.43 2.82 -0.83
C GLU A 50 11.64 3.71 0.13
N LEU A 51 10.41 3.31 0.43
CA LEU A 51 9.56 4.05 1.36
C LEU A 51 10.22 4.15 2.73
N MET A 52 10.75 3.03 3.23
CA MET A 52 11.46 3.01 4.51
C MET A 52 12.74 3.83 4.44
N ARG A 53 13.57 3.55 3.44
CA ARG A 53 14.90 4.15 3.33
C ARG A 53 14.85 5.67 3.11
N LEU A 54 14.07 6.10 2.12
CA LEU A 54 14.02 7.51 1.77
C LEU A 54 13.42 8.35 2.89
N GLY A 55 12.50 7.77 3.64
CA GLY A 55 11.89 8.47 4.75
C GLY A 55 12.17 7.77 6.05
N ASP A 56 11.12 7.53 6.83
CA ASP A 56 11.25 6.79 8.08
C ASP A 56 10.08 5.84 8.21
N PHE A 57 10.19 4.88 9.11
CA PHE A 57 9.20 3.83 9.24
C PHE A 57 9.28 3.21 10.62
N ASP A 58 8.39 2.26 10.92
CA ASP A 58 8.48 1.51 12.16
C ASP A 58 9.41 0.32 11.96
N GLN A 59 10.01 -0.16 13.05
CA GLN A 59 10.96 -1.27 12.96
C GLN A 59 10.22 -2.59 12.77
N ILE A 60 9.76 -2.82 11.55
CA ILE A 60 9.09 -4.06 11.20
C ILE A 60 9.67 -4.62 9.92
N ASP A 61 9.67 -5.94 9.80
CA ASP A 61 10.18 -6.60 8.62
C ASP A 61 9.06 -6.84 7.62
N ILE A 62 8.82 -5.85 6.77
CA ILE A 62 7.78 -5.93 5.76
C ILE A 62 8.16 -6.93 4.69
N GLY A 63 9.46 -7.04 4.42
CA GLY A 63 9.96 -7.99 3.43
C GLY A 63 9.51 -9.40 3.74
N VAL A 64 9.39 -9.72 5.03
CA VAL A 64 8.93 -11.02 5.45
C VAL A 64 7.40 -11.08 5.42
N VAL A 65 6.76 -10.01 5.87
CA VAL A 65 5.30 -9.94 5.94
C VAL A 65 4.65 -10.12 4.56
N ILE A 66 5.18 -9.45 3.55
CA ILE A 66 4.58 -9.46 2.22
C ILE A 66 4.87 -10.75 1.47
N THR A 67 5.89 -11.48 1.89
CA THR A 67 6.24 -12.73 1.24
C THR A 67 5.79 -13.92 2.07
N HIS A 68 5.27 -13.61 3.24
CA HIS A 68 4.77 -14.63 4.16
C HIS A 68 3.62 -14.03 4.99
N PHE A 69 2.41 -14.16 4.47
CA PHE A 69 1.23 -13.62 5.13
C PHE A 69 1.06 -14.21 6.52
N THR A 70 0.82 -13.33 7.48
CA THR A 70 0.56 -13.74 8.85
C THR A 70 -0.76 -14.51 8.92
N ASP A 71 -0.90 -15.38 9.91
CA ASP A 71 -2.11 -16.18 10.04
C ASP A 71 -3.20 -15.37 10.73
N GLU A 72 -2.80 -14.58 11.71
CA GLU A 72 -3.71 -13.74 12.46
C GLU A 72 -3.88 -12.35 11.83
N LEU A 73 -2.87 -11.90 11.10
CA LEU A 73 -2.91 -10.59 10.46
C LEU A 73 -3.04 -10.75 8.95
N PRO A 74 -3.56 -9.73 8.25
CA PRO A 74 -4.03 -8.48 8.84
C PRO A 74 -5.49 -8.56 9.30
N SER A 75 -5.94 -7.52 9.99
CA SER A 75 -7.29 -7.49 10.55
C SER A 75 -8.24 -6.74 9.61
N PRO A 76 -9.50 -7.22 9.48
CA PRO A 76 -10.50 -6.61 8.58
C PRO A 76 -10.73 -5.13 8.87
N GLU A 77 -10.83 -4.79 10.15
CA GLU A 77 -11.04 -3.42 10.57
C GLU A 77 -9.85 -2.56 10.16
N ASP A 78 -8.67 -3.12 10.41
CA ASP A 78 -7.41 -2.49 10.06
C ASP A 78 -7.34 -2.24 8.54
N VAL A 79 -7.70 -3.26 7.78
CA VAL A 79 -7.71 -3.18 6.32
C VAL A 79 -8.64 -2.08 5.81
N GLU A 80 -9.87 -2.04 6.33
CA GLU A 80 -10.84 -1.06 5.85
C GLU A 80 -10.44 0.35 6.30
N ARG A 81 -9.75 0.44 7.42
CA ARG A 81 -9.28 1.72 7.91
C ARG A 81 -8.20 2.27 6.98
N VAL A 82 -7.23 1.45 6.62
CA VAL A 82 -6.18 1.87 5.70
C VAL A 82 -6.79 2.20 4.34
N ARG A 83 -7.84 1.45 3.98
CA ARG A 83 -8.58 1.69 2.75
C ARG A 83 -9.16 3.11 2.74
N ALA A 84 -9.86 3.47 3.81
CA ALA A 84 -10.47 4.79 3.93
C ALA A 84 -9.42 5.89 3.96
N ARG A 85 -8.38 5.70 4.78
CA ARG A 85 -7.33 6.69 4.93
C ARG A 85 -6.60 6.96 3.63
N LEU A 86 -6.24 5.90 2.92
CA LEU A 86 -5.48 6.04 1.67
C LEU A 86 -6.35 6.58 0.54
N ALA A 87 -7.65 6.26 0.58
CA ALA A 87 -8.58 6.71 -0.45
C ALA A 87 -8.71 8.23 -0.47
N ALA A 88 -8.42 8.86 0.66
CA ALA A 88 -8.51 10.32 0.78
C ALA A 88 -7.45 11.00 -0.08
N GLN A 89 -6.37 10.29 -0.37
CA GLN A 89 -5.31 10.82 -1.23
C GLN A 89 -5.59 10.48 -2.68
N GLY A 90 -6.57 9.62 -2.87
CA GLY A 90 -6.87 9.11 -4.19
C GLY A 90 -6.84 7.60 -4.19
N TRP A 91 -7.21 6.98 -5.31
CA TRP A 91 -7.23 5.54 -5.39
C TRP A 91 -6.65 5.08 -6.71
N PRO A 92 -5.32 5.01 -6.81
CA PRO A 92 -4.62 4.61 -8.02
C PRO A 92 -4.70 3.11 -8.28
N LEU A 93 -5.52 2.43 -7.48
CA LEU A 93 -5.72 0.99 -7.65
C LEU A 93 -6.81 0.75 -8.68
N ASP A 94 -7.49 1.82 -9.07
CA ASP A 94 -8.52 1.76 -10.09
C ASP A 94 -8.45 3.02 -10.94
N ASP A 95 -9.21 3.05 -12.02
CA ASP A 95 -9.16 4.16 -12.96
C ASP A 95 -10.52 4.83 -13.07
N VAL A 96 -10.52 6.08 -13.50
CA VAL A 96 -11.76 6.79 -13.75
C VAL A 96 -12.11 6.71 -15.23
N ARG A 97 -13.26 6.16 -15.53
CA ARG A 97 -13.67 5.93 -16.90
C ARG A 97 -14.85 6.83 -17.28
N ASP A 98 -15.62 6.42 -18.28
CA ASP A 98 -16.75 7.20 -18.81
C ASP A 98 -16.28 8.37 -19.65
N ARG A 99 -14.99 8.37 -19.93
CA ARG A 99 -14.38 9.38 -20.79
C ARG A 99 -13.51 8.71 -21.83
N GLU A 100 -14.07 7.67 -22.44
CA GLU A 100 -13.38 6.88 -23.45
C GLU A 100 -13.22 7.72 -24.71
N GLU A 101 -11.99 8.16 -24.96
CA GLU A 101 -11.73 9.14 -26.00
C GLU A 101 -11.30 8.51 -27.32
N HIS A 102 -11.43 9.28 -28.38
CA HIS A 102 -11.02 8.87 -29.71
C HIS A 102 -10.25 10.01 -30.36
N ALA A 103 -9.57 9.71 -31.45
CA ALA A 103 -8.84 10.73 -32.19
C ALA A 103 -9.60 11.13 -33.43
N GLY A 1 10.34 10.18 -22.93
CA GLY A 1 10.38 10.38 -21.47
C GLY A 1 9.63 9.29 -20.71
N SER A 2 9.91 8.04 -21.07
CA SER A 2 9.23 6.91 -20.45
C SER A 2 10.10 6.31 -19.34
N HIS A 3 9.60 6.35 -18.11
CA HIS A 3 10.33 5.79 -17.00
C HIS A 3 9.37 5.25 -15.93
N MET A 4 9.58 3.99 -15.56
CA MET A 4 8.70 3.27 -14.63
C MET A 4 8.64 3.95 -13.26
N ASN A 5 9.63 4.77 -12.97
CA ASN A 5 9.69 5.51 -11.72
C ASN A 5 8.42 6.33 -11.49
N ARG A 6 7.83 6.80 -12.60
CA ARG A 6 6.64 7.64 -12.54
C ARG A 6 5.51 6.95 -11.75
N PHE A 7 5.35 5.65 -11.95
CA PHE A 7 4.27 4.91 -11.30
C PHE A 7 4.60 4.65 -9.84
N LEU A 8 5.79 4.11 -9.60
CA LEU A 8 6.23 3.76 -8.25
C LEU A 8 6.24 4.98 -7.33
N THR A 9 6.82 6.07 -7.81
CA THR A 9 6.87 7.32 -7.04
C THR A 9 5.47 7.84 -6.74
N SER A 10 4.55 7.68 -7.69
CA SER A 10 3.17 8.07 -7.48
C SER A 10 2.57 7.26 -6.32
N ILE A 11 2.82 5.95 -6.33
CA ILE A 11 2.35 5.07 -5.27
C ILE A 11 2.99 5.44 -3.93
N VAL A 12 4.31 5.64 -3.94
CA VAL A 12 5.04 6.04 -2.73
C VAL A 12 4.46 7.32 -2.15
N ALA A 13 4.24 8.31 -3.01
CA ALA A 13 3.67 9.58 -2.59
C ALA A 13 2.29 9.37 -1.97
N TRP A 14 1.50 8.51 -2.60
CA TRP A 14 0.17 8.14 -2.09
C TRP A 14 0.29 7.51 -0.70
N LEU A 15 1.16 6.51 -0.58
CA LEU A 15 1.34 5.79 0.67
C LEU A 15 1.75 6.72 1.80
N ARG A 16 2.74 7.57 1.55
CA ARG A 16 3.22 8.49 2.57
C ARG A 16 2.16 9.54 2.89
N ALA A 17 1.45 9.99 1.86
CA ALA A 17 0.38 10.97 2.06
C ALA A 17 -0.73 10.39 2.92
N GLY A 18 -0.90 9.07 2.84
CA GLY A 18 -1.83 8.39 3.72
C GLY A 18 -1.46 8.50 5.19
N TYR A 19 -0.16 8.46 5.47
CA TYR A 19 0.32 8.52 6.85
C TYR A 19 1.64 9.30 6.91
N PRO A 20 1.56 10.64 6.83
CA PRO A 20 2.75 11.51 6.82
C PRO A 20 3.45 11.52 8.18
N GLU A 21 2.74 11.10 9.21
CA GLU A 21 3.29 11.05 10.56
C GLU A 21 3.94 9.69 10.82
N GLY A 22 3.85 8.81 9.84
CA GLY A 22 4.41 7.48 9.98
C GLY A 22 3.32 6.42 9.96
N ILE A 23 3.55 5.36 9.19
CA ILE A 23 2.56 4.30 9.07
C ILE A 23 2.70 3.31 10.22
N PRO A 24 1.69 3.23 11.11
CA PRO A 24 1.72 2.32 12.27
C PRO A 24 1.75 0.86 11.86
N PRO A 25 2.28 -0.03 12.73
CA PRO A 25 2.44 -1.45 12.45
C PRO A 25 1.16 -2.13 11.96
N THR A 26 0.06 -1.86 12.64
CA THR A 26 -1.24 -2.43 12.28
C THR A 26 -1.64 -2.02 10.88
N ASP A 27 -1.47 -0.74 10.60
CA ASP A 27 -1.86 -0.16 9.32
C ASP A 27 -0.88 -0.56 8.23
N SER A 28 0.35 -0.85 8.62
CA SER A 28 1.36 -1.31 7.67
C SER A 28 0.96 -2.66 7.08
N PHE A 29 0.47 -3.55 7.94
CA PHE A 29 -0.03 -4.84 7.49
C PHE A 29 -1.26 -4.64 6.60
N ALA A 30 -2.05 -3.64 6.95
CA ALA A 30 -3.22 -3.28 6.16
C ALA A 30 -2.80 -2.81 4.77
N VAL A 31 -1.79 -1.93 4.72
CA VAL A 31 -1.24 -1.44 3.47
C VAL A 31 -0.77 -2.60 2.60
N LEU A 32 0.02 -3.50 3.20
CA LEU A 32 0.56 -4.61 2.45
C LEU A 32 -0.56 -5.49 1.91
N ALA A 33 -1.61 -5.70 2.71
CA ALA A 33 -2.74 -6.50 2.29
C ALA A 33 -3.44 -5.89 1.08
N LEU A 34 -3.70 -4.59 1.15
CA LEU A 34 -4.38 -3.89 0.05
C LEU A 34 -3.52 -3.88 -1.22
N LEU A 35 -2.24 -3.59 -1.05
CA LEU A 35 -1.33 -3.49 -2.19
C LEU A 35 -1.09 -4.85 -2.85
N CYS A 36 -1.06 -5.91 -2.04
CA CYS A 36 -0.84 -7.26 -2.58
C CYS A 36 -1.98 -7.72 -3.47
N ARG A 37 -3.13 -7.06 -3.35
CA ARG A 37 -4.29 -7.44 -4.14
C ARG A 37 -4.37 -6.61 -5.41
N ARG A 38 -3.42 -5.70 -5.57
CA ARG A 38 -3.34 -4.89 -6.77
C ARG A 38 -2.03 -5.16 -7.51
N LEU A 39 -0.94 -5.16 -6.77
CA LEU A 39 0.37 -5.41 -7.34
C LEU A 39 0.94 -6.71 -6.79
N SER A 40 2.05 -7.16 -7.35
CA SER A 40 2.63 -8.43 -6.95
C SER A 40 3.64 -8.23 -5.82
N HIS A 41 4.18 -9.35 -5.34
CA HIS A 41 5.13 -9.35 -4.22
C HIS A 41 6.36 -8.51 -4.52
N ASP A 42 6.75 -8.46 -5.79
CA ASP A 42 7.92 -7.67 -6.19
C ASP A 42 7.64 -6.19 -5.96
N GLU A 43 6.54 -5.70 -6.53
CA GLU A 43 6.17 -4.30 -6.40
C GLU A 43 5.99 -3.90 -4.95
N VAL A 44 5.26 -4.72 -4.19
CA VAL A 44 4.98 -4.38 -2.79
C VAL A 44 6.26 -4.40 -1.95
N LYS A 45 7.13 -5.37 -2.21
CA LYS A 45 8.40 -5.43 -1.49
C LYS A 45 9.27 -4.22 -1.86
N ALA A 46 9.24 -3.87 -3.14
CA ALA A 46 10.02 -2.75 -3.64
C ALA A 46 9.56 -1.42 -3.05
N VAL A 47 8.26 -1.19 -3.05
CA VAL A 47 7.71 0.07 -2.55
C VAL A 47 7.86 0.17 -1.03
N ALA A 48 7.67 -0.94 -0.33
CA ALA A 48 7.84 -0.96 1.12
C ALA A 48 9.30 -0.73 1.48
N ASN A 49 10.20 -1.43 0.79
CA ASN A 49 11.63 -1.28 1.02
C ASN A 49 12.07 0.14 0.72
N GLU A 50 11.59 0.69 -0.39
CA GLU A 50 11.93 2.05 -0.81
C GLU A 50 11.49 3.06 0.25
N LEU A 51 10.26 2.91 0.72
CA LEU A 51 9.67 3.84 1.65
C LEU A 51 10.32 3.73 3.03
N MET A 52 10.75 2.53 3.40
CA MET A 52 11.50 2.32 4.62
C MET A 52 12.94 2.82 4.45
N ARG A 53 13.45 2.68 3.24
CA ARG A 53 14.77 3.17 2.86
C ARG A 53 14.84 4.68 3.04
N LEU A 54 13.75 5.36 2.71
CA LEU A 54 13.65 6.80 2.88
C LEU A 54 13.61 7.17 4.36
N GLY A 55 13.10 6.25 5.17
CA GLY A 55 13.03 6.48 6.60
C GLY A 55 11.71 7.10 7.02
N ASP A 56 10.76 7.14 6.11
CA ASP A 56 9.46 7.76 6.39
C ASP A 56 8.44 6.70 6.82
N PHE A 57 8.90 5.48 6.95
CA PHE A 57 8.06 4.37 7.38
C PHE A 57 8.38 4.03 8.84
N ASP A 58 7.59 3.16 9.45
CA ASP A 58 7.92 2.66 10.78
C ASP A 58 8.72 1.38 10.64
N GLN A 59 9.53 1.06 11.63
CA GLN A 59 10.41 -0.10 11.53
C GLN A 59 9.69 -1.38 11.94
N ILE A 60 9.01 -2.00 10.98
CA ILE A 60 8.41 -3.31 11.19
C ILE A 60 8.69 -4.19 9.97
N ASP A 61 8.59 -5.51 10.14
CA ASP A 61 8.89 -6.43 9.06
C ASP A 61 7.73 -6.54 8.08
N ILE A 62 7.71 -5.65 7.09
CA ILE A 62 6.69 -5.72 6.04
C ILE A 62 7.14 -6.65 4.92
N GLY A 63 8.43 -6.59 4.60
CA GLY A 63 8.97 -7.44 3.56
C GLY A 63 8.80 -8.92 3.87
N VAL A 64 8.66 -9.22 5.16
CA VAL A 64 8.44 -10.59 5.62
C VAL A 64 6.97 -11.01 5.48
N VAL A 65 6.05 -10.14 5.90
CA VAL A 65 4.64 -10.48 5.95
C VAL A 65 4.05 -10.60 4.54
N ILE A 66 4.55 -9.81 3.60
CA ILE A 66 4.07 -9.86 2.22
C ILE A 66 4.42 -11.20 1.56
N THR A 67 5.43 -11.87 2.11
CA THR A 67 5.85 -13.16 1.59
C THR A 67 5.52 -14.26 2.60
N HIS A 68 4.91 -13.86 3.71
CA HIS A 68 4.52 -14.79 4.77
C HIS A 68 3.35 -14.21 5.55
N PHE A 69 2.14 -14.40 5.03
CA PHE A 69 0.95 -13.92 5.70
C PHE A 69 0.74 -14.66 7.01
N THR A 70 0.11 -13.99 7.96
CA THR A 70 -0.06 -14.54 9.29
C THR A 70 -1.48 -15.06 9.51
N ASP A 71 -1.61 -16.04 10.39
CA ASP A 71 -2.90 -16.65 10.71
C ASP A 71 -3.97 -15.62 11.06
N GLU A 72 -3.64 -14.69 11.94
CA GLU A 72 -4.64 -13.74 12.42
C GLU A 72 -4.35 -12.31 11.96
N LEU A 73 -3.45 -12.17 11.00
CA LEU A 73 -3.05 -10.84 10.53
C LEU A 73 -2.98 -10.83 9.01
N PRO A 74 -3.44 -9.74 8.37
CA PRO A 74 -3.99 -8.57 9.06
C PRO A 74 -5.49 -8.69 9.30
N SER A 75 -6.03 -7.74 10.07
CA SER A 75 -7.45 -7.77 10.41
C SER A 75 -8.27 -6.88 9.48
N PRO A 76 -9.55 -7.23 9.27
CA PRO A 76 -10.49 -6.44 8.45
C PRO A 76 -10.61 -5.01 8.94
N GLU A 77 -10.57 -4.84 10.26
CA GLU A 77 -10.65 -3.50 10.87
C GLU A 77 -9.46 -2.64 10.43
N ASP A 78 -8.30 -3.27 10.32
CA ASP A 78 -7.09 -2.57 9.91
C ASP A 78 -7.14 -2.22 8.44
N VAL A 79 -7.39 -3.22 7.61
CA VAL A 79 -7.39 -3.03 6.15
C VAL A 79 -8.46 -2.02 5.72
N GLU A 80 -9.63 -2.10 6.32
CA GLU A 80 -10.71 -1.17 6.04
C GLU A 80 -10.33 0.23 6.49
N ARG A 81 -9.64 0.32 7.61
CA ARG A 81 -9.21 1.62 8.16
C ARG A 81 -8.25 2.30 7.19
N VAL A 82 -7.20 1.57 6.79
CA VAL A 82 -6.21 2.11 5.88
C VAL A 82 -6.85 2.45 4.54
N ARG A 83 -7.81 1.62 4.11
CA ARG A 83 -8.53 1.88 2.87
C ARG A 83 -9.26 3.21 2.95
N ALA A 84 -9.98 3.41 4.04
CA ALA A 84 -10.78 4.61 4.23
C ALA A 84 -9.92 5.86 4.27
N ARG A 85 -8.81 5.79 5.01
CA ARG A 85 -7.95 6.96 5.17
C ARG A 85 -7.11 7.23 3.91
N LEU A 86 -6.61 6.18 3.27
CA LEU A 86 -5.77 6.32 2.09
C LEU A 86 -6.59 6.77 0.89
N ALA A 87 -7.86 6.40 0.86
CA ALA A 87 -8.75 6.77 -0.26
C ALA A 87 -8.90 8.28 -0.38
N ALA A 88 -8.69 9.00 0.73
CA ALA A 88 -8.82 10.44 0.75
C ALA A 88 -7.74 11.12 -0.11
N GLN A 89 -6.65 10.41 -0.33
CA GLN A 89 -5.56 10.93 -1.15
C GLN A 89 -5.64 10.36 -2.57
N GLY A 90 -6.72 9.62 -2.82
CA GLY A 90 -6.90 8.98 -4.10
C GLY A 90 -6.85 7.47 -3.97
N TRP A 91 -7.41 6.77 -4.93
CA TRP A 91 -7.41 5.32 -4.89
C TRP A 91 -7.05 4.75 -6.26
N PRO A 92 -5.77 4.45 -6.47
CA PRO A 92 -5.26 3.95 -7.76
C PRO A 92 -5.41 2.43 -7.90
N LEU A 93 -6.25 1.84 -7.07
CA LEU A 93 -6.51 0.40 -7.15
C LEU A 93 -7.77 0.13 -7.94
N ASP A 94 -8.25 1.14 -8.66
CA ASP A 94 -9.40 0.99 -9.52
C ASP A 94 -8.97 0.38 -10.86
N ASP A 95 -9.31 -0.88 -11.06
CA ASP A 95 -8.89 -1.57 -12.27
C ASP A 95 -10.07 -1.83 -13.19
N VAL A 96 -9.80 -2.45 -14.33
CA VAL A 96 -10.82 -2.64 -15.35
C VAL A 96 -11.74 -3.80 -15.02
N ARG A 97 -13.05 -3.57 -15.16
CA ARG A 97 -14.04 -4.62 -14.94
C ARG A 97 -15.03 -4.63 -16.11
N ASP A 98 -16.13 -5.37 -15.93
CA ASP A 98 -17.13 -5.51 -16.98
C ASP A 98 -17.76 -4.18 -17.36
N ARG A 99 -17.58 -3.80 -18.62
CA ARG A 99 -18.21 -2.62 -19.18
C ARG A 99 -18.61 -2.91 -20.62
N GLU A 100 -18.97 -4.17 -20.89
CA GLU A 100 -19.33 -4.56 -22.24
C GLU A 100 -20.74 -4.10 -22.59
N GLU A 101 -20.84 -2.85 -23.01
CA GLU A 101 -22.08 -2.29 -23.48
C GLU A 101 -21.93 -1.91 -24.94
N HIS A 102 -23.04 -1.58 -25.60
CA HIS A 102 -23.00 -1.21 -27.00
C HIS A 102 -22.72 0.28 -27.15
N ALA A 103 -22.66 0.96 -26.01
CA ALA A 103 -22.34 2.37 -25.97
C ALA A 103 -21.43 2.65 -24.78
N GLY A 1 7.87 10.45 -19.88
CA GLY A 1 6.99 9.52 -20.62
C GLY A 1 6.30 8.54 -19.70
N SER A 2 5.38 7.75 -20.26
CA SER A 2 4.63 6.79 -19.47
C SER A 2 5.48 5.55 -19.19
N HIS A 3 6.09 5.52 -18.01
CA HIS A 3 6.93 4.40 -17.62
C HIS A 3 6.62 4.00 -16.19
N MET A 4 7.01 2.79 -15.81
CA MET A 4 6.70 2.25 -14.48
C MET A 4 7.21 3.16 -13.35
N ASN A 5 8.33 3.83 -13.59
CA ASN A 5 8.89 4.75 -12.60
C ASN A 5 7.87 5.79 -12.15
N ARG A 6 7.11 6.33 -13.10
CA ARG A 6 6.10 7.33 -12.79
C ARG A 6 5.04 6.75 -11.86
N PHE A 7 4.64 5.52 -12.15
CA PHE A 7 3.63 4.83 -11.36
C PHE A 7 4.17 4.51 -9.97
N LEU A 8 5.39 3.97 -9.92
CA LEU A 8 6.02 3.63 -8.65
C LEU A 8 6.14 4.86 -7.76
N THR A 9 6.60 5.96 -8.34
CA THR A 9 6.75 7.21 -7.60
C THR A 9 5.40 7.70 -7.11
N SER A 10 4.37 7.58 -7.95
CA SER A 10 3.03 8.00 -7.59
C SER A 10 2.50 7.18 -6.42
N ILE A 11 2.76 5.88 -6.43
CA ILE A 11 2.33 4.99 -5.36
C ILE A 11 3.02 5.35 -4.05
N VAL A 12 4.34 5.48 -4.11
CA VAL A 12 5.13 5.87 -2.93
C VAL A 12 4.63 7.19 -2.34
N ALA A 13 4.38 8.15 -3.22
CA ALA A 13 3.86 9.46 -2.81
C ALA A 13 2.48 9.32 -2.18
N TRP A 14 1.65 8.48 -2.80
CA TRP A 14 0.31 8.20 -2.29
C TRP A 14 0.37 7.59 -0.89
N LEU A 15 1.22 6.58 -0.75
CA LEU A 15 1.34 5.86 0.52
C LEU A 15 1.80 6.77 1.64
N ARG A 16 2.86 7.55 1.38
CA ARG A 16 3.38 8.45 2.41
C ARG A 16 2.37 9.55 2.72
N ALA A 17 1.68 10.04 1.69
CA ALA A 17 0.66 11.06 1.87
C ALA A 17 -0.50 10.53 2.71
N GLY A 18 -0.75 9.23 2.58
CA GLY A 18 -1.78 8.59 3.38
C GLY A 18 -1.42 8.56 4.87
N TYR A 19 -0.13 8.55 5.18
CA TYR A 19 0.31 8.49 6.57
C TYR A 19 1.50 9.44 6.79
N PRO A 20 1.22 10.74 6.97
CA PRO A 20 2.26 11.75 7.15
C PRO A 20 3.01 11.57 8.47
N GLU A 21 2.34 10.96 9.44
CA GLU A 21 2.93 10.73 10.75
C GLU A 21 3.84 9.51 10.71
N GLY A 22 3.76 8.77 9.62
CA GLY A 22 4.39 7.49 9.54
C GLY A 22 3.36 6.39 9.54
N ILE A 23 3.75 5.20 9.13
CA ILE A 23 2.81 4.10 9.02
C ILE A 23 2.90 3.19 10.23
N PRO A 24 1.79 3.05 10.98
CA PRO A 24 1.72 2.16 12.14
C PRO A 24 1.70 0.69 11.72
N PRO A 25 2.37 -0.20 12.50
CA PRO A 25 2.50 -1.62 12.17
C PRO A 25 1.16 -2.29 11.87
N THR A 26 0.15 -1.93 12.66
CA THR A 26 -1.19 -2.47 12.49
C THR A 26 -1.73 -2.18 11.10
N ASP A 27 -1.75 -0.89 10.75
CA ASP A 27 -2.29 -0.46 9.47
C ASP A 27 -1.32 -0.76 8.34
N SER A 28 -0.06 -0.96 8.70
CA SER A 28 0.98 -1.26 7.71
C SER A 28 0.73 -2.61 7.04
N PHE A 29 0.29 -3.58 7.84
CA PHE A 29 -0.05 -4.89 7.31
C PHE A 29 -1.28 -4.77 6.43
N ALA A 30 -2.16 -3.84 6.80
CA ALA A 30 -3.33 -3.53 6.01
C ALA A 30 -2.92 -2.87 4.69
N VAL A 31 -1.90 -2.00 4.77
CA VAL A 31 -1.34 -1.36 3.58
C VAL A 31 -0.83 -2.42 2.60
N LEU A 32 -0.02 -3.34 3.10
CA LEU A 32 0.54 -4.39 2.26
C LEU A 32 -0.58 -5.28 1.70
N ALA A 33 -1.60 -5.54 2.51
CA ALA A 33 -2.74 -6.33 2.06
C ALA A 33 -3.47 -5.63 0.93
N LEU A 34 -3.69 -4.33 1.10
CA LEU A 34 -4.40 -3.54 0.10
C LEU A 34 -3.55 -3.39 -1.15
N LEU A 35 -2.29 -3.03 -0.97
CA LEU A 35 -1.40 -2.76 -2.09
C LEU A 35 -1.10 -4.04 -2.87
N CYS A 36 -1.15 -5.18 -2.19
CA CYS A 36 -0.94 -6.47 -2.84
C CYS A 36 -2.08 -6.78 -3.81
N ARG A 37 -3.18 -6.06 -3.65
CA ARG A 37 -4.33 -6.22 -4.54
C ARG A 37 -4.16 -5.35 -5.79
N ARG A 38 -3.09 -4.57 -5.80
CA ARG A 38 -2.79 -3.69 -6.91
C ARG A 38 -1.48 -4.11 -7.57
N LEU A 39 -0.49 -4.37 -6.74
CA LEU A 39 0.82 -4.80 -7.21
C LEU A 39 1.25 -6.06 -6.47
N SER A 40 2.14 -6.82 -7.07
CA SER A 40 2.56 -8.10 -6.52
C SER A 40 3.57 -7.93 -5.37
N HIS A 41 3.92 -9.05 -4.73
CA HIS A 41 4.72 -9.04 -3.51
C HIS A 41 6.10 -8.43 -3.73
N ASP A 42 6.66 -8.54 -4.92
CA ASP A 42 7.98 -7.95 -5.17
C ASP A 42 7.90 -6.45 -5.32
N GLU A 43 6.82 -5.97 -5.92
CA GLU A 43 6.58 -4.54 -6.04
C GLU A 43 6.39 -3.91 -4.67
N VAL A 44 5.52 -4.51 -3.87
CA VAL A 44 5.26 -4.01 -2.51
C VAL A 44 6.51 -4.16 -1.64
N LYS A 45 7.29 -5.22 -1.88
CA LYS A 45 8.56 -5.41 -1.21
C LYS A 45 9.50 -4.24 -1.49
N ALA A 46 9.63 -3.90 -2.76
CA ALA A 46 10.52 -2.83 -3.19
C ALA A 46 10.11 -1.50 -2.58
N VAL A 47 8.84 -1.14 -2.76
CA VAL A 47 8.32 0.14 -2.26
C VAL A 47 8.47 0.25 -0.76
N ALA A 48 8.07 -0.78 -0.03
CA ALA A 48 8.15 -0.76 1.42
C ALA A 48 9.59 -0.52 1.89
N ASN A 49 10.52 -1.26 1.30
CA ASN A 49 11.93 -1.18 1.68
C ASN A 49 12.50 0.21 1.41
N GLU A 50 12.27 0.73 0.20
CA GLU A 50 12.84 2.02 -0.17
C GLU A 50 12.17 3.15 0.60
N LEU A 51 10.87 3.04 0.82
CA LEU A 51 10.14 4.07 1.56
C LEU A 51 10.65 4.12 3.00
N MET A 52 10.89 2.94 3.57
CA MET A 52 11.46 2.85 4.92
C MET A 52 12.83 3.51 4.98
N ARG A 53 13.67 3.19 4.01
CA ARG A 53 15.05 3.65 4.01
C ARG A 53 15.16 5.15 3.71
N LEU A 54 14.36 5.62 2.76
CA LEU A 54 14.43 7.02 2.35
C LEU A 54 13.77 7.94 3.36
N GLY A 55 12.74 7.44 4.03
CA GLY A 55 12.06 8.24 5.03
C GLY A 55 12.16 7.62 6.41
N ASP A 56 11.07 7.69 7.16
CA ASP A 56 11.01 7.05 8.46
C ASP A 56 9.75 6.20 8.56
N PHE A 57 9.91 5.00 9.07
CA PHE A 57 8.83 4.04 9.15
C PHE A 57 8.90 3.36 10.51
N ASP A 58 8.04 2.38 10.75
CA ASP A 58 8.17 1.56 11.94
C ASP A 58 8.99 0.34 11.59
N GLN A 59 9.85 -0.09 12.51
CA GLN A 59 10.77 -1.19 12.24
C GLN A 59 10.04 -2.53 12.25
N ILE A 60 9.41 -2.85 11.14
CA ILE A 60 8.72 -4.12 10.96
C ILE A 60 9.09 -4.73 9.61
N ASP A 61 9.35 -6.03 9.60
CA ASP A 61 9.71 -6.71 8.36
C ASP A 61 8.47 -7.03 7.54
N ILE A 62 8.07 -6.09 6.71
CA ILE A 62 6.94 -6.27 5.81
C ILE A 62 7.28 -7.30 4.73
N GLY A 63 8.57 -7.37 4.38
CA GLY A 63 9.02 -8.31 3.37
C GLY A 63 8.71 -9.75 3.73
N VAL A 64 8.70 -10.04 5.02
CA VAL A 64 8.40 -11.38 5.51
C VAL A 64 6.89 -11.65 5.44
N VAL A 65 6.10 -10.66 5.82
CA VAL A 65 4.65 -10.79 5.86
C VAL A 65 4.07 -10.96 4.45
N ILE A 66 4.61 -10.20 3.49
CA ILE A 66 4.09 -10.22 2.13
C ILE A 66 4.48 -11.50 1.39
N THR A 67 5.55 -12.14 1.83
CA THR A 67 6.01 -13.37 1.19
C THR A 67 5.45 -14.59 1.89
N HIS A 68 4.88 -14.39 3.07
CA HIS A 68 4.24 -15.44 3.83
C HIS A 68 3.22 -14.84 4.79
N PHE A 69 1.97 -14.81 4.38
CA PHE A 69 0.91 -14.24 5.19
C PHE A 69 0.65 -15.10 6.41
N THR A 70 0.42 -14.44 7.54
CA THR A 70 0.20 -15.12 8.80
C THR A 70 -1.28 -15.52 8.93
N ASP A 71 -1.63 -16.17 10.03
CA ASP A 71 -3.00 -16.63 10.24
C ASP A 71 -3.92 -15.46 10.56
N GLU A 72 -3.54 -14.68 11.56
CA GLU A 72 -4.36 -13.55 12.00
C GLU A 72 -4.09 -12.30 11.17
N LEU A 73 -2.86 -12.18 10.67
CA LEU A 73 -2.44 -10.98 9.97
C LEU A 73 -2.63 -11.13 8.47
N PRO A 74 -3.20 -10.10 7.80
CA PRO A 74 -3.69 -8.90 8.44
C PRO A 74 -5.19 -8.97 8.75
N SER A 75 -5.65 -8.11 9.64
CA SER A 75 -7.05 -8.12 10.04
C SER A 75 -7.89 -7.21 9.14
N PRO A 76 -9.08 -7.69 8.73
CA PRO A 76 -10.01 -6.94 7.87
C PRO A 76 -10.39 -5.59 8.46
N GLU A 77 -10.40 -5.49 9.79
CA GLU A 77 -10.75 -4.24 10.45
C GLU A 77 -9.64 -3.20 10.23
N ASP A 78 -8.39 -3.65 10.21
CA ASP A 78 -7.28 -2.77 9.90
C ASP A 78 -7.31 -2.39 8.43
N VAL A 79 -7.65 -3.38 7.59
CA VAL A 79 -7.80 -3.14 6.15
C VAL A 79 -8.82 -2.03 5.89
N GLU A 80 -9.93 -2.05 6.64
CA GLU A 80 -10.95 -1.02 6.51
C GLU A 80 -10.37 0.35 6.89
N ARG A 81 -9.56 0.37 7.95
CA ARG A 81 -8.91 1.59 8.42
C ARG A 81 -8.06 2.21 7.32
N VAL A 82 -7.12 1.43 6.79
CA VAL A 82 -6.22 1.92 5.75
C VAL A 82 -7.00 2.29 4.48
N ARG A 83 -8.06 1.54 4.21
CA ARG A 83 -8.89 1.79 3.04
C ARG A 83 -9.51 3.18 3.11
N ALA A 84 -10.11 3.51 4.25
CA ALA A 84 -10.73 4.81 4.45
C ALA A 84 -9.68 5.93 4.45
N ARG A 85 -8.56 5.66 5.10
CA ARG A 85 -7.46 6.62 5.20
C ARG A 85 -6.89 6.96 3.82
N LEU A 86 -6.57 5.93 3.05
CA LEU A 86 -5.90 6.10 1.76
C LEU A 86 -6.84 6.60 0.67
N ALA A 87 -8.14 6.39 0.87
CA ALA A 87 -9.15 6.80 -0.10
C ALA A 87 -9.20 8.32 -0.24
N ALA A 88 -8.78 9.02 0.81
CA ALA A 88 -8.82 10.48 0.84
C ALA A 88 -7.78 11.08 -0.11
N GLN A 89 -6.80 10.28 -0.51
CA GLN A 89 -5.74 10.75 -1.40
C GLN A 89 -6.02 10.41 -2.85
N GLY A 90 -7.24 9.95 -3.14
CA GLY A 90 -7.64 9.70 -4.51
C GLY A 90 -7.97 8.25 -4.77
N TRP A 91 -7.08 7.35 -4.34
CA TRP A 91 -7.25 5.90 -4.52
C TRP A 91 -7.14 5.52 -6.01
N PRO A 92 -5.89 5.28 -6.47
CA PRO A 92 -5.62 4.99 -7.88
C PRO A 92 -5.79 3.50 -8.23
N LEU A 93 -6.78 2.86 -7.63
CA LEU A 93 -7.07 1.46 -7.93
C LEU A 93 -8.41 1.35 -8.67
N ASP A 94 -9.47 1.61 -7.93
CA ASP A 94 -10.82 1.54 -8.47
C ASP A 94 -11.73 2.43 -7.65
N ASP A 95 -12.65 3.12 -8.31
CA ASP A 95 -13.53 4.06 -7.63
C ASP A 95 -14.40 3.33 -6.60
N VAL A 96 -14.76 4.02 -5.53
CA VAL A 96 -15.42 3.38 -4.41
C VAL A 96 -16.94 3.26 -4.61
N ARG A 97 -17.36 2.11 -5.09
CA ARG A 97 -18.77 1.73 -5.11
C ARG A 97 -18.91 0.45 -4.32
N ASP A 98 -19.24 0.61 -3.03
CA ASP A 98 -19.07 -0.46 -2.07
C ASP A 98 -20.33 -1.32 -1.93
N ARG A 99 -20.12 -2.62 -2.02
CA ARG A 99 -21.17 -3.60 -1.77
C ARG A 99 -20.65 -4.62 -0.77
N GLU A 100 -19.39 -4.99 -0.94
CA GLU A 100 -18.68 -5.88 -0.04
C GLU A 100 -17.20 -5.84 -0.37
N GLU A 101 -16.39 -6.53 0.43
CA GLU A 101 -14.96 -6.56 0.22
C GLU A 101 -14.40 -7.94 0.48
N HIS A 102 -13.34 -8.28 -0.25
CA HIS A 102 -12.74 -9.59 -0.17
C HIS A 102 -11.76 -9.67 0.99
N ALA A 103 -12.22 -10.23 2.10
CA ALA A 103 -11.44 -10.36 3.31
C ALA A 103 -12.13 -11.32 4.27
N GLY A 1 1.61 9.79 -21.09
CA GLY A 1 1.58 8.34 -20.78
C GLY A 1 2.25 8.02 -19.48
N SER A 2 1.64 7.14 -18.69
CA SER A 2 2.15 6.81 -17.38
C SER A 2 3.34 5.85 -17.48
N HIS A 3 4.51 6.35 -17.11
CA HIS A 3 5.71 5.53 -17.07
C HIS A 3 5.81 4.82 -15.74
N MET A 4 6.45 3.65 -15.74
CA MET A 4 6.52 2.79 -14.56
C MET A 4 7.10 3.51 -13.36
N ASN A 5 8.26 4.13 -13.53
CA ASN A 5 8.94 4.82 -12.44
C ASN A 5 8.10 5.97 -11.91
N ARG A 6 7.42 6.67 -12.81
CA ARG A 6 6.59 7.81 -12.44
C ARG A 6 5.33 7.32 -11.72
N PHE A 7 4.76 6.23 -12.19
CA PHE A 7 3.58 5.65 -11.58
C PHE A 7 3.91 5.15 -10.17
N LEU A 8 4.97 4.37 -10.06
CA LEU A 8 5.38 3.81 -8.77
C LEU A 8 5.71 4.92 -7.78
N THR A 9 6.41 5.95 -8.23
CA THR A 9 6.76 7.07 -7.38
C THR A 9 5.50 7.82 -6.92
N SER A 10 4.51 7.91 -7.80
CA SER A 10 3.25 8.53 -7.44
C SER A 10 2.54 7.71 -6.37
N ILE A 11 2.64 6.39 -6.49
CA ILE A 11 2.09 5.50 -5.46
C ILE A 11 2.81 5.71 -4.14
N VAL A 12 4.14 5.83 -4.21
CA VAL A 12 4.95 6.14 -3.04
C VAL A 12 4.47 7.42 -2.36
N ALA A 13 4.22 8.44 -3.16
CA ALA A 13 3.70 9.71 -2.67
C ALA A 13 2.34 9.52 -2.01
N TRP A 14 1.49 8.75 -2.65
CA TRP A 14 0.16 8.43 -2.12
C TRP A 14 0.27 7.70 -0.79
N LEU A 15 1.11 6.67 -0.74
CA LEU A 15 1.26 5.86 0.45
C LEU A 15 1.78 6.69 1.63
N ARG A 16 2.80 7.51 1.38
CA ARG A 16 3.36 8.33 2.45
C ARG A 16 2.37 9.43 2.84
N ALA A 17 1.60 9.91 1.88
CA ALA A 17 0.58 10.92 2.17
C ALA A 17 -0.50 10.33 3.07
N GLY A 18 -0.76 9.05 2.89
CA GLY A 18 -1.69 8.34 3.74
C GLY A 18 -1.16 8.16 5.15
N TYR A 19 0.16 8.20 5.30
CA TYR A 19 0.80 8.03 6.60
C TYR A 19 2.03 8.92 6.72
N PRO A 20 1.83 10.23 6.89
CA PRO A 20 2.94 11.19 7.03
C PRO A 20 3.61 11.05 8.39
N GLU A 21 3.09 10.15 9.19
CA GLU A 21 3.60 9.87 10.51
C GLU A 21 4.35 8.55 10.51
N GLY A 22 4.44 7.93 9.34
CA GLY A 22 5.08 6.63 9.22
C GLY A 22 4.05 5.51 9.24
N ILE A 23 4.34 4.43 8.52
CA ILE A 23 3.44 3.29 8.49
C ILE A 23 3.76 2.33 9.63
N PRO A 24 2.84 2.18 10.60
CA PRO A 24 3.01 1.25 11.73
C PRO A 24 3.01 -0.21 11.28
N PRO A 25 3.61 -1.11 12.08
CA PRO A 25 3.71 -2.53 11.74
C PRO A 25 2.36 -3.20 11.57
N THR A 26 1.42 -2.83 12.44
CA THR A 26 0.07 -3.36 12.40
C THR A 26 -0.63 -2.98 11.10
N ASP A 27 -0.59 -1.69 10.79
CA ASP A 27 -1.23 -1.15 9.60
C ASP A 27 -0.53 -1.64 8.34
N SER A 28 0.75 -1.99 8.47
CA SER A 28 1.54 -2.48 7.34
C SER A 28 0.92 -3.75 6.75
N PHE A 29 0.33 -4.58 7.60
CA PHE A 29 -0.35 -5.79 7.13
C PHE A 29 -1.58 -5.43 6.31
N ALA A 30 -2.29 -4.40 6.74
CA ALA A 30 -3.46 -3.92 6.03
C ALA A 30 -3.06 -3.29 4.71
N VAL A 31 -2.01 -2.48 4.74
CA VAL A 31 -1.46 -1.89 3.54
C VAL A 31 -1.02 -2.99 2.57
N LEU A 32 -0.44 -4.04 3.13
CA LEU A 32 -0.06 -5.21 2.36
C LEU A 32 -1.26 -5.82 1.65
N ALA A 33 -2.35 -6.02 2.40
CA ALA A 33 -3.59 -6.56 1.84
C ALA A 33 -4.11 -5.68 0.72
N LEU A 34 -3.98 -4.37 0.90
CA LEU A 34 -4.43 -3.41 -0.11
C LEU A 34 -3.53 -3.45 -1.34
N LEU A 35 -2.22 -3.32 -1.11
CA LEU A 35 -1.27 -3.24 -2.21
C LEU A 35 -1.18 -4.55 -2.99
N CYS A 36 -1.46 -5.66 -2.32
CA CYS A 36 -1.43 -6.98 -2.96
C CYS A 36 -2.47 -7.07 -4.08
N ARG A 37 -3.43 -6.16 -4.06
CA ARG A 37 -4.49 -6.15 -5.05
C ARG A 37 -4.11 -5.25 -6.24
N ARG A 38 -2.92 -4.66 -6.16
CA ARG A 38 -2.40 -3.81 -7.21
C ARG A 38 -1.05 -4.32 -7.70
N LEU A 39 -0.23 -4.79 -6.77
CA LEU A 39 1.12 -5.22 -7.07
C LEU A 39 1.44 -6.55 -6.38
N SER A 40 2.40 -7.28 -6.91
CA SER A 40 2.80 -8.55 -6.34
C SER A 40 3.87 -8.37 -5.26
N HIS A 41 4.28 -9.48 -4.64
CA HIS A 41 5.15 -9.46 -3.46
C HIS A 41 6.51 -8.79 -3.73
N ASP A 42 7.07 -8.94 -4.92
CA ASP A 42 8.37 -8.32 -5.20
C ASP A 42 8.21 -6.83 -5.42
N GLU A 43 7.10 -6.44 -6.01
CA GLU A 43 6.80 -5.03 -6.22
C GLU A 43 6.59 -4.32 -4.90
N VAL A 44 5.79 -4.92 -4.02
CA VAL A 44 5.55 -4.34 -2.70
C VAL A 44 6.82 -4.38 -1.87
N LYS A 45 7.63 -5.41 -2.08
CA LYS A 45 8.95 -5.49 -1.48
C LYS A 45 9.81 -4.30 -1.91
N ALA A 46 9.71 -3.96 -3.19
CA ALA A 46 10.44 -2.83 -3.74
C ALA A 46 9.97 -1.51 -3.14
N VAL A 47 8.65 -1.30 -3.13
CA VAL A 47 8.11 -0.04 -2.63
C VAL A 47 8.29 0.09 -1.11
N ALA A 48 8.22 -1.04 -0.40
CA ALA A 48 8.46 -1.05 1.05
C ALA A 48 9.89 -0.62 1.34
N ASN A 49 10.83 -1.22 0.62
CA ASN A 49 12.24 -0.87 0.72
C ASN A 49 12.46 0.60 0.37
N GLU A 50 11.86 1.02 -0.75
CA GLU A 50 11.94 2.41 -1.20
C GLU A 50 11.48 3.37 -0.10
N LEU A 51 10.27 3.12 0.40
CA LEU A 51 9.65 4.01 1.38
C LEU A 51 10.45 4.03 2.68
N MET A 52 10.94 2.87 3.11
CA MET A 52 11.70 2.78 4.35
C MET A 52 12.98 3.60 4.29
N ARG A 53 13.56 3.71 3.10
CA ARG A 53 14.80 4.47 2.93
C ARG A 53 14.57 5.96 3.15
N LEU A 54 13.31 6.40 3.08
CA LEU A 54 12.96 7.78 3.35
C LEU A 54 12.86 8.01 4.86
N GLY A 55 12.60 6.93 5.58
CA GLY A 55 12.50 7.01 7.03
C GLY A 55 11.07 7.14 7.51
N ASP A 56 10.13 7.24 6.58
CA ASP A 56 8.72 7.42 6.90
C ASP A 56 8.03 6.08 7.12
N PHE A 57 8.73 5.17 7.77
CA PHE A 57 8.19 3.84 8.04
C PHE A 57 8.64 3.42 9.43
N ASP A 58 7.88 2.52 10.06
CA ASP A 58 8.24 2.02 11.38
C ASP A 58 9.50 1.17 11.31
N GLN A 59 9.82 0.72 10.10
CA GLN A 59 10.98 -0.14 9.84
C GLN A 59 10.83 -1.47 10.56
N ILE A 60 10.28 -2.44 9.84
CA ILE A 60 9.96 -3.73 10.41
C ILE A 60 10.51 -4.85 9.52
N ASP A 61 10.26 -6.09 9.91
CA ASP A 61 10.69 -7.24 9.13
C ASP A 61 9.72 -7.46 7.97
N ILE A 62 10.07 -6.93 6.81
CA ILE A 62 9.21 -6.99 5.63
C ILE A 62 9.02 -8.43 5.15
N GLY A 63 10.10 -9.21 5.19
CA GLY A 63 10.02 -10.59 4.75
C GLY A 63 9.03 -11.40 5.56
N VAL A 64 8.87 -11.03 6.82
CA VAL A 64 7.94 -11.72 7.71
C VAL A 64 6.49 -11.34 7.37
N VAL A 65 6.29 -10.10 6.96
CA VAL A 65 4.94 -9.59 6.73
C VAL A 65 4.43 -9.91 5.33
N ILE A 66 5.18 -9.52 4.30
CA ILE A 66 4.67 -9.60 2.93
C ILE A 66 4.78 -11.01 2.34
N THR A 67 5.93 -11.63 2.50
CA THR A 67 6.18 -12.92 1.88
C THR A 67 5.81 -14.07 2.80
N HIS A 68 5.10 -13.76 3.87
CA HIS A 68 4.63 -14.79 4.79
C HIS A 68 3.24 -14.45 5.30
N PHE A 69 2.26 -14.57 4.41
CA PHE A 69 0.86 -14.40 4.79
C PHE A 69 0.45 -15.46 5.81
N THR A 70 -0.35 -15.07 6.78
CA THR A 70 -0.90 -16.00 7.74
C THR A 70 -2.40 -16.15 7.49
N ASP A 71 -3.00 -17.20 8.02
CA ASP A 71 -4.42 -17.45 7.80
C ASP A 71 -5.30 -16.55 8.67
N GLU A 72 -4.73 -15.99 9.73
CA GLU A 72 -5.47 -15.10 10.61
C GLU A 72 -5.46 -13.66 10.08
N LEU A 73 -4.30 -13.21 9.62
CA LEU A 73 -4.12 -11.83 9.22
C LEU A 73 -4.08 -11.71 7.70
N PRO A 74 -4.25 -10.48 7.16
CA PRO A 74 -4.46 -9.28 7.95
C PRO A 74 -5.93 -9.10 8.37
N SER A 75 -6.16 -8.16 9.28
CA SER A 75 -7.49 -7.92 9.81
C SER A 75 -8.29 -7.02 8.87
N PRO A 76 -9.45 -7.52 8.40
CA PRO A 76 -10.31 -6.79 7.46
C PRO A 76 -10.72 -5.42 7.98
N GLU A 77 -10.87 -5.32 9.30
CA GLU A 77 -11.21 -4.06 9.95
C GLU A 77 -10.12 -3.02 9.68
N ASP A 78 -8.88 -3.43 9.91
CA ASP A 78 -7.73 -2.56 9.66
C ASP A 78 -7.58 -2.26 8.18
N VAL A 79 -7.92 -3.25 7.35
CA VAL A 79 -7.87 -3.08 5.90
C VAL A 79 -8.81 -1.97 5.46
N GLU A 80 -10.05 -2.00 5.94
CA GLU A 80 -11.01 -0.97 5.59
C GLU A 80 -10.63 0.37 6.22
N ARG A 81 -10.03 0.29 7.41
CA ARG A 81 -9.55 1.48 8.10
C ARG A 81 -8.44 2.17 7.29
N VAL A 82 -7.43 1.40 6.89
CA VAL A 82 -6.34 1.94 6.11
C VAL A 82 -6.83 2.38 4.74
N ARG A 83 -7.85 1.70 4.24
CA ARG A 83 -8.52 2.08 2.99
C ARG A 83 -9.07 3.50 3.11
N ALA A 84 -9.81 3.76 4.18
CA ALA A 84 -10.39 5.09 4.39
C ALA A 84 -9.30 6.12 4.65
N ARG A 85 -8.28 5.72 5.40
CA ARG A 85 -7.17 6.61 5.75
C ARG A 85 -6.40 7.04 4.50
N LEU A 86 -6.16 6.10 3.60
CA LEU A 86 -5.45 6.38 2.35
C LEU A 86 -6.35 7.14 1.38
N ALA A 87 -7.62 6.76 1.33
CA ALA A 87 -8.57 7.37 0.41
C ALA A 87 -8.73 8.87 0.65
N ALA A 88 -8.44 9.30 1.88
CA ALA A 88 -8.53 10.72 2.24
C ALA A 88 -7.60 11.57 1.37
N GLN A 89 -6.48 10.98 0.95
CA GLN A 89 -5.52 11.69 0.11
C GLN A 89 -5.68 11.30 -1.36
N GLY A 90 -6.73 10.54 -1.64
CA GLY A 90 -6.98 10.09 -2.99
C GLY A 90 -7.04 8.59 -3.08
N TRP A 91 -7.52 8.08 -4.19
CA TRP A 91 -7.64 6.64 -4.38
C TRP A 91 -7.49 6.29 -5.86
N PRO A 92 -6.26 5.97 -6.29
CA PRO A 92 -5.97 5.63 -7.68
C PRO A 92 -6.28 4.17 -7.99
N LEU A 93 -6.86 3.47 -7.03
CA LEU A 93 -7.18 2.06 -7.22
C LEU A 93 -8.60 1.92 -7.77
N ASP A 94 -8.73 2.10 -9.07
CA ASP A 94 -10.01 1.91 -9.75
C ASP A 94 -9.89 0.75 -10.73
N ASP A 95 -8.78 0.04 -10.62
CA ASP A 95 -8.53 -1.11 -11.49
C ASP A 95 -9.41 -2.26 -11.03
N VAL A 96 -9.48 -3.31 -11.84
CA VAL A 96 -10.34 -4.42 -11.54
C VAL A 96 -9.61 -5.74 -11.82
N ARG A 97 -9.68 -6.65 -10.86
CA ARG A 97 -9.06 -7.96 -10.99
C ARG A 97 -9.95 -8.93 -11.75
N ASP A 98 -10.93 -8.36 -12.41
CA ASP A 98 -11.92 -9.13 -13.15
C ASP A 98 -11.33 -9.66 -14.45
N ARG A 99 -10.49 -10.67 -14.32
CA ARG A 99 -9.90 -11.35 -15.46
C ARG A 99 -9.78 -12.83 -15.12
N GLU A 100 -10.52 -13.23 -14.11
CA GLU A 100 -10.43 -14.57 -13.56
C GLU A 100 -11.54 -15.46 -14.11
N GLU A 101 -11.26 -16.15 -15.20
CA GLU A 101 -12.19 -17.14 -15.71
C GLU A 101 -12.03 -18.43 -14.92
N HIS A 102 -12.50 -18.39 -13.68
CA HIS A 102 -12.33 -19.48 -12.74
C HIS A 102 -13.70 -19.92 -12.22
N ALA A 103 -14.24 -20.96 -12.83
CA ALA A 103 -15.55 -21.46 -12.47
C ALA A 103 -15.44 -22.84 -11.86
N GLY A 1 -0.83 8.20 -21.71
CA GLY A 1 0.23 7.18 -21.69
C GLY A 1 0.89 7.07 -20.33
N SER A 2 0.82 5.89 -19.74
CA SER A 2 1.39 5.68 -18.41
C SER A 2 2.82 5.13 -18.52
N HIS A 3 3.61 5.37 -17.48
CA HIS A 3 4.96 4.84 -17.40
C HIS A 3 5.27 4.41 -15.98
N MET A 4 5.97 3.28 -15.85
CA MET A 4 6.23 2.65 -14.56
C MET A 4 6.88 3.60 -13.56
N ASN A 5 7.88 4.34 -14.02
CA ASN A 5 8.66 5.23 -13.14
C ASN A 5 7.76 6.21 -12.41
N ARG A 6 6.87 6.88 -13.14
CA ARG A 6 5.99 7.87 -12.54
C ARG A 6 4.89 7.18 -11.72
N PHE A 7 4.44 6.03 -12.20
CA PHE A 7 3.39 5.28 -11.51
C PHE A 7 3.86 4.85 -10.12
N LEU A 8 5.05 4.25 -10.08
CA LEU A 8 5.64 3.81 -8.81
C LEU A 8 5.83 4.99 -7.87
N THR A 9 6.34 6.09 -8.41
CA THR A 9 6.55 7.31 -7.63
C THR A 9 5.21 7.82 -7.08
N SER A 10 4.16 7.70 -7.88
CA SER A 10 2.82 8.10 -7.46
C SER A 10 2.33 7.23 -6.31
N ILE A 11 2.65 5.93 -6.39
CA ILE A 11 2.31 5.01 -5.31
C ILE A 11 3.04 5.39 -4.02
N VAL A 12 4.34 5.60 -4.13
CA VAL A 12 5.16 6.03 -2.99
C VAL A 12 4.59 7.28 -2.33
N ALA A 13 4.29 8.29 -3.15
CA ALA A 13 3.72 9.53 -2.66
C ALA A 13 2.40 9.28 -1.97
N TRP A 14 1.55 8.48 -2.60
CA TRP A 14 0.24 8.12 -2.06
C TRP A 14 0.39 7.45 -0.69
N LEU A 15 1.25 6.43 -0.63
CA LEU A 15 1.46 5.68 0.60
C LEU A 15 1.91 6.58 1.74
N ARG A 16 2.95 7.38 1.49
CA ARG A 16 3.52 8.22 2.53
C ARG A 16 2.56 9.37 2.89
N ALA A 17 1.85 9.89 1.90
CA ALA A 17 0.87 10.96 2.13
C ALA A 17 -0.28 10.44 2.97
N GLY A 18 -0.54 9.14 2.84
CA GLY A 18 -1.53 8.49 3.66
C GLY A 18 -1.21 8.62 5.15
N TYR A 19 0.07 8.61 5.47
CA TYR A 19 0.50 8.72 6.87
C TYR A 19 1.74 9.60 6.99
N PRO A 20 1.54 10.94 7.05
CA PRO A 20 2.64 11.89 7.27
C PRO A 20 3.18 11.77 8.70
N GLU A 21 2.40 11.12 9.55
CA GLU A 21 2.79 10.87 10.92
C GLU A 21 3.77 9.70 10.98
N GLY A 22 3.87 9.00 9.87
CA GLY A 22 4.56 7.73 9.84
C GLY A 22 3.56 6.60 9.84
N ILE A 23 3.94 5.44 9.35
CA ILE A 23 3.02 4.32 9.26
C ILE A 23 3.24 3.37 10.45
N PRO A 24 2.32 3.39 11.43
CA PRO A 24 2.39 2.53 12.60
C PRO A 24 2.29 1.05 12.23
N PRO A 25 2.84 0.16 13.09
CA PRO A 25 2.89 -1.30 12.86
C PRO A 25 1.52 -1.99 12.90
N THR A 26 0.48 -1.27 12.52
CA THR A 26 -0.83 -1.85 12.36
C THR A 26 -1.24 -1.75 10.91
N ASP A 27 -1.30 -0.51 10.44
CA ASP A 27 -1.76 -0.19 9.10
C ASP A 27 -0.83 -0.73 8.04
N SER A 28 0.38 -1.12 8.46
CA SER A 28 1.37 -1.63 7.53
C SER A 28 0.86 -2.89 6.83
N PHE A 29 0.18 -3.74 7.58
CA PHE A 29 -0.32 -5.00 7.04
C PHE A 29 -1.58 -4.74 6.22
N ALA A 30 -2.34 -3.73 6.63
CA ALA A 30 -3.49 -3.28 5.86
C ALA A 30 -3.05 -2.73 4.51
N VAL A 31 -2.04 -1.86 4.53
CA VAL A 31 -1.44 -1.34 3.30
C VAL A 31 -0.98 -2.49 2.42
N LEU A 32 -0.32 -3.46 3.04
CA LEU A 32 0.10 -4.69 2.38
C LEU A 32 -1.11 -5.36 1.69
N ALA A 33 -2.19 -5.51 2.43
CA ALA A 33 -3.38 -6.18 1.92
C ALA A 33 -3.98 -5.44 0.73
N LEU A 34 -3.98 -4.11 0.79
CA LEU A 34 -4.50 -3.30 -0.32
C LEU A 34 -3.57 -3.35 -1.52
N LEU A 35 -2.27 -3.14 -1.29
CA LEU A 35 -1.29 -3.10 -2.37
C LEU A 35 -1.18 -4.42 -3.10
N CYS A 36 -1.24 -5.51 -2.35
CA CYS A 36 -1.03 -6.85 -2.91
C CYS A 36 -2.11 -7.23 -3.93
N ARG A 37 -3.21 -6.48 -3.95
CA ARG A 37 -4.30 -6.77 -4.87
C ARG A 37 -4.09 -6.04 -6.19
N ARG A 38 -3.10 -5.16 -6.22
CA ARG A 38 -2.73 -4.43 -7.42
C ARG A 38 -1.33 -4.86 -7.83
N LEU A 39 -0.42 -4.72 -6.89
CA LEU A 39 0.98 -4.96 -7.11
C LEU A 39 1.40 -6.26 -6.44
N SER A 40 2.40 -6.92 -6.98
CA SER A 40 2.80 -8.22 -6.48
C SER A 40 3.79 -8.07 -5.33
N HIS A 41 4.21 -9.19 -4.75
CA HIS A 41 5.07 -9.18 -3.58
C HIS A 41 6.42 -8.52 -3.87
N ASP A 42 6.89 -8.60 -5.11
CA ASP A 42 8.14 -7.94 -5.48
C ASP A 42 7.97 -6.43 -5.51
N GLU A 43 6.83 -5.99 -6.04
CA GLU A 43 6.50 -4.57 -6.08
C GLU A 43 6.43 -3.99 -4.67
N VAL A 44 5.66 -4.65 -3.80
CA VAL A 44 5.48 -4.16 -2.43
C VAL A 44 6.79 -4.27 -1.65
N LYS A 45 7.57 -5.30 -1.94
CA LYS A 45 8.87 -5.49 -1.31
C LYS A 45 9.81 -4.34 -1.69
N ALA A 46 9.73 -3.91 -2.95
CA ALA A 46 10.56 -2.82 -3.42
C ALA A 46 10.13 -1.48 -2.83
N VAL A 47 8.83 -1.17 -2.94
CA VAL A 47 8.30 0.12 -2.50
C VAL A 47 8.43 0.30 -0.98
N ALA A 48 8.20 -0.76 -0.22
CA ALA A 48 8.32 -0.70 1.23
C ALA A 48 9.77 -0.45 1.64
N ASN A 49 10.67 -1.18 1.00
CA ASN A 49 12.10 -1.05 1.27
C ASN A 49 12.56 0.37 0.94
N GLU A 50 12.18 0.85 -0.24
CA GLU A 50 12.52 2.20 -0.68
C GLU A 50 12.06 3.25 0.33
N LEU A 51 10.79 3.15 0.71
CA LEU A 51 10.17 4.14 1.58
C LEU A 51 10.84 4.14 2.96
N MET A 52 11.12 2.96 3.50
CA MET A 52 11.80 2.85 4.80
C MET A 52 13.25 3.32 4.70
N ARG A 53 13.86 3.04 3.55
CA ARG A 53 15.27 3.35 3.33
C ARG A 53 15.49 4.85 3.14
N LEU A 54 14.74 5.46 2.23
CA LEU A 54 14.96 6.85 1.86
C LEU A 54 13.97 7.79 2.57
N GLY A 55 13.20 7.24 3.49
CA GLY A 55 12.24 8.03 4.24
C GLY A 55 12.02 7.48 5.64
N ASP A 56 10.91 7.87 6.25
CA ASP A 56 10.57 7.35 7.58
C ASP A 56 9.33 6.47 7.48
N PHE A 57 9.26 5.47 8.34
CA PHE A 57 8.15 4.51 8.33
C PHE A 57 7.96 3.94 9.73
N ASP A 58 8.70 2.87 10.02
CA ASP A 58 8.71 2.20 11.32
C ASP A 58 9.52 0.92 11.17
N GLN A 59 10.27 0.54 12.19
CA GLN A 59 11.12 -0.64 12.09
C GLN A 59 10.39 -1.89 12.58
N ILE A 60 9.80 -2.61 11.64
CA ILE A 60 9.08 -3.84 11.93
C ILE A 60 9.34 -4.88 10.85
N ASP A 61 8.86 -6.10 11.07
CA ASP A 61 9.05 -7.18 10.10
C ASP A 61 8.00 -7.10 9.00
N ILE A 62 8.33 -6.42 7.92
CA ILE A 62 7.46 -6.35 6.76
C ILE A 62 7.76 -7.47 5.79
N GLY A 63 9.04 -7.69 5.55
CA GLY A 63 9.48 -8.74 4.65
C GLY A 63 8.94 -10.10 5.05
N VAL A 64 8.86 -10.33 6.36
CA VAL A 64 8.35 -11.59 6.88
C VAL A 64 6.88 -11.80 6.50
N VAL A 65 6.07 -10.78 6.74
CA VAL A 65 4.62 -10.90 6.55
C VAL A 65 4.24 -10.92 5.07
N ILE A 66 4.95 -10.15 4.25
CA ILE A 66 4.61 -10.05 2.83
C ILE A 66 4.99 -11.32 2.06
N THR A 67 5.98 -12.04 2.55
CA THR A 67 6.40 -13.26 1.88
C THR A 67 5.92 -14.49 2.65
N HIS A 68 5.33 -14.25 3.82
CA HIS A 68 4.75 -15.31 4.62
C HIS A 68 3.56 -14.75 5.41
N PHE A 69 2.38 -14.84 4.81
CA PHE A 69 1.15 -14.39 5.44
C PHE A 69 0.69 -15.40 6.49
N THR A 70 -0.41 -15.08 7.15
CA THR A 70 -1.01 -15.99 8.11
C THR A 70 -2.53 -15.98 7.90
N ASP A 71 -3.26 -16.79 8.65
CA ASP A 71 -4.69 -16.94 8.41
C ASP A 71 -5.48 -15.84 9.11
N GLU A 72 -5.05 -15.50 10.32
CA GLU A 72 -5.77 -14.54 11.15
C GLU A 72 -5.64 -13.11 10.63
N LEU A 73 -4.42 -12.75 10.22
CA LEU A 73 -4.15 -11.39 9.76
C LEU A 73 -3.80 -11.40 8.27
N PRO A 74 -3.97 -10.27 7.57
CA PRO A 74 -4.48 -9.01 8.15
C PRO A 74 -5.99 -9.06 8.39
N SER A 75 -6.50 -8.10 9.16
CA SER A 75 -7.91 -8.10 9.54
C SER A 75 -8.73 -7.19 8.62
N PRO A 76 -9.97 -7.57 8.31
CA PRO A 76 -10.87 -6.76 7.47
C PRO A 76 -11.07 -5.35 8.01
N GLU A 77 -11.25 -5.26 9.33
CA GLU A 77 -11.39 -3.97 10.01
C GLU A 77 -10.15 -3.10 9.78
N ASP A 78 -8.99 -3.74 9.86
CA ASP A 78 -7.70 -3.08 9.65
C ASP A 78 -7.59 -2.61 8.20
N VAL A 79 -7.85 -3.53 7.28
CA VAL A 79 -7.85 -3.23 5.85
C VAL A 79 -8.78 -2.06 5.51
N GLU A 80 -9.98 -2.09 6.06
CA GLU A 80 -10.96 -1.05 5.78
C GLU A 80 -10.56 0.28 6.41
N ARG A 81 -9.85 0.21 7.54
CA ARG A 81 -9.36 1.42 8.18
C ARG A 81 -8.32 2.12 7.32
N VAL A 82 -7.31 1.37 6.88
CA VAL A 82 -6.29 1.95 6.01
C VAL A 82 -6.93 2.42 4.69
N ARG A 83 -7.95 1.68 4.25
CA ARG A 83 -8.72 2.07 3.07
C ARG A 83 -9.27 3.48 3.23
N ALA A 84 -10.02 3.69 4.31
CA ALA A 84 -10.64 4.99 4.56
C ALA A 84 -9.61 6.09 4.68
N ARG A 85 -8.54 5.82 5.42
CA ARG A 85 -7.49 6.81 5.65
C ARG A 85 -6.77 7.17 4.35
N LEU A 86 -6.32 6.15 3.62
CA LEU A 86 -5.54 6.37 2.41
C LEU A 86 -6.37 6.99 1.30
N ALA A 87 -7.64 6.59 1.20
CA ALA A 87 -8.54 7.08 0.16
C ALA A 87 -8.73 8.59 0.25
N ALA A 88 -8.52 9.15 1.44
CA ALA A 88 -8.66 10.58 1.65
C ALA A 88 -7.57 11.35 0.92
N GLN A 89 -6.43 10.72 0.73
CA GLN A 89 -5.30 11.33 0.05
C GLN A 89 -5.29 10.93 -1.43
N GLY A 90 -6.05 9.90 -1.75
CA GLY A 90 -6.13 9.41 -3.12
C GLY A 90 -6.37 7.93 -3.16
N TRP A 91 -6.75 7.39 -4.31
CA TRP A 91 -7.00 5.97 -4.42
C TRP A 91 -6.80 5.49 -5.85
N PRO A 92 -5.58 5.05 -6.19
CA PRO A 92 -5.27 4.52 -7.52
C PRO A 92 -5.65 3.06 -7.66
N LEU A 93 -6.23 2.50 -6.60
CA LEU A 93 -6.65 1.10 -6.63
C LEU A 93 -8.05 0.98 -7.22
N ASP A 94 -8.16 1.36 -8.48
CA ASP A 94 -9.42 1.28 -9.20
C ASP A 94 -9.20 0.49 -10.48
N ASP A 95 -9.87 -0.65 -10.59
CA ASP A 95 -9.61 -1.58 -11.67
C ASP A 95 -10.51 -1.32 -12.86
N VAL A 96 -9.94 -1.54 -14.03
CA VAL A 96 -10.63 -1.37 -15.29
C VAL A 96 -10.36 -2.59 -16.18
N ARG A 97 -11.42 -3.19 -16.71
CA ARG A 97 -11.28 -4.38 -17.52
C ARG A 97 -11.19 -4.03 -19.00
N ASP A 98 -10.80 -5.01 -19.81
CA ASP A 98 -10.70 -4.81 -21.25
C ASP A 98 -12.02 -5.10 -21.93
N ARG A 99 -12.25 -4.45 -23.06
CA ARG A 99 -13.42 -4.71 -23.88
C ARG A 99 -12.99 -4.90 -25.32
N GLU A 100 -12.29 -6.00 -25.57
CA GLU A 100 -11.82 -6.27 -26.90
C GLU A 100 -12.92 -6.97 -27.68
N GLU A 101 -13.87 -6.18 -28.15
CA GLU A 101 -15.04 -6.68 -28.86
C GLU A 101 -15.21 -5.93 -30.16
N HIS A 102 -15.97 -6.50 -31.08
CA HIS A 102 -16.18 -5.85 -32.37
C HIS A 102 -17.46 -6.35 -33.03
N ALA A 103 -18.23 -5.42 -33.57
CA ALA A 103 -19.43 -5.76 -34.30
C ALA A 103 -19.25 -5.44 -35.78
N GLY A 1 -0.07 4.00 -17.33
CA GLY A 1 0.27 5.43 -17.11
C GLY A 1 1.38 5.89 -18.03
N SER A 2 1.87 7.11 -17.81
CA SER A 2 2.91 7.69 -18.64
C SER A 2 4.17 6.83 -18.67
N HIS A 3 4.71 6.55 -17.49
CA HIS A 3 5.95 5.77 -17.40
C HIS A 3 5.96 5.03 -16.05
N MET A 4 6.46 3.79 -16.07
CA MET A 4 6.44 2.93 -14.88
C MET A 4 7.15 3.57 -13.69
N ASN A 5 8.30 4.19 -13.95
CA ASN A 5 9.08 4.85 -12.89
C ASN A 5 8.25 5.94 -12.23
N ARG A 6 7.57 6.72 -13.05
CA ARG A 6 6.76 7.82 -12.55
C ARG A 6 5.56 7.28 -11.77
N PHE A 7 4.99 6.19 -12.26
CA PHE A 7 3.86 5.55 -11.59
C PHE A 7 4.27 5.07 -10.21
N LEU A 8 5.42 4.39 -10.13
CA LEU A 8 5.95 3.92 -8.86
C LEU A 8 6.19 5.09 -7.91
N THR A 9 6.73 6.18 -8.46
CA THR A 9 6.95 7.39 -7.67
C THR A 9 5.63 7.93 -7.14
N SER A 10 4.58 7.85 -7.97
CA SER A 10 3.26 8.30 -7.57
C SER A 10 2.73 7.42 -6.43
N ILE A 11 3.02 6.13 -6.49
CA ILE A 11 2.65 5.20 -5.43
C ILE A 11 3.33 5.57 -4.12
N VAL A 12 4.64 5.82 -4.19
CA VAL A 12 5.41 6.27 -3.03
C VAL A 12 4.76 7.49 -2.38
N ALA A 13 4.48 8.49 -3.21
CA ALA A 13 3.84 9.72 -2.77
C ALA A 13 2.51 9.43 -2.09
N TRP A 14 1.70 8.61 -2.75
CA TRP A 14 0.39 8.21 -2.23
C TRP A 14 0.53 7.53 -0.87
N LEU A 15 1.42 6.55 -0.79
CA LEU A 15 1.59 5.77 0.42
C LEU A 15 2.00 6.63 1.60
N ARG A 16 2.98 7.49 1.41
CA ARG A 16 3.43 8.35 2.50
C ARG A 16 2.37 9.41 2.82
N ALA A 17 1.67 9.89 1.80
CA ALA A 17 0.62 10.88 1.99
C ALA A 17 -0.55 10.28 2.78
N GLY A 18 -0.72 8.97 2.65
CA GLY A 18 -1.74 8.27 3.41
C GLY A 18 -1.42 8.19 4.89
N TYR A 19 -0.14 8.22 5.23
CA TYR A 19 0.28 8.13 6.61
C TYR A 19 1.39 9.13 6.92
N PRO A 20 1.04 10.42 7.09
CA PRO A 20 2.01 11.46 7.41
C PRO A 20 2.47 11.38 8.87
N GLU A 21 1.87 10.45 9.60
CA GLU A 21 2.19 10.22 10.99
C GLU A 21 3.05 8.97 11.14
N GLY A 22 3.38 8.36 10.00
CA GLY A 22 4.13 7.13 10.01
C GLY A 22 3.24 5.92 9.77
N ILE A 23 3.82 4.82 9.34
CA ILE A 23 3.05 3.62 9.05
C ILE A 23 3.13 2.64 10.21
N PRO A 24 2.01 2.46 10.95
CA PRO A 24 1.94 1.55 12.09
C PRO A 24 2.21 0.09 11.72
N PRO A 25 2.79 -0.68 12.65
CA PRO A 25 3.13 -2.10 12.42
C PRO A 25 1.92 -2.97 12.12
N THR A 26 0.84 -2.74 12.86
CA THR A 26 -0.38 -3.51 12.67
C THR A 26 -1.01 -3.20 11.31
N ASP A 27 -1.06 -1.91 10.96
CA ASP A 27 -1.68 -1.47 9.72
C ASP A 27 -0.83 -1.86 8.52
N SER A 28 0.41 -2.27 8.77
CA SER A 28 1.28 -2.76 7.72
C SER A 28 0.67 -3.99 7.06
N PHE A 29 0.06 -4.85 7.87
CA PHE A 29 -0.62 -6.03 7.36
C PHE A 29 -1.85 -5.64 6.54
N ALA A 30 -2.50 -4.57 6.96
CA ALA A 30 -3.64 -4.02 6.24
C ALA A 30 -3.20 -3.51 4.88
N VAL A 31 -2.09 -2.77 4.87
CA VAL A 31 -1.48 -2.30 3.63
C VAL A 31 -1.15 -3.49 2.74
N LEU A 32 -0.57 -4.52 3.33
CA LEU A 32 -0.26 -5.76 2.63
C LEU A 32 -1.49 -6.33 1.92
N ALA A 33 -2.59 -6.43 2.65
CA ALA A 33 -3.82 -7.01 2.13
C ALA A 33 -4.38 -6.16 0.99
N LEU A 34 -4.32 -4.85 1.16
CA LEU A 34 -4.84 -3.92 0.17
C LEU A 34 -3.95 -3.90 -1.07
N LEU A 35 -2.66 -3.72 -0.86
CA LEU A 35 -1.71 -3.54 -1.96
C LEU A 35 -1.53 -4.82 -2.77
N CYS A 36 -1.71 -5.99 -2.14
CA CYS A 36 -1.66 -7.25 -2.87
C CYS A 36 -2.70 -7.29 -3.99
N ARG A 37 -3.76 -6.53 -3.82
CA ARG A 37 -4.87 -6.52 -4.76
C ARG A 37 -4.60 -5.55 -5.91
N ARG A 38 -3.45 -4.88 -5.86
CA ARG A 38 -3.08 -3.94 -6.91
C ARG A 38 -1.71 -4.30 -7.50
N LEU A 39 -0.79 -4.71 -6.64
CA LEU A 39 0.56 -5.05 -7.08
C LEU A 39 1.02 -6.35 -6.41
N SER A 40 2.17 -6.86 -6.81
CA SER A 40 2.69 -8.10 -6.27
C SER A 40 3.66 -7.83 -5.11
N HIS A 41 4.08 -8.92 -4.47
CA HIS A 41 4.94 -8.84 -3.28
C HIS A 41 6.27 -8.16 -3.61
N ASP A 42 6.72 -8.26 -4.85
CA ASP A 42 7.97 -7.63 -5.25
C ASP A 42 7.81 -6.12 -5.34
N GLU A 43 6.74 -5.69 -6.00
CA GLU A 43 6.45 -4.27 -6.11
C GLU A 43 6.32 -3.65 -4.72
N VAL A 44 5.53 -4.28 -3.86
CA VAL A 44 5.31 -3.72 -2.53
C VAL A 44 6.57 -3.80 -1.66
N LYS A 45 7.35 -4.88 -1.81
CA LYS A 45 8.58 -5.01 -1.04
C LYS A 45 9.61 -3.97 -1.50
N ALA A 46 9.64 -3.72 -2.81
CA ALA A 46 10.57 -2.74 -3.37
C ALA A 46 10.22 -1.33 -2.90
N VAL A 47 8.96 -0.95 -3.04
CA VAL A 47 8.52 0.39 -2.67
C VAL A 47 8.65 0.62 -1.17
N ALA A 48 8.34 -0.40 -0.37
CA ALA A 48 8.51 -0.29 1.07
C ALA A 48 9.98 -0.19 1.43
N ASN A 49 10.80 -0.94 0.71
CA ASN A 49 12.24 -0.92 0.92
C ASN A 49 12.82 0.47 0.69
N GLU A 50 12.46 1.10 -0.42
CA GLU A 50 13.02 2.40 -0.76
C GLU A 50 12.39 3.49 0.11
N LEU A 51 11.13 3.28 0.51
CA LEU A 51 10.47 4.22 1.41
C LEU A 51 11.20 4.25 2.75
N MET A 52 11.47 3.06 3.29
CA MET A 52 12.21 2.93 4.54
C MET A 52 13.61 3.53 4.40
N ARG A 53 14.23 3.31 3.25
CA ARG A 53 15.61 3.72 3.02
C ARG A 53 15.73 5.24 2.88
N LEU A 54 14.86 5.84 2.09
CA LEU A 54 14.95 7.27 1.79
C LEU A 54 14.27 8.11 2.88
N GLY A 55 13.22 7.58 3.48
CA GLY A 55 12.48 8.35 4.46
C GLY A 55 12.44 7.69 5.82
N ASP A 56 11.36 7.92 6.56
CA ASP A 56 11.18 7.32 7.87
C ASP A 56 10.09 6.26 7.80
N PHE A 57 10.10 5.35 8.77
CA PHE A 57 9.14 4.27 8.81
C PHE A 57 9.15 3.67 10.21
N ASP A 58 8.17 2.83 10.51
CA ASP A 58 8.12 2.16 11.80
C ASP A 58 9.17 1.06 11.83
N GLN A 59 9.60 0.66 13.02
CA GLN A 59 10.68 -0.30 13.16
C GLN A 59 10.14 -1.73 13.00
N ILE A 60 9.93 -2.13 11.76
CA ILE A 60 9.44 -3.46 11.44
C ILE A 60 10.07 -3.96 10.13
N ASP A 61 9.80 -5.21 9.78
CA ASP A 61 10.23 -5.75 8.50
C ASP A 61 9.02 -5.95 7.60
N ILE A 62 9.10 -5.43 6.38
CA ILE A 62 7.98 -5.53 5.46
C ILE A 62 7.98 -6.89 4.78
N GLY A 63 9.17 -7.37 4.44
CA GLY A 63 9.30 -8.64 3.76
C GLY A 63 8.61 -9.77 4.50
N VAL A 64 8.91 -9.90 5.79
CA VAL A 64 8.33 -10.95 6.62
C VAL A 64 6.80 -10.89 6.62
N VAL A 65 6.26 -9.69 6.57
CA VAL A 65 4.82 -9.49 6.60
C VAL A 65 4.17 -9.91 5.28
N ILE A 66 4.72 -9.40 4.18
CA ILE A 66 4.09 -9.54 2.88
C ILE A 66 4.33 -10.91 2.25
N THR A 67 5.43 -11.55 2.61
CA THR A 67 5.74 -12.84 2.05
C THR A 67 5.24 -13.96 2.95
N HIS A 68 5.00 -13.62 4.21
CA HIS A 68 4.54 -14.60 5.18
C HIS A 68 3.32 -14.09 5.93
N PHE A 69 2.15 -14.30 5.35
CA PHE A 69 0.89 -13.91 5.97
C PHE A 69 0.70 -14.60 7.33
N THR A 70 0.04 -13.89 8.24
CA THR A 70 -0.28 -14.42 9.55
C THR A 70 -1.76 -14.82 9.58
N ASP A 71 -2.20 -15.47 10.65
CA ASP A 71 -3.60 -15.86 10.76
C ASP A 71 -4.44 -14.72 11.30
N GLU A 72 -4.02 -14.16 12.43
CA GLU A 72 -4.76 -13.09 13.07
C GLU A 72 -4.65 -11.81 12.26
N LEU A 73 -3.46 -11.52 11.78
CA LEU A 73 -3.23 -10.31 10.99
C LEU A 73 -3.08 -10.66 9.51
N PRO A 74 -3.71 -9.88 8.62
CA PRO A 74 -4.50 -8.71 8.99
C PRO A 74 -5.99 -9.03 9.18
N SER A 75 -6.71 -8.08 9.76
CA SER A 75 -8.15 -8.20 9.89
C SER A 75 -8.83 -7.28 8.88
N PRO A 76 -10.05 -7.64 8.45
CA PRO A 76 -10.86 -6.79 7.56
C PRO A 76 -11.09 -5.41 8.17
N GLU A 77 -11.07 -5.36 9.50
CA GLU A 77 -11.17 -4.11 10.23
C GLU A 77 -9.99 -3.20 9.89
N ASP A 78 -8.80 -3.78 9.92
CA ASP A 78 -7.58 -3.05 9.60
C ASP A 78 -7.61 -2.61 8.14
N VAL A 79 -7.99 -3.53 7.27
CA VAL A 79 -8.07 -3.25 5.84
C VAL A 79 -9.05 -2.10 5.57
N GLU A 80 -10.18 -2.09 6.26
CA GLU A 80 -11.17 -1.02 6.12
C GLU A 80 -10.58 0.31 6.60
N ARG A 81 -9.85 0.25 7.71
CA ARG A 81 -9.21 1.44 8.28
C ARG A 81 -8.20 2.03 7.30
N VAL A 82 -7.29 1.19 6.83
CA VAL A 82 -6.25 1.65 5.91
C VAL A 82 -6.85 2.12 4.59
N ARG A 83 -7.94 1.47 4.18
CA ARG A 83 -8.65 1.86 2.96
C ARG A 83 -9.16 3.30 3.09
N ALA A 84 -9.87 3.56 4.18
CA ALA A 84 -10.41 4.90 4.41
C ALA A 84 -9.30 5.93 4.61
N ARG A 85 -8.20 5.50 5.21
CA ARG A 85 -7.07 6.37 5.48
C ARG A 85 -6.37 6.78 4.17
N LEU A 86 -6.19 5.82 3.27
CA LEU A 86 -5.49 6.07 2.02
C LEU A 86 -6.41 6.74 0.99
N ALA A 87 -7.68 6.36 1.00
CA ALA A 87 -8.65 6.87 0.02
C ALA A 87 -8.79 8.38 0.10
N ALA A 88 -8.54 8.94 1.27
CA ALA A 88 -8.65 10.38 1.48
C ALA A 88 -7.66 11.15 0.60
N GLN A 89 -6.54 10.51 0.28
CA GLN A 89 -5.50 11.14 -0.53
C GLN A 89 -5.53 10.62 -1.97
N GLY A 90 -6.52 9.79 -2.28
CA GLY A 90 -6.65 9.26 -3.63
C GLY A 90 -6.78 7.75 -3.64
N TRP A 91 -7.26 7.20 -4.75
CA TRP A 91 -7.42 5.76 -4.88
C TRP A 91 -7.09 5.32 -6.30
N PRO A 92 -5.87 4.81 -6.51
CA PRO A 92 -5.41 4.35 -7.81
C PRO A 92 -5.58 2.85 -8.03
N LEU A 93 -6.62 2.27 -7.42
CA LEU A 93 -6.86 0.84 -7.53
C LEU A 93 -7.88 0.52 -8.61
N ASP A 94 -8.29 1.54 -9.35
CA ASP A 94 -9.19 1.37 -10.47
C ASP A 94 -8.48 1.85 -11.72
N ASP A 95 -8.78 1.19 -12.81
CA ASP A 95 -8.08 1.41 -14.06
C ASP A 95 -8.87 2.30 -15.01
N VAL A 96 -8.30 2.56 -16.19
CA VAL A 96 -8.91 3.44 -17.16
C VAL A 96 -10.19 2.84 -17.74
N ARG A 97 -11.32 3.39 -17.32
CA ARG A 97 -12.62 3.01 -17.83
C ARG A 97 -13.25 4.19 -18.57
N ASP A 98 -13.83 3.91 -19.73
CA ASP A 98 -14.43 4.97 -20.54
C ASP A 98 -15.68 5.55 -19.89
N ARG A 99 -15.80 6.86 -19.96
CA ARG A 99 -16.94 7.58 -19.42
C ARG A 99 -17.08 8.87 -20.20
N GLU A 100 -18.11 8.96 -21.01
CA GLU A 100 -18.31 10.17 -21.77
C GLU A 100 -19.55 10.91 -21.27
N GLU A 101 -19.33 11.90 -20.43
CA GLU A 101 -20.39 12.76 -19.96
C GLU A 101 -20.18 14.17 -20.47
N HIS A 102 -20.80 14.48 -21.60
CA HIS A 102 -20.62 15.78 -22.25
C HIS A 102 -21.19 16.89 -21.38
N ALA A 103 -20.33 17.82 -21.02
CA ALA A 103 -20.72 18.93 -20.18
C ALA A 103 -20.05 20.21 -20.66
N GLY A 1 9.41 10.31 -22.46
CA GLY A 1 9.47 8.83 -22.44
C GLY A 1 8.37 8.23 -21.58
N SER A 2 8.36 6.90 -21.48
CA SER A 2 7.37 6.20 -20.70
C SER A 2 8.06 5.34 -19.64
N HIS A 3 7.67 5.52 -18.39
CA HIS A 3 8.29 4.80 -17.28
C HIS A 3 7.23 4.38 -16.26
N MET A 4 7.19 3.09 -15.97
CA MET A 4 6.26 2.55 -14.99
C MET A 4 6.72 2.88 -13.57
N ASN A 5 7.97 3.34 -13.46
CA ASN A 5 8.54 3.73 -12.19
C ASN A 5 7.82 4.94 -11.62
N ARG A 6 7.29 5.78 -12.52
CA ARG A 6 6.55 6.97 -12.12
C ARG A 6 5.36 6.58 -11.26
N PHE A 7 4.63 5.56 -11.69
CA PHE A 7 3.49 5.05 -10.95
C PHE A 7 3.91 4.58 -9.57
N LEU A 8 4.99 3.81 -9.52
CA LEU A 8 5.52 3.30 -8.25
C LEU A 8 5.91 4.45 -7.32
N THR A 9 6.57 5.45 -7.89
CA THR A 9 6.96 6.64 -7.14
C THR A 9 5.72 7.36 -6.62
N SER A 10 4.68 7.39 -7.43
CA SER A 10 3.42 8.01 -7.05
C SER A 10 2.79 7.24 -5.88
N ILE A 11 2.93 5.91 -5.91
CA ILE A 11 2.46 5.07 -4.82
C ILE A 11 3.18 5.43 -3.53
N VAL A 12 4.51 5.53 -3.60
CA VAL A 12 5.32 5.94 -2.45
C VAL A 12 4.81 7.26 -1.87
N ALA A 13 4.65 8.26 -2.73
CA ALA A 13 4.16 9.56 -2.31
C ALA A 13 2.75 9.44 -1.70
N TRP A 14 1.89 8.70 -2.39
CA TRP A 14 0.52 8.46 -1.95
C TRP A 14 0.50 7.83 -0.55
N LEU A 15 1.30 6.77 -0.38
CA LEU A 15 1.36 6.06 0.89
C LEU A 15 1.80 6.99 2.01
N ARG A 16 2.92 7.68 1.81
CA ARG A 16 3.45 8.54 2.87
C ARG A 16 2.58 9.78 3.09
N ALA A 17 1.97 10.28 2.01
CA ALA A 17 1.06 11.42 2.14
C ALA A 17 -0.19 11.02 2.91
N GLY A 18 -0.55 9.76 2.79
CA GLY A 18 -1.66 9.23 3.56
C GLY A 18 -1.35 9.15 5.04
N TYR A 19 -0.07 9.04 5.39
CA TYR A 19 0.33 8.91 6.78
C TYR A 19 1.58 9.72 7.07
N PRO A 20 1.43 11.05 7.27
CA PRO A 20 2.55 11.94 7.60
C PRO A 20 3.06 11.69 9.01
N GLU A 21 2.24 11.03 9.81
CA GLU A 21 2.59 10.68 11.19
C GLU A 21 3.54 9.48 11.19
N GLY A 22 3.60 8.81 10.05
CA GLY A 22 4.30 7.55 9.96
C GLY A 22 3.31 6.43 9.74
N ILE A 23 3.78 5.29 9.24
CA ILE A 23 2.90 4.18 8.94
C ILE A 23 3.00 3.11 10.03
N PRO A 24 2.00 3.07 10.93
CA PRO A 24 2.01 2.14 12.07
C PRO A 24 1.87 0.68 11.64
N PRO A 25 2.38 -0.25 12.48
CA PRO A 25 2.34 -1.70 12.19
C PRO A 25 0.93 -2.20 11.88
N THR A 26 -0.07 -1.57 12.47
CA THR A 26 -1.46 -1.93 12.26
C THR A 26 -1.89 -1.68 10.83
N ASP A 27 -1.43 -0.56 10.29
CA ASP A 27 -1.89 -0.09 8.99
C ASP A 27 -0.92 -0.46 7.88
N SER A 28 0.34 -0.71 8.22
CA SER A 28 1.34 -1.06 7.23
C SER A 28 1.02 -2.39 6.56
N PHE A 29 0.71 -3.40 7.37
CA PHE A 29 0.31 -4.70 6.84
C PHE A 29 -1.01 -4.57 6.10
N ALA A 30 -1.83 -3.64 6.55
CA ALA A 30 -3.07 -3.32 5.87
C ALA A 30 -2.77 -2.76 4.48
N VAL A 31 -1.77 -1.89 4.41
CA VAL A 31 -1.33 -1.33 3.14
C VAL A 31 -0.83 -2.41 2.19
N LEU A 32 -0.01 -3.32 2.71
CA LEU A 32 0.52 -4.40 1.88
C LEU A 32 -0.61 -5.28 1.35
N ALA A 33 -1.58 -5.58 2.20
CA ALA A 33 -2.74 -6.38 1.80
C ALA A 33 -3.57 -5.64 0.76
N LEU A 34 -3.69 -4.33 0.95
CA LEU A 34 -4.41 -3.48 0.01
C LEU A 34 -3.71 -3.46 -1.34
N LEU A 35 -2.41 -3.17 -1.31
CA LEU A 35 -1.63 -3.05 -2.53
C LEU A 35 -1.50 -4.40 -3.23
N CYS A 36 -1.57 -5.48 -2.47
CA CYS A 36 -1.45 -6.83 -3.04
C CYS A 36 -2.59 -7.12 -4.04
N ARG A 37 -3.62 -6.29 -4.04
CA ARG A 37 -4.73 -6.46 -4.96
C ARG A 37 -4.48 -5.68 -6.25
N ARG A 38 -3.38 -4.95 -6.30
CA ARG A 38 -3.02 -4.17 -7.48
C ARG A 38 -1.60 -4.50 -7.93
N LEU A 39 -0.73 -4.76 -6.97
CA LEU A 39 0.66 -5.12 -7.24
C LEU A 39 1.01 -6.41 -6.50
N SER A 40 2.13 -7.03 -6.85
CA SER A 40 2.50 -8.28 -6.20
C SER A 40 3.35 -8.01 -4.96
N HIS A 41 3.73 -9.08 -4.26
CA HIS A 41 4.53 -8.97 -3.05
C HIS A 41 5.92 -8.40 -3.34
N ASP A 42 6.37 -8.53 -4.59
CA ASP A 42 7.67 -7.99 -4.98
C ASP A 42 7.58 -6.47 -5.11
N GLU A 43 6.50 -6.00 -5.73
CA GLU A 43 6.27 -4.56 -5.84
C GLU A 43 6.09 -3.93 -4.48
N VAL A 44 5.32 -4.58 -3.61
CA VAL A 44 5.12 -4.05 -2.25
C VAL A 44 6.43 -4.13 -1.46
N LYS A 45 7.23 -5.17 -1.72
CA LYS A 45 8.56 -5.25 -1.13
C LYS A 45 9.39 -4.05 -1.56
N ALA A 46 9.30 -3.71 -2.84
CA ALA A 46 10.05 -2.60 -3.40
C ALA A 46 9.61 -1.26 -2.82
N VAL A 47 8.30 -1.02 -2.80
CA VAL A 47 7.78 0.24 -2.30
C VAL A 47 8.06 0.40 -0.81
N ALA A 48 7.99 -0.70 -0.06
CA ALA A 48 8.31 -0.67 1.36
C ALA A 48 9.80 -0.41 1.57
N ASN A 49 10.63 -1.09 0.78
CA ASN A 49 12.08 -0.89 0.85
C ASN A 49 12.45 0.54 0.52
N GLU A 50 11.84 1.07 -0.54
CA GLU A 50 12.09 2.44 -0.96
C GLU A 50 11.73 3.42 0.15
N LEU A 51 10.52 3.27 0.65
CA LEU A 51 9.97 4.19 1.61
C LEU A 51 10.68 4.06 2.97
N MET A 52 11.03 2.83 3.36
CA MET A 52 11.75 2.60 4.61
C MET A 52 13.18 3.10 4.52
N ARG A 53 13.75 3.05 3.31
CA ARG A 53 15.13 3.47 3.09
C ARG A 53 15.30 4.95 3.43
N LEU A 54 14.20 5.68 3.43
CA LEU A 54 14.22 7.11 3.74
C LEU A 54 14.33 7.33 5.25
N GLY A 55 14.30 6.25 6.01
CA GLY A 55 14.50 6.35 7.44
C GLY A 55 13.18 6.39 8.21
N ASP A 56 12.44 7.47 8.02
CA ASP A 56 11.20 7.67 8.75
C ASP A 56 10.06 6.83 8.20
N PHE A 57 9.72 5.77 8.91
CA PHE A 57 8.62 4.90 8.54
C PHE A 57 8.06 4.22 9.80
N ASP A 58 8.66 3.09 10.14
CA ASP A 58 8.35 2.33 11.34
C ASP A 58 9.08 1.00 11.26
N GLN A 59 9.93 0.72 12.23
CA GLN A 59 10.77 -0.46 12.18
C GLN A 59 9.98 -1.73 12.49
N ILE A 60 9.48 -2.35 11.44
CA ILE A 60 8.70 -3.57 11.55
C ILE A 60 9.05 -4.55 10.43
N ASP A 61 8.60 -5.79 10.57
CA ASP A 61 8.91 -6.82 9.59
C ASP A 61 7.81 -6.91 8.54
N ILE A 62 7.92 -6.11 7.49
CA ILE A 62 6.97 -6.14 6.40
C ILE A 62 7.43 -7.15 5.36
N GLY A 63 8.74 -7.20 5.15
CA GLY A 63 9.31 -8.09 4.14
C GLY A 63 9.00 -9.55 4.39
N VAL A 64 8.75 -9.90 5.65
CA VAL A 64 8.44 -11.27 6.02
C VAL A 64 6.98 -11.60 5.74
N VAL A 65 6.09 -10.67 6.07
CA VAL A 65 4.65 -10.90 5.94
C VAL A 65 4.23 -10.96 4.48
N ILE A 66 4.93 -10.23 3.62
CA ILE A 66 4.60 -10.19 2.20
C ILE A 66 5.15 -11.42 1.48
N THR A 67 6.18 -12.03 2.04
CA THR A 67 6.76 -13.22 1.44
C THR A 67 6.17 -14.48 2.07
N HIS A 68 5.58 -14.29 3.25
CA HIS A 68 4.87 -15.36 3.94
C HIS A 68 3.75 -14.76 4.77
N PHE A 69 2.56 -14.72 4.18
CA PHE A 69 1.40 -14.13 4.85
C PHE A 69 1.03 -14.90 6.10
N THR A 70 0.84 -14.17 7.19
CA THR A 70 0.38 -14.76 8.43
C THR A 70 -1.08 -15.19 8.33
N ASP A 71 -1.61 -15.79 9.39
CA ASP A 71 -2.95 -16.36 9.32
C ASP A 71 -4.00 -15.37 9.82
N GLU A 72 -3.77 -14.78 10.99
CA GLU A 72 -4.74 -13.87 11.58
C GLU A 72 -4.42 -12.43 11.23
N LEU A 73 -3.31 -12.23 10.54
CA LEU A 73 -2.86 -10.90 10.18
C LEU A 73 -2.54 -10.85 8.69
N PRO A 74 -2.80 -9.73 7.99
CA PRO A 74 -3.34 -8.50 8.59
C PRO A 74 -4.81 -8.63 8.99
N SER A 75 -5.30 -7.66 9.74
CA SER A 75 -6.65 -7.72 10.29
C SER A 75 -7.65 -6.96 9.41
N PRO A 76 -8.84 -7.57 9.19
CA PRO A 76 -9.89 -7.01 8.33
C PRO A 76 -10.30 -5.58 8.69
N GLU A 77 -10.42 -5.29 9.98
CA GLU A 77 -10.84 -3.97 10.41
C GLU A 77 -9.79 -2.92 10.05
N ASP A 78 -8.51 -3.31 10.16
CA ASP A 78 -7.42 -2.40 9.86
C ASP A 78 -7.27 -2.17 8.36
N VAL A 79 -7.42 -3.22 7.56
CA VAL A 79 -7.35 -3.07 6.10
C VAL A 79 -8.50 -2.21 5.59
N GLU A 80 -9.68 -2.44 6.15
CA GLU A 80 -10.84 -1.59 5.87
C GLU A 80 -10.51 -0.13 6.22
N ARG A 81 -9.94 0.06 7.40
CA ARG A 81 -9.53 1.38 7.87
C ARG A 81 -8.56 2.04 6.91
N VAL A 82 -7.45 1.36 6.61
CA VAL A 82 -6.41 1.95 5.76
C VAL A 82 -6.97 2.25 4.37
N ARG A 83 -7.91 1.41 3.91
CA ARG A 83 -8.58 1.63 2.64
C ARG A 83 -9.35 2.95 2.69
N ALA A 84 -10.09 3.15 3.78
CA ALA A 84 -10.83 4.41 3.97
C ALA A 84 -9.85 5.58 4.16
N ARG A 85 -8.81 5.35 4.94
CA ARG A 85 -7.81 6.37 5.24
C ARG A 85 -7.17 6.93 3.98
N LEU A 86 -6.63 6.03 3.15
CA LEU A 86 -5.91 6.43 1.95
C LEU A 86 -6.85 7.01 0.89
N ALA A 87 -8.11 6.59 0.94
CA ALA A 87 -9.11 7.04 -0.04
C ALA A 87 -9.32 8.56 0.02
N ALA A 88 -9.00 9.16 1.17
CA ALA A 88 -9.16 10.60 1.34
C ALA A 88 -8.10 11.35 0.55
N GLN A 89 -6.96 10.70 0.32
CA GLN A 89 -5.86 11.31 -0.44
C GLN A 89 -6.03 11.01 -1.92
N GLY A 90 -6.61 9.86 -2.22
CA GLY A 90 -6.82 9.46 -3.59
C GLY A 90 -6.76 7.97 -3.73
N TRP A 91 -7.06 7.46 -4.92
CA TRP A 91 -7.03 6.03 -5.15
C TRP A 91 -6.56 5.74 -6.58
N PRO A 92 -5.24 5.60 -6.76
CA PRO A 92 -4.65 5.34 -8.07
C PRO A 92 -4.63 3.85 -8.42
N LEU A 93 -5.32 3.06 -7.61
CA LEU A 93 -5.39 1.62 -7.83
C LEU A 93 -6.59 1.29 -8.71
N ASP A 94 -6.86 2.15 -9.68
CA ASP A 94 -7.98 1.97 -10.57
C ASP A 94 -7.49 1.59 -11.96
N ASP A 95 -8.42 1.48 -12.89
CA ASP A 95 -8.12 1.04 -14.24
C ASP A 95 -8.73 1.99 -15.25
N VAL A 96 -8.04 2.21 -16.36
CA VAL A 96 -8.57 3.06 -17.42
C VAL A 96 -9.48 2.23 -18.33
N ARG A 97 -10.72 2.66 -18.47
CA ARG A 97 -11.70 1.97 -19.28
C ARG A 97 -11.64 2.43 -20.72
N ASP A 98 -11.20 1.56 -21.61
CA ASP A 98 -11.34 1.82 -23.05
C ASP A 98 -12.67 1.26 -23.50
N ARG A 99 -13.37 2.00 -24.35
CA ARG A 99 -14.72 1.64 -24.72
C ARG A 99 -14.81 1.63 -26.22
N GLU A 100 -14.80 0.43 -26.78
CA GLU A 100 -14.72 0.29 -28.21
C GLU A 100 -16.02 0.74 -28.85
N GLU A 101 -17.11 0.50 -28.16
CA GLU A 101 -18.43 0.75 -28.68
C GLU A 101 -19.13 1.79 -27.82
N HIS A 102 -19.77 2.75 -28.47
CA HIS A 102 -20.37 3.88 -27.77
C HIS A 102 -21.78 3.55 -27.30
N ALA A 103 -21.93 3.39 -26.00
CA ALA A 103 -23.24 3.18 -25.41
C ALA A 103 -23.42 4.11 -24.21
N GLY A 1 3.08 4.57 -22.68
CA GLY A 1 3.19 3.35 -21.85
C GLY A 1 3.26 3.68 -20.37
N SER A 2 3.09 2.67 -19.53
CA SER A 2 3.15 2.87 -18.09
C SER A 2 4.60 2.79 -17.62
N HIS A 3 5.25 3.94 -17.56
CA HIS A 3 6.65 3.99 -17.15
C HIS A 3 6.77 3.74 -15.65
N MET A 4 7.58 2.75 -15.30
CA MET A 4 7.70 2.26 -13.93
C MET A 4 7.99 3.37 -12.93
N ASN A 5 8.97 4.20 -13.24
CA ASN A 5 9.42 5.25 -12.31
C ASN A 5 8.28 6.13 -11.85
N ARG A 6 7.48 6.61 -12.79
CA ARG A 6 6.44 7.58 -12.48
C ARG A 6 5.31 6.92 -11.70
N PHE A 7 4.98 5.69 -12.09
CA PHE A 7 3.91 4.96 -11.42
C PHE A 7 4.29 4.62 -9.98
N LEU A 8 5.49 4.05 -9.81
CA LEU A 8 5.96 3.65 -8.50
C LEU A 8 6.11 4.85 -7.57
N THR A 9 6.70 5.93 -8.09
CA THR A 9 6.88 7.14 -7.30
C THR A 9 5.52 7.77 -6.93
N SER A 10 4.55 7.66 -7.83
CA SER A 10 3.20 8.12 -7.55
C SER A 10 2.61 7.33 -6.38
N ILE A 11 2.79 6.02 -6.42
CA ILE A 11 2.35 5.15 -5.33
C ILE A 11 3.05 5.54 -4.02
N VAL A 12 4.36 5.73 -4.09
CA VAL A 12 5.14 6.16 -2.93
C VAL A 12 4.57 7.45 -2.32
N ALA A 13 4.28 8.43 -3.17
CA ALA A 13 3.71 9.69 -2.72
C ALA A 13 2.35 9.47 -2.07
N TRP A 14 1.54 8.62 -2.68
CA TRP A 14 0.23 8.26 -2.15
C TRP A 14 0.36 7.58 -0.78
N LEU A 15 1.24 6.60 -0.70
CA LEU A 15 1.45 5.84 0.53
C LEU A 15 1.90 6.74 1.67
N ARG A 16 2.88 7.59 1.39
CA ARG A 16 3.41 8.48 2.42
C ARG A 16 2.37 9.52 2.82
N ALA A 17 1.58 9.99 1.83
CA ALA A 17 0.51 10.94 2.11
C ALA A 17 -0.55 10.28 2.99
N GLY A 18 -0.70 8.98 2.83
CA GLY A 18 -1.59 8.22 3.69
C GLY A 18 -1.14 8.20 5.13
N TYR A 19 0.18 8.22 5.36
CA TYR A 19 0.72 8.16 6.71
C TYR A 19 2.01 8.99 6.81
N PRO A 20 1.86 10.33 6.94
CA PRO A 20 3.00 11.24 6.99
C PRO A 20 3.80 11.12 8.28
N GLU A 21 3.17 10.53 9.30
CA GLU A 21 3.82 10.37 10.59
C GLU A 21 4.46 8.99 10.70
N GLY A 22 4.43 8.23 9.61
CA GLY A 22 5.03 6.92 9.57
C GLY A 22 4.00 5.82 9.69
N ILE A 23 4.10 4.81 8.83
CA ILE A 23 3.18 3.69 8.85
C ILE A 23 3.46 2.78 10.04
N PRO A 24 2.50 2.66 10.97
CA PRO A 24 2.65 1.82 12.15
C PRO A 24 2.67 0.33 11.83
N PRO A 25 3.26 -0.48 12.73
CA PRO A 25 3.43 -1.93 12.54
C PRO A 25 2.15 -2.66 12.11
N THR A 26 1.02 -2.24 12.64
CA THR A 26 -0.26 -2.89 12.35
C THR A 26 -0.66 -2.69 10.90
N ASP A 27 -0.63 -1.44 10.47
CA ASP A 27 -1.18 -1.04 9.18
C ASP A 27 -0.39 -1.60 8.01
N SER A 28 0.81 -2.09 8.27
CA SER A 28 1.63 -2.67 7.22
C SER A 28 0.92 -3.85 6.56
N PHE A 29 0.27 -4.67 7.38
CA PHE A 29 -0.48 -5.82 6.91
C PHE A 29 -1.63 -5.35 6.02
N ALA A 30 -2.32 -4.31 6.45
CA ALA A 30 -3.44 -3.77 5.71
C ALA A 30 -2.98 -3.13 4.41
N VAL A 31 -1.87 -2.40 4.48
CA VAL A 31 -1.28 -1.77 3.29
C VAL A 31 -0.96 -2.81 2.23
N LEU A 32 -0.29 -3.89 2.64
CA LEU A 32 0.08 -4.94 1.72
C LEU A 32 -1.16 -5.63 1.16
N ALA A 33 -2.16 -5.82 2.01
CA ALA A 33 -3.42 -6.42 1.58
C ALA A 33 -4.08 -5.57 0.51
N LEU A 34 -3.97 -4.26 0.66
CA LEU A 34 -4.50 -3.33 -0.33
C LEU A 34 -3.66 -3.35 -1.60
N LEU A 35 -2.35 -3.21 -1.45
CA LEU A 35 -1.43 -3.10 -2.58
C LEU A 35 -1.36 -4.41 -3.37
N CYS A 36 -1.59 -5.53 -2.70
CA CYS A 36 -1.53 -6.85 -3.34
C CYS A 36 -2.58 -6.98 -4.45
N ARG A 37 -3.55 -6.06 -4.46
CA ARG A 37 -4.61 -6.07 -5.45
C ARG A 37 -4.19 -5.27 -6.68
N ARG A 38 -2.98 -4.72 -6.64
CA ARG A 38 -2.42 -3.97 -7.75
C ARG A 38 -1.04 -4.52 -8.13
N LEU A 39 -0.25 -4.85 -7.11
CA LEU A 39 1.09 -5.38 -7.32
C LEU A 39 1.32 -6.60 -6.43
N SER A 40 2.35 -7.38 -6.74
CA SER A 40 2.62 -8.57 -5.96
C SER A 40 3.64 -8.29 -4.85
N HIS A 41 3.94 -9.34 -4.06
CA HIS A 41 4.80 -9.20 -2.88
C HIS A 41 6.19 -8.66 -3.21
N ASP A 42 6.67 -8.88 -4.42
CA ASP A 42 8.00 -8.40 -4.80
C ASP A 42 7.98 -6.88 -4.93
N GLU A 43 7.00 -6.40 -5.68
CA GLU A 43 6.85 -4.98 -5.92
C GLU A 43 6.56 -4.23 -4.62
N VAL A 44 5.68 -4.79 -3.79
CA VAL A 44 5.36 -4.14 -2.53
C VAL A 44 6.54 -4.21 -1.56
N LYS A 45 7.31 -5.30 -1.62
CA LYS A 45 8.53 -5.43 -0.84
C LYS A 45 9.50 -4.31 -1.21
N ALA A 46 9.62 -4.07 -2.51
CA ALA A 46 10.52 -3.04 -3.02
C ALA A 46 10.03 -1.63 -2.66
N VAL A 47 8.76 -1.35 -2.95
CA VAL A 47 8.21 0.00 -2.73
C VAL A 47 8.23 0.37 -1.25
N ALA A 48 7.96 -0.60 -0.38
CA ALA A 48 8.01 -0.36 1.05
C ALA A 48 9.44 -0.12 1.50
N ASN A 49 10.37 -0.87 0.93
CA ASN A 49 11.78 -0.75 1.26
C ASN A 49 12.31 0.64 0.90
N GLU A 50 12.01 1.10 -0.31
CA GLU A 50 12.47 2.41 -0.74
C GLU A 50 11.69 3.51 -0.03
N LEU A 51 10.44 3.23 0.33
CA LEU A 51 9.61 4.16 1.08
C LEU A 51 10.24 4.44 2.44
N MET A 52 10.76 3.40 3.07
CA MET A 52 11.46 3.53 4.35
C MET A 52 12.69 4.42 4.20
N ARG A 53 13.37 4.28 3.08
CA ARG A 53 14.59 5.04 2.81
C ARG A 53 14.28 6.51 2.51
N LEU A 54 13.34 6.75 1.60
CA LEU A 54 13.04 8.10 1.13
C LEU A 54 12.32 8.93 2.20
N GLY A 55 11.52 8.29 3.02
CA GLY A 55 10.77 9.02 4.03
C GLY A 55 10.96 8.44 5.42
N ASP A 56 9.97 8.62 6.27
CA ASP A 56 10.01 8.05 7.60
C ASP A 56 8.98 6.93 7.72
N PHE A 57 9.49 5.71 7.68
CA PHE A 57 8.67 4.53 7.82
C PHE A 57 9.21 3.71 8.98
N ASP A 58 8.35 3.36 9.92
CA ASP A 58 8.77 2.62 11.10
C ASP A 58 9.48 1.33 10.69
N GLN A 59 10.56 1.01 11.37
CA GLN A 59 11.39 -0.13 10.99
C GLN A 59 10.72 -1.43 11.44
N ILE A 60 9.77 -1.88 10.63
CA ILE A 60 9.00 -3.07 10.93
C ILE A 60 9.25 -4.13 9.87
N ASP A 61 8.79 -5.34 10.16
CA ASP A 61 8.96 -6.45 9.24
C ASP A 61 7.90 -6.42 8.14
N ILE A 62 8.33 -6.04 6.94
CA ILE A 62 7.47 -6.08 5.78
C ILE A 62 7.71 -7.36 4.99
N GLY A 63 8.99 -7.69 4.86
CA GLY A 63 9.41 -8.79 4.03
C GLY A 63 8.76 -10.11 4.41
N VAL A 64 8.83 -10.48 5.67
CA VAL A 64 8.30 -11.76 6.11
C VAL A 64 6.77 -11.76 6.09
N VAL A 65 6.17 -10.64 6.42
CA VAL A 65 4.71 -10.53 6.46
C VAL A 65 4.09 -10.76 5.07
N ILE A 66 4.63 -10.09 4.06
CA ILE A 66 4.05 -10.13 2.72
C ILE A 66 4.33 -11.46 2.01
N THR A 67 5.36 -12.15 2.44
CA THR A 67 5.71 -13.42 1.83
C THR A 67 5.20 -14.59 2.67
N HIS A 68 4.90 -14.30 3.94
CA HIS A 68 4.37 -15.29 4.87
C HIS A 68 3.21 -14.68 5.65
N PHE A 69 2.02 -14.81 5.09
CA PHE A 69 0.81 -14.24 5.68
C PHE A 69 0.48 -14.91 7.02
N THR A 70 -0.05 -14.12 7.94
CA THR A 70 -0.50 -14.63 9.22
C THR A 70 -1.96 -15.11 9.11
N ASP A 71 -2.51 -15.57 10.22
CA ASP A 71 -3.87 -16.09 10.24
C ASP A 71 -4.88 -14.96 10.33
N GLU A 72 -4.81 -14.22 11.43
CA GLU A 72 -5.81 -13.20 11.72
C GLU A 72 -5.49 -11.90 11.02
N LEU A 73 -4.21 -11.65 10.79
CA LEU A 73 -3.78 -10.44 10.11
C LEU A 73 -3.47 -10.75 8.64
N PRO A 74 -3.81 -9.83 7.73
CA PRO A 74 -4.45 -8.55 8.06
C PRO A 74 -5.94 -8.69 8.35
N SER A 75 -6.37 -8.17 9.49
CA SER A 75 -7.77 -8.24 9.89
C SER A 75 -8.60 -7.20 9.15
N PRO A 76 -9.89 -7.50 8.89
CA PRO A 76 -10.81 -6.57 8.20
C PRO A 76 -10.80 -5.17 8.81
N GLU A 77 -10.74 -5.11 10.13
CA GLU A 77 -10.72 -3.83 10.86
C GLU A 77 -9.51 -2.99 10.42
N ASP A 78 -8.37 -3.66 10.31
CA ASP A 78 -7.12 -2.99 9.95
C ASP A 78 -7.17 -2.53 8.50
N VAL A 79 -7.63 -3.43 7.64
CA VAL A 79 -7.78 -3.14 6.21
C VAL A 79 -8.73 -1.96 6.01
N GLU A 80 -9.83 -1.96 6.74
CA GLU A 80 -10.79 -0.87 6.66
C GLU A 80 -10.16 0.45 7.07
N ARG A 81 -9.35 0.41 8.13
CA ARG A 81 -8.67 1.60 8.61
C ARG A 81 -7.80 2.19 7.52
N VAL A 82 -6.90 1.37 6.97
CA VAL A 82 -5.98 1.84 5.94
C VAL A 82 -6.74 2.23 4.66
N ARG A 83 -7.83 1.51 4.38
CA ARG A 83 -8.61 1.74 3.16
C ARG A 83 -9.26 3.12 3.21
N ALA A 84 -9.78 3.48 4.37
CA ALA A 84 -10.40 4.79 4.54
C ALA A 84 -9.34 5.88 4.64
N ARG A 85 -8.27 5.59 5.37
CA ARG A 85 -7.19 6.54 5.58
C ARG A 85 -6.54 6.95 4.25
N LEU A 86 -6.25 5.96 3.41
CA LEU A 86 -5.56 6.21 2.15
C LEU A 86 -6.49 6.82 1.11
N ALA A 87 -7.78 6.52 1.22
CA ALA A 87 -8.78 7.02 0.27
C ALA A 87 -8.87 8.55 0.31
N ALA A 88 -8.50 9.11 1.44
CA ALA A 88 -8.55 10.56 1.63
C ALA A 88 -7.52 11.28 0.75
N GLN A 89 -6.58 10.53 0.20
CA GLN A 89 -5.56 11.10 -0.67
C GLN A 89 -5.72 10.59 -2.10
N GLY A 90 -6.86 9.97 -2.37
CA GLY A 90 -7.12 9.46 -3.70
C GLY A 90 -7.09 7.94 -3.74
N TRP A 91 -7.72 7.36 -4.76
CA TRP A 91 -7.77 5.92 -4.88
C TRP A 91 -7.33 5.48 -6.28
N PRO A 92 -6.04 5.13 -6.42
CA PRO A 92 -5.48 4.69 -7.70
C PRO A 92 -5.55 3.18 -7.91
N LEU A 93 -6.41 2.51 -7.15
CA LEU A 93 -6.54 1.06 -7.27
C LEU A 93 -7.41 0.68 -8.46
N ASP A 94 -8.50 1.39 -8.65
CA ASP A 94 -9.42 1.10 -9.72
C ASP A 94 -9.86 2.39 -10.39
N ASP A 95 -10.25 2.29 -11.63
CA ASP A 95 -10.62 3.46 -12.43
C ASP A 95 -12.13 3.71 -12.34
N VAL A 96 -12.49 4.93 -11.93
CA VAL A 96 -13.88 5.34 -11.93
C VAL A 96 -14.11 6.28 -13.12
N ARG A 97 -14.74 5.77 -14.15
CA ARG A 97 -14.89 6.50 -15.39
C ARG A 97 -16.35 6.78 -15.74
N ASP A 98 -17.26 6.26 -14.92
CA ASP A 98 -18.68 6.40 -15.23
C ASP A 98 -19.49 6.71 -13.98
N ARG A 99 -20.51 7.53 -14.14
CA ARG A 99 -21.44 7.86 -13.08
C ARG A 99 -22.80 8.20 -13.68
N GLU A 100 -23.79 7.40 -13.35
CA GLU A 100 -25.11 7.55 -13.96
C GLU A 100 -25.85 8.76 -13.42
N GLU A 101 -25.70 8.99 -12.14
CA GLU A 101 -26.52 9.96 -11.45
C GLU A 101 -25.78 11.28 -11.27
N HIS A 102 -26.50 12.37 -11.52
CA HIS A 102 -25.90 13.69 -11.58
C HIS A 102 -25.90 14.33 -10.21
N ALA A 103 -27.07 14.29 -9.56
CA ALA A 103 -27.25 14.90 -8.26
C ALA A 103 -27.83 13.88 -7.30
#